data_4Z4B
# 
_entry.id   4Z4B 
# 
_audit_conform.dict_name       mmcif_pdbx.dic 
_audit_conform.dict_version    5.387 
_audit_conform.dict_location   http://mmcif.pdb.org/dictionaries/ascii/mmcif_pdbx.dic 
# 
loop_
_database_2.database_id 
_database_2.database_code 
_database_2.pdbx_database_accession 
_database_2.pdbx_DOI 
PDB   4Z4B         pdb_00004z4b 10.2210/pdb4z4b/pdb 
WWPDB D_1000208613 ?            ?                   
# 
loop_
_pdbx_audit_revision_history.ordinal 
_pdbx_audit_revision_history.data_content_type 
_pdbx_audit_revision_history.major_revision 
_pdbx_audit_revision_history.minor_revision 
_pdbx_audit_revision_history.revision_date 
1 'Structure model' 1 0 2016-05-04 
2 'Structure model' 1 1 2024-03-06 
# 
_pdbx_audit_revision_details.ordinal             1 
_pdbx_audit_revision_details.revision_ordinal    1 
_pdbx_audit_revision_details.data_content_type   'Structure model' 
_pdbx_audit_revision_details.provider            repository 
_pdbx_audit_revision_details.type                'Initial release' 
_pdbx_audit_revision_details.description         ? 
_pdbx_audit_revision_details.details             ? 
# 
loop_
_pdbx_audit_revision_group.ordinal 
_pdbx_audit_revision_group.revision_ordinal 
_pdbx_audit_revision_group.data_content_type 
_pdbx_audit_revision_group.group 
1 2 'Structure model' 'Data collection'      
2 2 'Structure model' 'Database references'  
3 2 'Structure model' 'Derived calculations' 
# 
loop_
_pdbx_audit_revision_category.ordinal 
_pdbx_audit_revision_category.revision_ordinal 
_pdbx_audit_revision_category.data_content_type 
_pdbx_audit_revision_category.category 
1 2 'Structure model' chem_comp_atom         
2 2 'Structure model' chem_comp_bond         
3 2 'Structure model' database_2             
4 2 'Structure model' diffrn_source          
5 2 'Structure model' pdbx_prerelease_seq    
6 2 'Structure model' pdbx_struct_conn_angle 
7 2 'Structure model' pdbx_struct_oper_list  
8 2 'Structure model' struct_conn            
# 
loop_
_pdbx_audit_revision_item.ordinal 
_pdbx_audit_revision_item.revision_ordinal 
_pdbx_audit_revision_item.data_content_type 
_pdbx_audit_revision_item.item 
1  2 'Structure model' '_database_2.pdbx_DOI'                        
2  2 'Structure model' '_database_2.pdbx_database_accession'         
3  2 'Structure model' '_diffrn_source.pdbx_synchrotron_site'        
4  2 'Structure model' '_pdbx_struct_conn_angle.ptnr1_auth_asym_id'  
5  2 'Structure model' '_pdbx_struct_conn_angle.ptnr1_auth_seq_id'   
6  2 'Structure model' '_pdbx_struct_conn_angle.ptnr1_label_asym_id' 
7  2 'Structure model' '_pdbx_struct_conn_angle.ptnr1_symmetry'      
8  2 'Structure model' '_pdbx_struct_conn_angle.ptnr3_auth_asym_id'  
9  2 'Structure model' '_pdbx_struct_conn_angle.ptnr3_auth_seq_id'   
10 2 'Structure model' '_pdbx_struct_conn_angle.ptnr3_label_asym_id' 
11 2 'Structure model' '_pdbx_struct_conn_angle.ptnr3_symmetry'      
12 2 'Structure model' '_pdbx_struct_conn_angle.value'               
13 2 'Structure model' '_pdbx_struct_oper_list.symmetry_operation'   
14 2 'Structure model' '_struct_conn.pdbx_dist_value'                
15 2 'Structure model' '_struct_conn.ptnr2_auth_asym_id'             
16 2 'Structure model' '_struct_conn.ptnr2_auth_seq_id'              
17 2 'Structure model' '_struct_conn.ptnr2_label_asym_id'            
18 2 'Structure model' '_struct_conn.ptnr2_symmetry'                 
# 
_pdbx_database_status.status_code                     REL 
_pdbx_database_status.status_code_sf                  REL 
_pdbx_database_status.status_code_mr                  ? 
_pdbx_database_status.entry_id                        4Z4B 
_pdbx_database_status.recvd_initial_deposition_date   2015-04-01 
_pdbx_database_status.SG_entry                        N 
_pdbx_database_status.deposit_site                    RCSB 
_pdbx_database_status.process_site                    RCSB 
_pdbx_database_status.status_code_cs                  ? 
_pdbx_database_status.methods_development_category    ? 
_pdbx_database_status.pdb_format_compatible           Y 
_pdbx_database_status.status_code_nmr_data            ? 
# 
loop_
_audit_author.name 
_audit_author.pdbx_ordinal 
'Wee, J.-Y.'     1 
'Dobson, R.C.J.' 2 
'White, J.M.'    3 
# 
_citation.abstract                  ? 
_citation.abstract_id_CAS           ? 
_citation.book_id_ISBN              ? 
_citation.book_publisher            ? 
_citation.book_publisher_city       ? 
_citation.book_title                ? 
_citation.coordinate_linkage        ? 
_citation.country                   ? 
_citation.database_id_Medline       ? 
_citation.details                   ? 
_citation.id                        primary 
_citation.journal_abbrev            'To Be Published' 
_citation.journal_id_ASTM           ? 
_citation.journal_id_CSD            0353 
_citation.journal_id_ISSN           ? 
_citation.journal_full              ? 
_citation.journal_issue             ? 
_citation.journal_volume            ? 
_citation.language                  ? 
_citation.page_first                ? 
_citation.page_last                 ? 
_citation.title                     '2-Pyridyl Hoechst - a New Generation DNA-Binding Radioprotector' 
_citation.year                      ? 
_citation.database_id_CSD           ? 
_citation.pdbx_database_id_DOI      ? 
_citation.pdbx_database_id_PubMed   ? 
_citation.unpublished_flag          ? 
# 
loop_
_citation_author.citation_id 
_citation_author.name 
_citation_author.ordinal 
_citation_author.identifier_ORCID 
primary 'Wee, J.-Y.'     1 ? 
primary 'Dobson, R.C.J.' 2 ? 
primary 'White, J.M.'    3 ? 
# 
loop_
_entity.id 
_entity.type 
_entity.src_method 
_entity.pdbx_description 
_entity.formula_weight 
_entity.pdbx_number_of_molecules 
_entity.pdbx_ec 
_entity.pdbx_mutation 
_entity.pdbx_fragment 
_entity.details 
1 polymer     syn 
;DNA (5'-D(*CP*GP*CP*AP*AP*AP*TP*TP*TP*GP*CP*G)-3')
;
3662.404 2  ? ? ? ? 
2 non-polymer syn "5-(4-methylpiperazin-1-yl)-2'-(pyridin-2-yl)-1H,1'H-2,5'-bibenzimidazole" 409.486  1  ? ? ? ? 
3 non-polymer syn 'MAGNESIUM ION'                                                            24.305   1  ? ? ? ? 
4 water       nat water                                                                      18.015   67 ? ? ? ? 
# 
_entity_poly.entity_id                      1 
_entity_poly.type                           polydeoxyribonucleotide 
_entity_poly.nstd_linkage                   no 
_entity_poly.nstd_monomer                   no 
_entity_poly.pdbx_seq_one_letter_code       '(DC)(DG)(DC)(DA)(DA)(DA)(DT)(DT)(DT)(DG)(DC)(DG)' 
_entity_poly.pdbx_seq_one_letter_code_can   CGCAAATTTGCG 
_entity_poly.pdbx_strand_id                 A,B 
_entity_poly.pdbx_target_identifier         ? 
# 
loop_
_pdbx_entity_nonpoly.entity_id 
_pdbx_entity_nonpoly.name 
_pdbx_entity_nonpoly.comp_id 
2 "5-(4-methylpiperazin-1-yl)-2'-(pyridin-2-yl)-1H,1'H-2,5'-bibenzimidazole" 4L1 
3 'MAGNESIUM ION'                                                            MG  
4 water                                                                      HOH 
# 
loop_
_entity_poly_seq.entity_id 
_entity_poly_seq.num 
_entity_poly_seq.mon_id 
_entity_poly_seq.hetero 
1 1  DC n 
1 2  DG n 
1 3  DC n 
1 4  DA n 
1 5  DA n 
1 6  DA n 
1 7  DT n 
1 8  DT n 
1 9  DT n 
1 10 DG n 
1 11 DC n 
1 12 DG n 
# 
_pdbx_entity_src_syn.entity_id              1 
_pdbx_entity_src_syn.pdbx_src_id            1 
_pdbx_entity_src_syn.pdbx_alt_source_flag   sample 
_pdbx_entity_src_syn.pdbx_beg_seq_num       1 
_pdbx_entity_src_syn.pdbx_end_seq_num       12 
_pdbx_entity_src_syn.organism_scientific    'synthetic construct' 
_pdbx_entity_src_syn.organism_common_name   ? 
_pdbx_entity_src_syn.ncbi_taxonomy_id       32630 
_pdbx_entity_src_syn.details                ? 
# 
loop_
_chem_comp.id 
_chem_comp.type 
_chem_comp.mon_nstd_flag 
_chem_comp.name 
_chem_comp.pdbx_synonyms 
_chem_comp.formula 
_chem_comp.formula_weight 
4L1 non-polymer   . "5-(4-methylpiperazin-1-yl)-2'-(pyridin-2-yl)-1H,1'H-2,5'-bibenzimidazole" ? 'C24 H23 N7'      409.486 
DA  'DNA linking' y "2'-DEOXYADENOSINE-5'-MONOPHOSPHATE"                                       ? 'C10 H14 N5 O6 P' 331.222 
DC  'DNA linking' y "2'-DEOXYCYTIDINE-5'-MONOPHOSPHATE"                                        ? 'C9 H14 N3 O7 P'  307.197 
DG  'DNA linking' y "2'-DEOXYGUANOSINE-5'-MONOPHOSPHATE"                                       ? 'C10 H14 N5 O7 P' 347.221 
DT  'DNA linking' y "THYMIDINE-5'-MONOPHOSPHATE"                                               ? 'C10 H15 N2 O8 P' 322.208 
HOH non-polymer   . WATER                                                                      ? 'H2 O'            18.015  
MG  non-polymer   . 'MAGNESIUM ION'                                                            ? 'Mg 2'            24.305  
# 
loop_
_pdbx_poly_seq_scheme.asym_id 
_pdbx_poly_seq_scheme.entity_id 
_pdbx_poly_seq_scheme.seq_id 
_pdbx_poly_seq_scheme.mon_id 
_pdbx_poly_seq_scheme.ndb_seq_num 
_pdbx_poly_seq_scheme.pdb_seq_num 
_pdbx_poly_seq_scheme.auth_seq_num 
_pdbx_poly_seq_scheme.pdb_mon_id 
_pdbx_poly_seq_scheme.auth_mon_id 
_pdbx_poly_seq_scheme.pdb_strand_id 
_pdbx_poly_seq_scheme.pdb_ins_code 
_pdbx_poly_seq_scheme.hetero 
A 1 1  DC 1  1  1  DC DC A . n 
A 1 2  DG 2  2  2  DG DG A . n 
A 1 3  DC 3  3  3  DC DC A . n 
A 1 4  DA 4  4  4  DA DA A . n 
A 1 5  DA 5  5  5  DA DA A . n 
A 1 6  DA 6  6  6  DA DA A . n 
A 1 7  DT 7  7  7  DT DT A . n 
A 1 8  DT 8  8  8  DT DT A . n 
A 1 9  DT 9  9  9  DT DT A . n 
A 1 10 DG 10 10 10 DG DG A . n 
A 1 11 DC 11 11 11 DC DC A . n 
A 1 12 DG 12 12 12 DG DG A . n 
B 1 1  DC 1  13 13 DC DC B . n 
B 1 2  DG 2  14 14 DG DG B . n 
B 1 3  DC 3  15 15 DC DC B . n 
B 1 4  DA 4  16 16 DA DA B . n 
B 1 5  DA 5  17 17 DA DA B . n 
B 1 6  DA 6  18 18 DA DA B . n 
B 1 7  DT 7  19 19 DT DT B . n 
B 1 8  DT 8  20 20 DT DT B . n 
B 1 9  DT 9  21 21 DT DT B . n 
B 1 10 DG 10 22 22 DG DG B . n 
B 1 11 DC 11 23 23 DC DC B . n 
B 1 12 DG 12 24 24 DG DG B . n 
# 
loop_
_pdbx_nonpoly_scheme.asym_id 
_pdbx_nonpoly_scheme.entity_id 
_pdbx_nonpoly_scheme.mon_id 
_pdbx_nonpoly_scheme.ndb_seq_num 
_pdbx_nonpoly_scheme.pdb_seq_num 
_pdbx_nonpoly_scheme.auth_seq_num 
_pdbx_nonpoly_scheme.pdb_mon_id 
_pdbx_nonpoly_scheme.auth_mon_id 
_pdbx_nonpoly_scheme.pdb_strand_id 
_pdbx_nonpoly_scheme.pdb_ins_code 
C 2 4L1 1  101 1  4L1 4L1 A . 
D 3 MG  1  102 1  MG  MG  A . 
E 4 HOH 1  201 65 HOH HOH A . 
E 4 HOH 2  202 57 HOH HOH A . 
E 4 HOH 3  203 39 HOH HOH A . 
E 4 HOH 4  204 8  HOH HOH A . 
E 4 HOH 5  205 17 HOH HOH A . 
E 4 HOH 6  206 67 HOH HOH A . 
E 4 HOH 7  207 16 HOH HOH A . 
E 4 HOH 8  208 18 HOH HOH A . 
E 4 HOH 9  209 38 HOH HOH A . 
E 4 HOH 10 210 50 HOH HOH A . 
E 4 HOH 11 211 7  HOH HOH A . 
E 4 HOH 12 212 1  HOH HOH A . 
E 4 HOH 13 213 29 HOH HOH A . 
E 4 HOH 14 214 26 HOH HOH A . 
E 4 HOH 15 215 48 HOH HOH A . 
E 4 HOH 16 216 37 HOH HOH A . 
E 4 HOH 17 217 11 HOH HOH A . 
E 4 HOH 18 218 27 HOH HOH A . 
E 4 HOH 19 219 5  HOH HOH A . 
E 4 HOH 20 220 12 HOH HOH A . 
E 4 HOH 21 221 13 HOH HOH A . 
E 4 HOH 22 222 62 HOH HOH A . 
E 4 HOH 23 223 59 HOH HOH A . 
E 4 HOH 24 224 28 HOH HOH A . 
E 4 HOH 25 225 30 HOH HOH A . 
E 4 HOH 26 226 46 HOH HOH A . 
E 4 HOH 27 227 15 HOH HOH A . 
E 4 HOH 28 228 2  HOH HOH A . 
E 4 HOH 29 229 3  HOH HOH A . 
E 4 HOH 30 230 21 HOH HOH A . 
E 4 HOH 31 231 32 HOH HOH A . 
E 4 HOH 32 232 25 HOH HOH A . 
E 4 HOH 33 233 10 HOH HOH A . 
E 4 HOH 34 234 63 HOH HOH A . 
E 4 HOH 35 235 53 HOH HOH A . 
F 4 HOH 1  101 66 HOH HOH B . 
F 4 HOH 2  102 45 HOH HOH B . 
F 4 HOH 3  103 24 HOH HOH B . 
F 4 HOH 4  104 49 HOH HOH B . 
F 4 HOH 5  105 55 HOH HOH B . 
F 4 HOH 6  106 4  HOH HOH B . 
F 4 HOH 7  107 36 HOH HOH B . 
F 4 HOH 8  108 35 HOH HOH B . 
F 4 HOH 9  109 9  HOH HOH B . 
F 4 HOH 10 110 31 HOH HOH B . 
F 4 HOH 11 111 34 HOH HOH B . 
F 4 HOH 12 112 23 HOH HOH B . 
F 4 HOH 13 113 61 HOH HOH B . 
F 4 HOH 14 114 14 HOH HOH B . 
F 4 HOH 15 115 44 HOH HOH B . 
F 4 HOH 16 116 60 HOH HOH B . 
F 4 HOH 17 117 58 HOH HOH B . 
F 4 HOH 18 118 19 HOH HOH B . 
F 4 HOH 19 119 6  HOH HOH B . 
F 4 HOH 20 120 51 HOH HOH B . 
F 4 HOH 21 121 22 HOH HOH B . 
F 4 HOH 22 122 20 HOH HOH B . 
F 4 HOH 23 123 33 HOH HOH B . 
F 4 HOH 24 124 52 HOH HOH B . 
F 4 HOH 25 125 68 HOH HOH B . 
F 4 HOH 26 126 54 HOH HOH B . 
F 4 HOH 27 127 41 HOH HOH B . 
F 4 HOH 28 128 64 HOH HOH B . 
F 4 HOH 29 129 56 HOH HOH B . 
F 4 HOH 30 130 43 HOH HOH B . 
F 4 HOH 31 131 42 HOH HOH B . 
F 4 HOH 32 132 47 HOH HOH B . 
# 
loop_
_software.citation_id 
_software.classification 
_software.compiler_name 
_software.compiler_version 
_software.contact_author 
_software.contact_author_email 
_software.date 
_software.description 
_software.dependencies 
_software.hardware 
_software.language 
_software.location 
_software.mods 
_software.name 
_software.os 
_software.os_version 
_software.type 
_software.version 
_software.pdbx_ordinal 
? refinement       ? ? ? ? ? ? ? ? ? ? ? PHENIX  ? ? ? 1.9_1692 1 
? 'data reduction' ? ? ? ? ? ? ? ? ? ? ? XDS     ? ? ? .        2 
? 'data scaling'   ? ? ? ? ? ? ? ? ? ? ? Aimless ? ? ? .        3 
? phasing          ? ? ? ? ? ? ? ? ? ? ? PHASER  ? ? ? .        4 
# 
_cell.entry_id           4Z4B 
_cell.length_a           24.858 
_cell.length_b           40.797 
_cell.length_c           64.538 
_cell.angle_alpha        90.00 
_cell.angle_beta         90.00 
_cell.angle_gamma        90.00 
_cell.Z_PDB              8 
_cell.pdbx_unique_axis   ? 
# 
_symmetry.entry_id                         4Z4B 
_symmetry.space_group_name_H-M             'P 21 21 21' 
_symmetry.pdbx_full_space_group_name_H-M   ? 
_symmetry.cell_setting                     ? 
_symmetry.Int_Tables_number                19 
# 
_exptl.absorpt_coefficient_mu     ? 
_exptl.absorpt_correction_T_max   ? 
_exptl.absorpt_correction_T_min   ? 
_exptl.absorpt_correction_type    ? 
_exptl.absorpt_process_details    ? 
_exptl.entry_id                   4Z4B 
_exptl.crystals_number            ? 
_exptl.details                    ? 
_exptl.method                     'X-RAY DIFFRACTION' 
_exptl.method_details             ? 
# 
_exptl_crystal.colour                      ? 
_exptl_crystal.density_diffrn              ? 
_exptl_crystal.density_Matthews            2.15 
_exptl_crystal.density_method              ? 
_exptl_crystal.density_percent_sol         42.77 
_exptl_crystal.description                 ? 
_exptl_crystal.F_000                       ? 
_exptl_crystal.id                          1 
_exptl_crystal.preparation                 ? 
_exptl_crystal.size_max                    ? 
_exptl_crystal.size_mid                    ? 
_exptl_crystal.size_min                    ? 
_exptl_crystal.size_rad                    ? 
_exptl_crystal.colour_lustre               ? 
_exptl_crystal.colour_modifier             ? 
_exptl_crystal.colour_primary              ? 
_exptl_crystal.density_meas                ? 
_exptl_crystal.density_meas_esd            ? 
_exptl_crystal.density_meas_gt             ? 
_exptl_crystal.density_meas_lt             ? 
_exptl_crystal.density_meas_temp           ? 
_exptl_crystal.density_meas_temp_esd       ? 
_exptl_crystal.density_meas_temp_gt        ? 
_exptl_crystal.density_meas_temp_lt        ? 
_exptl_crystal.pdbx_crystal_image_url      ? 
_exptl_crystal.pdbx_crystal_image_format   ? 
_exptl_crystal.pdbx_mosaicity              ? 
_exptl_crystal.pdbx_mosaicity_esd          ? 
# 
_exptl_crystal_grow.apparatus       ? 
_exptl_crystal_grow.atmosphere      ? 
_exptl_crystal_grow.crystal_id      1 
_exptl_crystal_grow.details         ? 
_exptl_crystal_grow.method          'VAPOR DIFFUSION, HANGING DROP' 
_exptl_crystal_grow.method_ref      ? 
_exptl_crystal_grow.pH              ? 
_exptl_crystal_grow.pressure        ? 
_exptl_crystal_grow.pressure_esd    ? 
_exptl_crystal_grow.seeding         ? 
_exptl_crystal_grow.seeding_ref     ? 
_exptl_crystal_grow.temp            293 
_exptl_crystal_grow.temp_details    ? 
_exptl_crystal_grow.temp_esd        ? 
_exptl_crystal_grow.time            ? 
_exptl_crystal_grow.pdbx_details    
;The hanging drops contained the following constituents (final drop concentrations): DNA 0.63 mM, Ligand 1 0.63 mM, MgCl2 2.1 mM, spermine 1.05 mM, MPD 4.2%.  MgCl2 and spermine were made in 30 mM sodium cacodylate buffer at pH 7.0
;
_exptl_crystal_grow.pdbx_pH_range   ? 
# 
_diffrn.ambient_environment    ? 
_diffrn.ambient_temp           110 
_diffrn.ambient_temp_details   ? 
_diffrn.ambient_temp_esd       ? 
_diffrn.crystal_id             1 
_diffrn.crystal_support        ? 
_diffrn.crystal_treatment      ? 
_diffrn.details                ? 
_diffrn.id                     1 
_diffrn.ambient_pressure       ? 
_diffrn.ambient_pressure_esd   ? 
_diffrn.ambient_pressure_gt    ? 
_diffrn.ambient_pressure_lt    ? 
_diffrn.ambient_temp_gt        ? 
_diffrn.ambient_temp_lt        ? 
# 
_diffrn_detector.details                      ? 
_diffrn_detector.detector                     CCD 
_diffrn_detector.diffrn_id                    1 
_diffrn_detector.type                         'ADSC QUANTUM 315r' 
_diffrn_detector.area_resol_mean              ? 
_diffrn_detector.dtime                        ? 
_diffrn_detector.pdbx_frames_total            ? 
_diffrn_detector.pdbx_collection_time_total   ? 
_diffrn_detector.pdbx_collection_date         2013-11-22 
# 
_diffrn_radiation.collimation                      ? 
_diffrn_radiation.diffrn_id                        1 
_diffrn_radiation.filter_edge                      ? 
_diffrn_radiation.inhomogeneity                    ? 
_diffrn_radiation.monochromator                    ? 
_diffrn_radiation.polarisn_norm                    ? 
_diffrn_radiation.polarisn_ratio                   ? 
_diffrn_radiation.probe                            ? 
_diffrn_radiation.type                             ? 
_diffrn_radiation.xray_symbol                      ? 
_diffrn_radiation.wavelength_id                    1 
_diffrn_radiation.pdbx_monochromatic_or_laue_m_l   M 
_diffrn_radiation.pdbx_wavelength_list             ? 
_diffrn_radiation.pdbx_wavelength                  ? 
_diffrn_radiation.pdbx_diffrn_protocol             'SINGLE WAVELENGTH' 
_diffrn_radiation.pdbx_analyzer                    ? 
_diffrn_radiation.pdbx_scattering_type             x-ray 
# 
_diffrn_radiation_wavelength.id           1 
_diffrn_radiation_wavelength.wavelength   0.9567 
_diffrn_radiation_wavelength.wt           1.0 
# 
_diffrn_source.current                     ? 
_diffrn_source.details                     ? 
_diffrn_source.diffrn_id                   1 
_diffrn_source.power                       ? 
_diffrn_source.size                        ? 
_diffrn_source.source                      SYNCHROTRON 
_diffrn_source.target                      ? 
_diffrn_source.type                        'AUSTRALIAN SYNCHROTRON BEAMLINE MX2' 
_diffrn_source.voltage                     ? 
_diffrn_source.take-off_angle              ? 
_diffrn_source.pdbx_wavelength_list        0.9567 
_diffrn_source.pdbx_wavelength             ? 
_diffrn_source.pdbx_synchrotron_beamline   MX2 
_diffrn_source.pdbx_synchrotron_site       'Australian Synchrotron' 
# 
_reflns.B_iso_Wilson_estimate            ? 
_reflns.entry_id                         4Z4B 
_reflns.data_reduction_details           ? 
_reflns.data_reduction_method            ? 
_reflns.d_resolution_high                1.965 
_reflns.d_resolution_low                 40.8 
_reflns.details                          ? 
_reflns.limit_h_max                      ? 
_reflns.limit_h_min                      ? 
_reflns.limit_k_max                      ? 
_reflns.limit_k_min                      ? 
_reflns.limit_l_max                      ? 
_reflns.limit_l_min                      ? 
_reflns.number_all                       ? 
_reflns.number_obs                       8900 
_reflns.observed_criterion               ? 
_reflns.observed_criterion_F_max         ? 
_reflns.observed_criterion_F_min         ? 
_reflns.observed_criterion_I_max         ? 
_reflns.observed_criterion_I_min         ? 
_reflns.observed_criterion_sigma_F       ? 
_reflns.observed_criterion_sigma_I       ? 
_reflns.percent_possible_obs             98.7 
_reflns.R_free_details                   ? 
_reflns.Rmerge_F_all                     ? 
_reflns.Rmerge_F_obs                     ? 
_reflns.Friedel_coverage                 ? 
_reflns.number_gt                        ? 
_reflns.threshold_expression             ? 
_reflns.pdbx_redundancy                  6.5 
_reflns.pdbx_Rmerge_I_obs                0.043 
_reflns.pdbx_Rmerge_I_all                ? 
_reflns.pdbx_Rsym_value                  ? 
_reflns.pdbx_netI_over_av_sigmaI         ? 
_reflns.pdbx_netI_over_sigmaI            20.8 
_reflns.pdbx_res_netI_over_av_sigmaI_2   ? 
_reflns.pdbx_res_netI_over_sigmaI_2      ? 
_reflns.pdbx_chi_squared                 ? 
_reflns.pdbx_scaling_rejects             ? 
_reflns.pdbx_d_res_high_opt              ? 
_reflns.pdbx_d_res_low_opt               ? 
_reflns.pdbx_d_res_opt_method            ? 
_reflns.phase_calculation_details        ? 
_reflns.pdbx_Rrim_I_all                  ? 
_reflns.pdbx_Rpim_I_all                  ? 
_reflns.pdbx_d_opt                       ? 
_reflns.pdbx_number_measured_all         ? 
_reflns.pdbx_diffrn_id                   1 
_reflns.pdbx_ordinal                     1 
_reflns.pdbx_CC_half                     ? 
_reflns.pdbx_R_split                     ? 
# 
_reflns_shell.Rmerge_F_all                ? 
_reflns_shell.Rmerge_F_gt                 ? 
_reflns_shell.Rmerge_F_obs                ? 
_reflns_shell.Rmerge_I_all                ? 
_reflns_shell.Rmerge_I_gt                 ? 
_reflns_shell.Rmerge_I_obs                0.313 
_reflns_shell.d_res_high                  1.965 
_reflns_shell.d_res_low                   2.01 
_reflns_shell.meanI_over_sigI_all         ? 
_reflns_shell.meanI_over_sigI_gt          ? 
_reflns_shell.meanI_over_sigI_obs         4.1 
_reflns_shell.meanI_over_uI_all           ? 
_reflns_shell.meanI_over_uI_gt            ? 
_reflns_shell.number_measured_all         ? 
_reflns_shell.number_measured_gt          ? 
_reflns_shell.number_measured_obs         ? 
_reflns_shell.number_possible             ? 
_reflns_shell.number_unique_all           ? 
_reflns_shell.number_unique_gt            ? 
_reflns_shell.number_unique_obs           ? 
_reflns_shell.pdbx_CC_half                ? 
_reflns_shell.pdbx_R_split                ? 
_reflns_shell.pdbx_Rpim_I_all             ? 
_reflns_shell.pdbx_Rrim_I_all             ? 
_reflns_shell.pdbx_Rsym_value             ? 
_reflns_shell.pdbx_chi_squared            ? 
_reflns_shell.pdbx_diffrn_id              1 
_reflns_shell.pdbx_netI_over_sigmaI_all   ? 
_reflns_shell.pdbx_netI_over_sigmaI_obs   ? 
_reflns_shell.pdbx_ordinal                1 
_reflns_shell.pdbx_redundancy             4.6 
_reflns_shell.pdbx_rejects                ? 
_reflns_shell.percent_possible_all        90.2 
_reflns_shell.percent_possible_gt         ? 
_reflns_shell.percent_possible_obs        ? 
# 
_refine.aniso_B[1][1]                            ? 
_refine.aniso_B[1][2]                            ? 
_refine.aniso_B[1][3]                            ? 
_refine.aniso_B[2][2]                            ? 
_refine.aniso_B[2][3]                            ? 
_refine.aniso_B[3][3]                            ? 
_refine.B_iso_max                                ? 
_refine.B_iso_mean                               ? 
_refine.B_iso_min                                ? 
_refine.correlation_coeff_Fo_to_Fc               ? 
_refine.correlation_coeff_Fo_to_Fc_free          ? 
_refine.details                                  ? 
_refine.diff_density_max                         ? 
_refine.diff_density_max_esd                     ? 
_refine.diff_density_min                         ? 
_refine.diff_density_min_esd                     ? 
_refine.diff_density_rms                         ? 
_refine.diff_density_rms_esd                     ? 
_refine.entry_id                                 4Z4B 
_refine.pdbx_refine_id                           'X-RAY DIFFRACTION' 
_refine.ls_abs_structure_details                 ? 
_refine.ls_abs_structure_Flack                   ? 
_refine.ls_abs_structure_Flack_esd               ? 
_refine.ls_abs_structure_Rogers                  ? 
_refine.ls_abs_structure_Rogers_esd              ? 
_refine.ls_d_res_high                            1.9652 
_refine.ls_d_res_low                             34.485 
_refine.ls_extinction_coef                       ? 
_refine.ls_extinction_coef_esd                   ? 
_refine.ls_extinction_expression                 ? 
_refine.ls_extinction_method                     ? 
_refine.ls_goodness_of_fit_all                   ? 
_refine.ls_goodness_of_fit_all_esd               ? 
_refine.ls_goodness_of_fit_obs                   ? 
_refine.ls_goodness_of_fit_obs_esd               ? 
_refine.ls_hydrogen_treatment                    ? 
_refine.ls_matrix_type                           ? 
_refine.ls_number_constraints                    ? 
_refine.ls_number_parameters                     ? 
_refine.ls_number_reflns_all                     ? 
_refine.ls_number_reflns_obs                     8900 
_refine.ls_number_reflns_R_free                  877 
_refine.ls_number_reflns_R_work                  ? 
_refine.ls_number_restraints                     ? 
_refine.ls_percent_reflns_obs                    98.30 
_refine.ls_percent_reflns_R_free                 9.85 
_refine.ls_R_factor_all                          ? 
_refine.ls_R_factor_obs                          0.1727 
_refine.ls_R_factor_R_free                       0.2107 
_refine.ls_R_factor_R_free_error                 ? 
_refine.ls_R_factor_R_free_error_details         ? 
_refine.ls_R_factor_R_work                       0.1684 
_refine.ls_R_Fsqd_factor_obs                     ? 
_refine.ls_R_I_factor_obs                        ? 
_refine.ls_redundancy_reflns_all                 ? 
_refine.ls_redundancy_reflns_obs                 ? 
_refine.ls_restrained_S_all                      ? 
_refine.ls_restrained_S_obs                      ? 
_refine.ls_shift_over_esd_max                    ? 
_refine.ls_shift_over_esd_mean                   ? 
_refine.ls_structure_factor_coef                 ? 
_refine.ls_weighting_details                     ? 
_refine.ls_weighting_scheme                      ? 
_refine.ls_wR_factor_all                         ? 
_refine.ls_wR_factor_obs                         ? 
_refine.ls_wR_factor_R_free                      ? 
_refine.ls_wR_factor_R_work                      ? 
_refine.occupancy_max                            ? 
_refine.occupancy_min                            ? 
_refine.solvent_model_details                    'FLAT BULK SOLVENT MODEL' 
_refine.solvent_model_param_bsol                 ? 
_refine.solvent_model_param_ksol                 ? 
_refine.ls_R_factor_gt                           ? 
_refine.ls_goodness_of_fit_gt                    ? 
_refine.ls_goodness_of_fit_ref                   ? 
_refine.ls_shift_over_su_max                     ? 
_refine.ls_shift_over_su_max_lt                  ? 
_refine.ls_shift_over_su_mean                    ? 
_refine.ls_shift_over_su_mean_lt                 ? 
_refine.pdbx_ls_sigma_I                          ? 
_refine.pdbx_ls_sigma_F                          1.31 
_refine.pdbx_ls_sigma_Fsqd                       ? 
_refine.pdbx_data_cutoff_high_absF               ? 
_refine.pdbx_data_cutoff_high_rms_absF           ? 
_refine.pdbx_data_cutoff_low_absF                ? 
_refine.pdbx_isotropic_thermal_model             ? 
_refine.pdbx_ls_cross_valid_method               'FREE R-VALUE' 
_refine.pdbx_method_to_determine_struct          'MOLECULAR REPLACEMENT' 
_refine.pdbx_starting_model                      'Unpublished model' 
_refine.pdbx_stereochemistry_target_values       ML 
_refine.pdbx_R_Free_selection_details            ? 
_refine.pdbx_stereochem_target_val_spec_case     ? 
_refine.pdbx_overall_ESU_R                       ? 
_refine.pdbx_overall_ESU_R_Free                  ? 
_refine.pdbx_solvent_vdw_probe_radii             1.11 
_refine.pdbx_solvent_ion_probe_radii             ? 
_refine.pdbx_solvent_shrinkage_radii             0.90 
_refine.pdbx_real_space_R                        ? 
_refine.pdbx_density_correlation                 ? 
_refine.pdbx_pd_number_of_powder_patterns        ? 
_refine.pdbx_pd_number_of_points                 ? 
_refine.pdbx_pd_meas_number_of_points            ? 
_refine.pdbx_pd_proc_ls_prof_R_factor            ? 
_refine.pdbx_pd_proc_ls_prof_wR_factor           ? 
_refine.pdbx_pd_Marquardt_correlation_coeff      ? 
_refine.pdbx_pd_Fsqrd_R_factor                   ? 
_refine.pdbx_pd_ls_matrix_band_width             ? 
_refine.pdbx_overall_phase_error                 24.80 
_refine.pdbx_overall_SU_R_free_Cruickshank_DPI   ? 
_refine.pdbx_overall_SU_R_free_Blow_DPI          ? 
_refine.pdbx_overall_SU_R_Blow_DPI               ? 
_refine.pdbx_TLS_residual_ADP_flag               ? 
_refine.pdbx_diffrn_id                           1 
_refine.overall_SU_B                             ? 
_refine.overall_SU_ML                            0.27 
_refine.overall_SU_R_Cruickshank_DPI             ? 
_refine.overall_SU_R_free                        ? 
_refine.overall_FOM_free_R_set                   ? 
_refine.overall_FOM_work_R_set                   ? 
_refine.pdbx_average_fsc_overall                 ? 
_refine.pdbx_average_fsc_work                    ? 
_refine.pdbx_average_fsc_free                    ? 
# 
_refine_hist.pdbx_refine_id                   'X-RAY DIFFRACTION' 
_refine_hist.cycle_id                         LAST 
_refine_hist.pdbx_number_atoms_protein        0 
_refine_hist.pdbx_number_atoms_nucleic_acid   486 
_refine_hist.pdbx_number_atoms_ligand         32 
_refine_hist.number_atoms_solvent             67 
_refine_hist.number_atoms_total               585 
_refine_hist.d_res_high                       1.9652 
_refine_hist.d_res_low                        34.485 
# 
loop_
_refine_ls_restr.pdbx_refine_id 
_refine_ls_restr.criterion 
_refine_ls_restr.dev_ideal 
_refine_ls_restr.dev_ideal_target 
_refine_ls_restr.number 
_refine_ls_restr.rejects 
_refine_ls_restr.type 
_refine_ls_restr.weight 
_refine_ls_restr.pdbx_restraint_function 
'X-RAY DIFFRACTION' ? 0.010  ? 622 ? f_bond_d           ? ? 
'X-RAY DIFFRACTION' ? 1.829  ? 955 ? f_angle_d          ? ? 
'X-RAY DIFFRACTION' ? 35.596 ? 276 ? f_dihedral_angle_d ? ? 
'X-RAY DIFFRACTION' ? 0.056  ? 94  ? f_chiral_restr     ? ? 
'X-RAY DIFFRACTION' ? 0.009  ? 30  ? f_plane_restr      ? ? 
# 
loop_
_refine_ls_shell.pdbx_refine_id 
_refine_ls_shell.d_res_high 
_refine_ls_shell.d_res_low 
_refine_ls_shell.number_reflns_all 
_refine_ls_shell.number_reflns_obs 
_refine_ls_shell.number_reflns_R_free 
_refine_ls_shell.number_reflns_R_work 
_refine_ls_shell.percent_reflns_obs 
_refine_ls_shell.percent_reflns_R_free 
_refine_ls_shell.R_factor_all 
_refine_ls_shell.R_factor_obs 
_refine_ls_shell.R_factor_R_free 
_refine_ls_shell.R_factor_R_free_error 
_refine_ls_shell.R_factor_R_work 
_refine_ls_shell.redundancy_reflns_all 
_refine_ls_shell.redundancy_reflns_obs 
_refine_ls_shell.wR_factor_all 
_refine_ls_shell.wR_factor_obs 
_refine_ls_shell.wR_factor_R_free 
_refine_ls_shell.wR_factor_R_work 
_refine_ls_shell.pdbx_total_number_of_bins_used 
_refine_ls_shell.pdbx_phase_error 
_refine_ls_shell.pdbx_fsc_work 
_refine_ls_shell.pdbx_fsc_free 
'X-RAY DIFFRACTION' 1.9652 2.0883  . . 160 1280 93.00  . . . 0.3290 . 0.2267 . . . . . . . . . . 
'X-RAY DIFFRACTION' 2.0883 2.2495  . . 136 1355 100.00 . . . 0.3417 . 0.2142 . . . . . . . . . . 
'X-RAY DIFFRACTION' 2.2495 2.4758  . . 146 1361 100.00 . . . 0.3024 . 0.2145 . . . . . . . . . . 
'X-RAY DIFFRACTION' 2.4758 2.8339  . . 133 1371 100.00 . . . 0.2480 . 0.1989 . . . . . . . . . . 
'X-RAY DIFFRACTION' 2.8339 3.5699  . . 150 1347 99.00  . . . 0.1853 . 0.1573 . . . . . . . . . . 
'X-RAY DIFFRACTION' 3.5699 34.4900 . . 152 1309 97.00  . . . 0.1692 . 0.1416 . . . . . . . . . . 
# 
_struct.entry_id                     4Z4B 
_struct.title                        '2-Pyridyl Hoechst - a New Generation DNA-Binding Radioprotector' 
_struct.pdbx_model_details           ? 
_struct.pdbx_formula_weight          ? 
_struct.pdbx_formula_weight_method   ? 
_struct.pdbx_model_type_details      ? 
_struct.pdbx_CASP_flag               ? 
# 
_struct_keywords.entry_id        4Z4B 
_struct_keywords.text            'DNA, Hoechst' 
_struct_keywords.pdbx_keywords   DNA 
# 
loop_
_struct_asym.id 
_struct_asym.pdbx_blank_PDB_chainid_flag 
_struct_asym.pdbx_modified 
_struct_asym.entity_id 
_struct_asym.details 
A N N 1 ? 
B N N 1 ? 
C N N 2 ? 
D N N 3 ? 
E N N 4 ? 
F N N 4 ? 
# 
_struct_ref.id                         1 
_struct_ref.db_name                    PDB 
_struct_ref.db_code                    4Z4B 
_struct_ref.pdbx_db_accession          4Z4B 
_struct_ref.pdbx_db_isoform            ? 
_struct_ref.entity_id                  1 
_struct_ref.pdbx_seq_one_letter_code   ? 
_struct_ref.pdbx_align_begin           1 
# 
loop_
_struct_ref_seq.align_id 
_struct_ref_seq.ref_id 
_struct_ref_seq.pdbx_PDB_id_code 
_struct_ref_seq.pdbx_strand_id 
_struct_ref_seq.seq_align_beg 
_struct_ref_seq.pdbx_seq_align_beg_ins_code 
_struct_ref_seq.seq_align_end 
_struct_ref_seq.pdbx_seq_align_end_ins_code 
_struct_ref_seq.pdbx_db_accession 
_struct_ref_seq.db_align_beg 
_struct_ref_seq.pdbx_db_align_beg_ins_code 
_struct_ref_seq.db_align_end 
_struct_ref_seq.pdbx_db_align_end_ins_code 
_struct_ref_seq.pdbx_auth_seq_align_beg 
_struct_ref_seq.pdbx_auth_seq_align_end 
1 1 4Z4B A 1 ? 12 ? 4Z4B 1  ? 12 ? 1  12 
2 1 4Z4B B 1 ? 12 ? 4Z4B 13 ? 24 ? 13 24 
# 
_pdbx_struct_assembly.id                   1 
_pdbx_struct_assembly.details              author_defined_assembly 
_pdbx_struct_assembly.method_details       ? 
_pdbx_struct_assembly.oligomeric_details   dimeric 
_pdbx_struct_assembly.oligomeric_count     2 
# 
_pdbx_struct_assembly_gen.assembly_id       1 
_pdbx_struct_assembly_gen.oper_expression   1 
_pdbx_struct_assembly_gen.asym_id_list      A,B,C,D,E,F 
# 
_pdbx_struct_oper_list.id                   1 
_pdbx_struct_oper_list.type                 'identity operation' 
_pdbx_struct_oper_list.name                 1_555 
_pdbx_struct_oper_list.symmetry_operation   x,y,z 
_pdbx_struct_oper_list.matrix[1][1]         1.0000000000 
_pdbx_struct_oper_list.matrix[1][2]         0.0000000000 
_pdbx_struct_oper_list.matrix[1][3]         0.0000000000 
_pdbx_struct_oper_list.vector[1]            0.0000000000 
_pdbx_struct_oper_list.matrix[2][1]         0.0000000000 
_pdbx_struct_oper_list.matrix[2][2]         1.0000000000 
_pdbx_struct_oper_list.matrix[2][3]         0.0000000000 
_pdbx_struct_oper_list.vector[2]            0.0000000000 
_pdbx_struct_oper_list.matrix[3][1]         0.0000000000 
_pdbx_struct_oper_list.matrix[3][2]         0.0000000000 
_pdbx_struct_oper_list.matrix[3][3]         1.0000000000 
_pdbx_struct_oper_list.vector[3]            0.0000000000 
# 
loop_
_struct_conn.id 
_struct_conn.conn_type_id 
_struct_conn.pdbx_leaving_atom_flag 
_struct_conn.pdbx_PDB_id 
_struct_conn.ptnr1_label_asym_id 
_struct_conn.ptnr1_label_comp_id 
_struct_conn.ptnr1_label_seq_id 
_struct_conn.ptnr1_label_atom_id 
_struct_conn.pdbx_ptnr1_label_alt_id 
_struct_conn.pdbx_ptnr1_PDB_ins_code 
_struct_conn.pdbx_ptnr1_standard_comp_id 
_struct_conn.ptnr1_symmetry 
_struct_conn.ptnr2_label_asym_id 
_struct_conn.ptnr2_label_comp_id 
_struct_conn.ptnr2_label_seq_id 
_struct_conn.ptnr2_label_atom_id 
_struct_conn.pdbx_ptnr2_label_alt_id 
_struct_conn.pdbx_ptnr2_PDB_ins_code 
_struct_conn.ptnr1_auth_asym_id 
_struct_conn.ptnr1_auth_comp_id 
_struct_conn.ptnr1_auth_seq_id 
_struct_conn.ptnr2_auth_asym_id 
_struct_conn.ptnr2_auth_comp_id 
_struct_conn.ptnr2_auth_seq_id 
_struct_conn.ptnr2_symmetry 
_struct_conn.pdbx_ptnr3_label_atom_id 
_struct_conn.pdbx_ptnr3_label_seq_id 
_struct_conn.pdbx_ptnr3_label_comp_id 
_struct_conn.pdbx_ptnr3_label_asym_id 
_struct_conn.pdbx_ptnr3_label_alt_id 
_struct_conn.pdbx_ptnr3_PDB_ins_code 
_struct_conn.details 
_struct_conn.pdbx_dist_value 
_struct_conn.pdbx_value_order 
_struct_conn.pdbx_role 
metalc1  metalc ? ? D MG .  MG ? ? ? 1_555 E HOH .  O  ? ? A MG 102 A HOH 212 1_555 ? ? ? ? ? ? ?            2.067 ? ? 
metalc2  metalc ? ? D MG .  MG ? ? ? 1_555 E HOH .  O  ? ? A MG 102 A HOH 214 1_555 ? ? ? ? ? ? ?            2.102 ? ? 
metalc3  metalc ? ? D MG .  MG ? ? ? 1_555 E HOH .  O  ? ? A MG 102 A HOH 216 3_554 ? ? ? ? ? ? ?            2.085 ? ? 
metalc4  metalc ? ? D MG .  MG ? ? ? 1_555 E HOH .  O  ? ? A MG 102 A HOH 228 3_554 ? ? ? ? ? ? ?            2.085 ? ? 
metalc5  metalc ? ? D MG .  MG ? ? ? 1_555 E HOH .  O  ? ? A MG 102 A HOH 229 3_554 ? ? ? ? ? ? ?            2.137 ? ? 
metalc6  metalc ? ? D MG .  MG ? ? ? 1_555 F HOH .  O  ? ? A MG 102 B HOH 106 1_555 ? ? ? ? ? ? ?            2.149 ? ? 
hydrog1  hydrog ? ? A DC 1  N3 ? ? ? 1_555 B DG  12 N1 ? ? A DC 1   B DG  24  1_555 ? ? ? ? ? ? WATSON-CRICK ?     ? ? 
hydrog2  hydrog ? ? A DC 1  N4 ? ? ? 1_555 B DG  12 O6 ? ? A DC 1   B DG  24  1_555 ? ? ? ? ? ? WATSON-CRICK ?     ? ? 
hydrog3  hydrog ? ? A DC 1  O2 ? ? ? 1_555 B DG  12 N2 ? ? A DC 1   B DG  24  1_555 ? ? ? ? ? ? WATSON-CRICK ?     ? ? 
hydrog4  hydrog ? ? A DG 2  N1 ? ? ? 1_555 B DC  11 N3 ? ? A DG 2   B DC  23  1_555 ? ? ? ? ? ? WATSON-CRICK ?     ? ? 
hydrog5  hydrog ? ? A DG 2  N2 ? ? ? 1_555 B DC  11 O2 ? ? A DG 2   B DC  23  1_555 ? ? ? ? ? ? WATSON-CRICK ?     ? ? 
hydrog6  hydrog ? ? A DG 2  O6 ? ? ? 1_555 B DC  11 N4 ? ? A DG 2   B DC  23  1_555 ? ? ? ? ? ? WATSON-CRICK ?     ? ? 
hydrog7  hydrog ? ? A DC 3  N3 ? ? ? 1_555 B DG  10 N1 ? ? A DC 3   B DG  22  1_555 ? ? ? ? ? ? WATSON-CRICK ?     ? ? 
hydrog8  hydrog ? ? A DC 3  N4 ? ? ? 1_555 B DG  10 O6 ? ? A DC 3   B DG  22  1_555 ? ? ? ? ? ? WATSON-CRICK ?     ? ? 
hydrog9  hydrog ? ? A DC 3  O2 ? ? ? 1_555 B DG  10 N2 ? ? A DC 3   B DG  22  1_555 ? ? ? ? ? ? WATSON-CRICK ?     ? ? 
hydrog10 hydrog ? ? A DA 4  N1 ? ? ? 1_555 B DT  9  N3 ? ? A DA 4   B DT  21  1_555 ? ? ? ? ? ? WATSON-CRICK ?     ? ? 
hydrog11 hydrog ? ? A DA 4  N6 ? ? ? 1_555 B DT  9  O4 ? ? A DA 4   B DT  21  1_555 ? ? ? ? ? ? WATSON-CRICK ?     ? ? 
hydrog12 hydrog ? ? A DA 5  N1 ? ? ? 1_555 B DT  8  N3 ? ? A DA 5   B DT  20  1_555 ? ? ? ? ? ? WATSON-CRICK ?     ? ? 
hydrog13 hydrog ? ? A DA 5  N6 ? ? ? 1_555 B DT  8  O4 ? ? A DA 5   B DT  20  1_555 ? ? ? ? ? ? WATSON-CRICK ?     ? ? 
hydrog14 hydrog ? ? A DA 6  N1 ? ? ? 1_555 B DT  7  N3 ? ? A DA 6   B DT  19  1_555 ? ? ? ? ? ? WATSON-CRICK ?     ? ? 
hydrog15 hydrog ? ? A DA 6  N6 ? ? ? 1_555 B DT  7  O4 ? ? A DA 6   B DT  19  1_555 ? ? ? ? ? ? WATSON-CRICK ?     ? ? 
hydrog16 hydrog ? ? A DT 7  N3 ? ? ? 1_555 B DA  6  N1 ? ? A DT 7   B DA  18  1_555 ? ? ? ? ? ? WATSON-CRICK ?     ? ? 
hydrog17 hydrog ? ? A DT 7  O4 ? ? ? 1_555 B DA  6  N6 ? ? A DT 7   B DA  18  1_555 ? ? ? ? ? ? WATSON-CRICK ?     ? ? 
hydrog18 hydrog ? ? A DT 8  N3 ? ? ? 1_555 B DA  5  N1 ? ? A DT 8   B DA  17  1_555 ? ? ? ? ? ? WATSON-CRICK ?     ? ? 
hydrog19 hydrog ? ? A DT 8  O4 ? ? ? 1_555 B DA  5  N6 ? ? A DT 8   B DA  17  1_555 ? ? ? ? ? ? WATSON-CRICK ?     ? ? 
hydrog20 hydrog ? ? A DT 9  N3 ? ? ? 1_555 B DA  4  N1 ? ? A DT 9   B DA  16  1_555 ? ? ? ? ? ? WATSON-CRICK ?     ? ? 
hydrog21 hydrog ? ? A DT 9  O4 ? ? ? 1_555 B DA  4  N6 ? ? A DT 9   B DA  16  1_555 ? ? ? ? ? ? WATSON-CRICK ?     ? ? 
hydrog22 hydrog ? ? A DG 10 N1 ? ? ? 1_555 B DC  3  N3 ? ? A DG 10  B DC  15  1_555 ? ? ? ? ? ? WATSON-CRICK ?     ? ? 
hydrog23 hydrog ? ? A DG 10 N2 ? ? ? 1_555 B DC  3  O2 ? ? A DG 10  B DC  15  1_555 ? ? ? ? ? ? WATSON-CRICK ?     ? ? 
hydrog24 hydrog ? ? A DG 10 O6 ? ? ? 1_555 B DC  3  N4 ? ? A DG 10  B DC  15  1_555 ? ? ? ? ? ? WATSON-CRICK ?     ? ? 
hydrog25 hydrog ? ? A DC 11 N3 ? ? ? 1_555 B DG  2  N1 ? ? A DC 11  B DG  14  1_555 ? ? ? ? ? ? WATSON-CRICK ?     ? ? 
hydrog26 hydrog ? ? A DC 11 N4 ? ? ? 1_555 B DG  2  O6 ? ? A DC 11  B DG  14  1_555 ? ? ? ? ? ? WATSON-CRICK ?     ? ? 
hydrog27 hydrog ? ? A DC 11 O2 ? ? ? 1_555 B DG  2  N2 ? ? A DC 11  B DG  14  1_555 ? ? ? ? ? ? WATSON-CRICK ?     ? ? 
hydrog28 hydrog ? ? A DG 12 N1 ? ? ? 1_555 B DC  1  N3 ? ? A DG 12  B DC  13  1_555 ? ? ? ? ? ? WATSON-CRICK ?     ? ? 
hydrog29 hydrog ? ? A DG 12 N2 ? ? ? 1_555 B DC  1  O2 ? ? A DG 12  B DC  13  1_555 ? ? ? ? ? ? WATSON-CRICK ?     ? ? 
hydrog30 hydrog ? ? A DG 12 O6 ? ? ? 1_555 B DC  1  N4 ? ? A DG 12  B DC  13  1_555 ? ? ? ? ? ? WATSON-CRICK ?     ? ? 
# 
loop_
_struct_conn_type.id 
_struct_conn_type.criteria 
_struct_conn_type.reference 
metalc ? ? 
hydrog ? ? 
# 
loop_
_pdbx_struct_conn_angle.id 
_pdbx_struct_conn_angle.ptnr1_label_atom_id 
_pdbx_struct_conn_angle.ptnr1_label_alt_id 
_pdbx_struct_conn_angle.ptnr1_label_asym_id 
_pdbx_struct_conn_angle.ptnr1_label_comp_id 
_pdbx_struct_conn_angle.ptnr1_label_seq_id 
_pdbx_struct_conn_angle.ptnr1_auth_atom_id 
_pdbx_struct_conn_angle.ptnr1_auth_asym_id 
_pdbx_struct_conn_angle.ptnr1_auth_comp_id 
_pdbx_struct_conn_angle.ptnr1_auth_seq_id 
_pdbx_struct_conn_angle.ptnr1_PDB_ins_code 
_pdbx_struct_conn_angle.ptnr1_symmetry 
_pdbx_struct_conn_angle.ptnr2_label_atom_id 
_pdbx_struct_conn_angle.ptnr2_label_alt_id 
_pdbx_struct_conn_angle.ptnr2_label_asym_id 
_pdbx_struct_conn_angle.ptnr2_label_comp_id 
_pdbx_struct_conn_angle.ptnr2_label_seq_id 
_pdbx_struct_conn_angle.ptnr2_auth_atom_id 
_pdbx_struct_conn_angle.ptnr2_auth_asym_id 
_pdbx_struct_conn_angle.ptnr2_auth_comp_id 
_pdbx_struct_conn_angle.ptnr2_auth_seq_id 
_pdbx_struct_conn_angle.ptnr2_PDB_ins_code 
_pdbx_struct_conn_angle.ptnr2_symmetry 
_pdbx_struct_conn_angle.ptnr3_label_atom_id 
_pdbx_struct_conn_angle.ptnr3_label_alt_id 
_pdbx_struct_conn_angle.ptnr3_label_asym_id 
_pdbx_struct_conn_angle.ptnr3_label_comp_id 
_pdbx_struct_conn_angle.ptnr3_label_seq_id 
_pdbx_struct_conn_angle.ptnr3_auth_atom_id 
_pdbx_struct_conn_angle.ptnr3_auth_asym_id 
_pdbx_struct_conn_angle.ptnr3_auth_comp_id 
_pdbx_struct_conn_angle.ptnr3_auth_seq_id 
_pdbx_struct_conn_angle.ptnr3_PDB_ins_code 
_pdbx_struct_conn_angle.ptnr3_symmetry 
_pdbx_struct_conn_angle.value 
_pdbx_struct_conn_angle.value_esd 
1  O ? E HOH . ? A HOH 212 ? 1_555 MG ? D MG . ? A MG 102 ? 1_555 O ? E HOH . ? A HOH 214 ? 1_555 93.0  ? 
2  O ? E HOH . ? A HOH 212 ? 1_555 MG ? D MG . ? A MG 102 ? 1_555 O ? E HOH . ? A HOH 216 ? 3_554 100.8 ? 
3  O ? E HOH . ? A HOH 214 ? 1_555 MG ? D MG . ? A MG 102 ? 1_555 O ? E HOH . ? A HOH 216 ? 3_554 85.9  ? 
4  O ? E HOH . ? A HOH 212 ? 1_555 MG ? D MG . ? A MG 102 ? 1_555 O ? E HOH . ? A HOH 228 ? 3_554 171.4 ? 
5  O ? E HOH . ? A HOH 214 ? 1_555 MG ? D MG . ? A MG 102 ? 1_555 O ? E HOH . ? A HOH 228 ? 3_554 86.5  ? 
6  O ? E HOH . ? A HOH 216 ? 3_554 MG ? D MG . ? A MG 102 ? 1_555 O ? E HOH . ? A HOH 228 ? 3_554 87.8  ? 
7  O ? E HOH . ? A HOH 212 ? 1_555 MG ? D MG . ? A MG 102 ? 1_555 O ? E HOH . ? A HOH 229 ? 3_554 89.9  ? 
8  O ? E HOH . ? A HOH 214 ? 1_555 MG ? D MG . ? A MG 102 ? 1_555 O ? E HOH . ? A HOH 229 ? 3_554 176.6 ? 
9  O ? E HOH . ? A HOH 216 ? 3_554 MG ? D MG . ? A MG 102 ? 1_555 O ? E HOH . ? A HOH 229 ? 3_554 91.7  ? 
10 O ? E HOH . ? A HOH 228 ? 3_554 MG ? D MG . ? A MG 102 ? 1_555 O ? E HOH . ? A HOH 229 ? 3_554 90.9  ? 
11 O ? E HOH . ? A HOH 212 ? 1_555 MG ? D MG . ? A MG 102 ? 1_555 O ? F HOH . ? B HOH 106 ? 1_555 88.1  ? 
12 O ? E HOH . ? A HOH 214 ? 1_555 MG ? D MG . ? A MG 102 ? 1_555 O ? F HOH . ? B HOH 106 ? 1_555 91.9  ? 
13 O ? E HOH . ? A HOH 216 ? 3_554 MG ? D MG . ? A MG 102 ? 1_555 O ? F HOH . ? B HOH 106 ? 1_555 171.0 ? 
14 O ? E HOH . ? A HOH 228 ? 3_554 MG ? D MG . ? A MG 102 ? 1_555 O ? F HOH . ? B HOH 106 ? 1_555 83.3  ? 
15 O ? E HOH . ? A HOH 229 ? 3_554 MG ? D MG . ? A MG 102 ? 1_555 O ? F HOH . ? B HOH 106 ? 1_555 90.1  ? 
# 
loop_
_struct_site.id 
_struct_site.pdbx_evidence_code 
_struct_site.pdbx_auth_asym_id 
_struct_site.pdbx_auth_comp_id 
_struct_site.pdbx_auth_seq_id 
_struct_site.pdbx_auth_ins_code 
_struct_site.pdbx_num_residues 
_struct_site.details 
AC1 Software A 4L1 101 ? 15 'binding site for residue 4L1 A 101' 
AC2 Software A MG  102 ? 6  'binding site for residue MG A 102'  
# 
loop_
_struct_site_gen.id 
_struct_site_gen.site_id 
_struct_site_gen.pdbx_num_res 
_struct_site_gen.label_comp_id 
_struct_site_gen.label_asym_id 
_struct_site_gen.label_seq_id 
_struct_site_gen.pdbx_auth_ins_code 
_struct_site_gen.auth_comp_id 
_struct_site_gen.auth_asym_id 
_struct_site_gen.auth_seq_id 
_struct_site_gen.label_atom_id 
_struct_site_gen.label_alt_id 
_struct_site_gen.symmetry 
_struct_site_gen.details 
1  AC1 15 DA  A 6  ? DA  A 6   . ? 1_555 ? 
2  AC1 15 DT  A 7  ? DT  A 7   . ? 1_555 ? 
3  AC1 15 DT  A 8  ? DT  A 8   . ? 1_555 ? 
4  AC1 15 DT  A 9  ? DT  A 9   . ? 1_555 ? 
5  AC1 15 DG  A 10 ? DG  A 10  . ? 1_555 ? 
6  AC1 15 DC  A 11 ? DC  A 11  . ? 1_555 ? 
7  AC1 15 HOH E .  ? HOH A 201 . ? 1_555 ? 
8  AC1 15 HOH E .  ? HOH A 206 . ? 1_555 ? 
9  AC1 15 HOH E .  ? HOH A 221 . ? 1_555 ? 
10 AC1 15 DA  B 5  ? DA  B 17  . ? 1_555 ? 
11 AC1 15 DA  B 6  ? DA  B 18  . ? 1_555 ? 
12 AC1 15 DT  B 7  ? DT  B 19  . ? 1_555 ? 
13 AC1 15 DT  B 8  ? DT  B 20  . ? 1_555 ? 
14 AC1 15 DT  B 9  ? DT  B 21  . ? 1_555 ? 
15 AC1 15 DG  B 12 ? DG  B 24  . ? 2_455 ? 
16 AC2 6  HOH E .  ? HOH A 212 . ? 1_555 ? 
17 AC2 6  HOH E .  ? HOH A 214 . ? 1_555 ? 
18 AC2 6  HOH E .  ? HOH A 216 . ? 3_554 ? 
19 AC2 6  HOH E .  ? HOH A 228 . ? 3_554 ? 
20 AC2 6  HOH E .  ? HOH A 229 . ? 3_554 ? 
21 AC2 6  HOH F .  ? HOH B 106 . ? 1_555 ? 
# 
_pdbx_validate_rmsd_bond.id                        1 
_pdbx_validate_rmsd_bond.PDB_model_num             1 
_pdbx_validate_rmsd_bond.auth_atom_id_1            "O3'" 
_pdbx_validate_rmsd_bond.auth_asym_id_1            B 
_pdbx_validate_rmsd_bond.auth_comp_id_1            DC 
_pdbx_validate_rmsd_bond.auth_seq_id_1             15 
_pdbx_validate_rmsd_bond.PDB_ins_code_1            ? 
_pdbx_validate_rmsd_bond.label_alt_id_1            ? 
_pdbx_validate_rmsd_bond.auth_atom_id_2            "C3'" 
_pdbx_validate_rmsd_bond.auth_asym_id_2            B 
_pdbx_validate_rmsd_bond.auth_comp_id_2            DC 
_pdbx_validate_rmsd_bond.auth_seq_id_2             15 
_pdbx_validate_rmsd_bond.PDB_ins_code_2            ? 
_pdbx_validate_rmsd_bond.label_alt_id_2            ? 
_pdbx_validate_rmsd_bond.bond_value                1.383 
_pdbx_validate_rmsd_bond.bond_target_value         1.419 
_pdbx_validate_rmsd_bond.bond_deviation            -0.036 
_pdbx_validate_rmsd_bond.bond_standard_deviation   0.006 
_pdbx_validate_rmsd_bond.linker_flag               N 
# 
loop_
_pdbx_validate_rmsd_angle.id 
_pdbx_validate_rmsd_angle.PDB_model_num 
_pdbx_validate_rmsd_angle.auth_atom_id_1 
_pdbx_validate_rmsd_angle.auth_asym_id_1 
_pdbx_validate_rmsd_angle.auth_comp_id_1 
_pdbx_validate_rmsd_angle.auth_seq_id_1 
_pdbx_validate_rmsd_angle.PDB_ins_code_1 
_pdbx_validate_rmsd_angle.label_alt_id_1 
_pdbx_validate_rmsd_angle.auth_atom_id_2 
_pdbx_validate_rmsd_angle.auth_asym_id_2 
_pdbx_validate_rmsd_angle.auth_comp_id_2 
_pdbx_validate_rmsd_angle.auth_seq_id_2 
_pdbx_validate_rmsd_angle.PDB_ins_code_2 
_pdbx_validate_rmsd_angle.label_alt_id_2 
_pdbx_validate_rmsd_angle.auth_atom_id_3 
_pdbx_validate_rmsd_angle.auth_asym_id_3 
_pdbx_validate_rmsd_angle.auth_comp_id_3 
_pdbx_validate_rmsd_angle.auth_seq_id_3 
_pdbx_validate_rmsd_angle.PDB_ins_code_3 
_pdbx_validate_rmsd_angle.label_alt_id_3 
_pdbx_validate_rmsd_angle.angle_value 
_pdbx_validate_rmsd_angle.angle_target_value 
_pdbx_validate_rmsd_angle.angle_deviation 
_pdbx_validate_rmsd_angle.angle_standard_deviation 
_pdbx_validate_rmsd_angle.linker_flag 
1 1 "O4'" A DC 1  ? ? "C1'" A DC 1  ? ? N1 A DC 1  ? ? 103.42 108.00 -4.58 0.70 N 
2 1 "O4'" A DA 5  ? ? "C1'" A DA 5  ? ? N9 A DA 5  ? ? 103.72 108.00 -4.28 0.70 N 
3 1 "O4'" A DT 9  ? ? "C1'" A DT 9  ? ? N1 A DT 9  ? ? 103.63 108.00 -4.37 0.70 N 
4 1 "O4'" A DC 11 ? ? "C1'" A DC 11 ? ? N1 A DC 11 ? ? 103.54 108.00 -4.46 0.70 N 
5 1 "O4'" A DG 12 ? ? "C1'" A DG 12 ? ? N9 A DG 12 ? ? 103.70 108.00 -4.30 0.70 N 
6 1 "O4'" B DT 19 ? ? "C1'" B DT 19 ? ? N1 B DT 19 ? ? 111.51 108.30 3.21  0.30 N 
7 1 "O4'" B DT 21 ? ? "C1'" B DT 21 ? ? N1 B DT 21 ? ? 102.33 108.00 -5.67 0.70 N 
# 
loop_
_chem_comp_atom.comp_id 
_chem_comp_atom.atom_id 
_chem_comp_atom.type_symbol 
_chem_comp_atom.pdbx_aromatic_flag 
_chem_comp_atom.pdbx_stereo_config 
_chem_comp_atom.pdbx_ordinal 
4L1 CAN    C  N N 1   
4L1 CAL    C  N N 2   
4L1 NBD    N  N N 3   
4L1 CAA    C  N N 4   
4L1 CAM    C  N N 5   
4L1 CAO    C  N N 6   
4L1 NBE    N  N N 7   
4L1 CAV    C  Y N 8   
4L1 CAK    C  Y N 9   
4L1 CAG    C  Y N 10  
4L1 CAI    C  Y N 11  
4L1 CBC    C  Y N 12  
4L1 NAS    N  Y N 13  
4L1 CBA    C  Y N 14  
4L1 NAQ    N  Y N 15  
4L1 CAX    C  Y N 16  
4L1 CAU    C  Y N 17  
4L1 CAJ    C  Y N 18  
4L1 CAF    C  Y N 19  
4L1 CAH    C  Y N 20  
4L1 CBB    C  Y N 21  
4L1 NAT    N  Y N 22  
4L1 CAZ    C  Y N 23  
4L1 NAR    N  Y N 24  
4L1 CAY    C  Y N 25  
4L1 CAW    C  Y N 26  
4L1 NAP    N  Y N 27  
4L1 CAD    C  Y N 28  
4L1 CAB    C  Y N 29  
4L1 CAC    C  Y N 30  
4L1 CAE    C  Y N 31  
4L1 HAN2   H  N N 32  
4L1 HAN1   H  N N 33  
4L1 HAL2   H  N N 34  
4L1 HAL1   H  N N 35  
4L1 HAA2   H  N N 36  
4L1 HAA3   H  N N 37  
4L1 HAA1   H  N N 38  
4L1 HAM2   H  N N 39  
4L1 HAM1   H  N N 40  
4L1 HAO2   H  N N 41  
4L1 HAO1   H  N N 42  
4L1 HAK1   H  N N 43  
4L1 HAG1   H  N N 44  
4L1 HAI1   H  N N 45  
4L1 H2     H  N N 46  
4L1 HAJ1   H  N N 47  
4L1 HAF1   H  N N 48  
4L1 HAH1   H  N N 49  
4L1 H4     H  N N 50  
4L1 HAD1   H  N N 51  
4L1 HAB1   H  N N 52  
4L1 HAC1   H  N N 53  
4L1 HAE1   H  N N 54  
DA  OP3    O  N N 55  
DA  P      P  N N 56  
DA  OP1    O  N N 57  
DA  OP2    O  N N 58  
DA  "O5'"  O  N N 59  
DA  "C5'"  C  N N 60  
DA  "C4'"  C  N R 61  
DA  "O4'"  O  N N 62  
DA  "C3'"  C  N S 63  
DA  "O3'"  O  N N 64  
DA  "C2'"  C  N N 65  
DA  "C1'"  C  N R 66  
DA  N9     N  Y N 67  
DA  C8     C  Y N 68  
DA  N7     N  Y N 69  
DA  C5     C  Y N 70  
DA  C6     C  Y N 71  
DA  N6     N  N N 72  
DA  N1     N  Y N 73  
DA  C2     C  Y N 74  
DA  N3     N  Y N 75  
DA  C4     C  Y N 76  
DA  HOP3   H  N N 77  
DA  HOP2   H  N N 78  
DA  "H5'"  H  N N 79  
DA  "H5''" H  N N 80  
DA  "H4'"  H  N N 81  
DA  "H3'"  H  N N 82  
DA  "HO3'" H  N N 83  
DA  "H2'"  H  N N 84  
DA  "H2''" H  N N 85  
DA  "H1'"  H  N N 86  
DA  H8     H  N N 87  
DA  H61    H  N N 88  
DA  H62    H  N N 89  
DA  H2     H  N N 90  
DC  OP3    O  N N 91  
DC  P      P  N N 92  
DC  OP1    O  N N 93  
DC  OP2    O  N N 94  
DC  "O5'"  O  N N 95  
DC  "C5'"  C  N N 96  
DC  "C4'"  C  N R 97  
DC  "O4'"  O  N N 98  
DC  "C3'"  C  N S 99  
DC  "O3'"  O  N N 100 
DC  "C2'"  C  N N 101 
DC  "C1'"  C  N R 102 
DC  N1     N  N N 103 
DC  C2     C  N N 104 
DC  O2     O  N N 105 
DC  N3     N  N N 106 
DC  C4     C  N N 107 
DC  N4     N  N N 108 
DC  C5     C  N N 109 
DC  C6     C  N N 110 
DC  HOP3   H  N N 111 
DC  HOP2   H  N N 112 
DC  "H5'"  H  N N 113 
DC  "H5''" H  N N 114 
DC  "H4'"  H  N N 115 
DC  "H3'"  H  N N 116 
DC  "HO3'" H  N N 117 
DC  "H2'"  H  N N 118 
DC  "H2''" H  N N 119 
DC  "H1'"  H  N N 120 
DC  H41    H  N N 121 
DC  H42    H  N N 122 
DC  H5     H  N N 123 
DC  H6     H  N N 124 
DG  OP3    O  N N 125 
DG  P      P  N N 126 
DG  OP1    O  N N 127 
DG  OP2    O  N N 128 
DG  "O5'"  O  N N 129 
DG  "C5'"  C  N N 130 
DG  "C4'"  C  N R 131 
DG  "O4'"  O  N N 132 
DG  "C3'"  C  N S 133 
DG  "O3'"  O  N N 134 
DG  "C2'"  C  N N 135 
DG  "C1'"  C  N R 136 
DG  N9     N  Y N 137 
DG  C8     C  Y N 138 
DG  N7     N  Y N 139 
DG  C5     C  Y N 140 
DG  C6     C  N N 141 
DG  O6     O  N N 142 
DG  N1     N  N N 143 
DG  C2     C  N N 144 
DG  N2     N  N N 145 
DG  N3     N  N N 146 
DG  C4     C  Y N 147 
DG  HOP3   H  N N 148 
DG  HOP2   H  N N 149 
DG  "H5'"  H  N N 150 
DG  "H5''" H  N N 151 
DG  "H4'"  H  N N 152 
DG  "H3'"  H  N N 153 
DG  "HO3'" H  N N 154 
DG  "H2'"  H  N N 155 
DG  "H2''" H  N N 156 
DG  "H1'"  H  N N 157 
DG  H8     H  N N 158 
DG  H1     H  N N 159 
DG  H21    H  N N 160 
DG  H22    H  N N 161 
DT  OP3    O  N N 162 
DT  P      P  N N 163 
DT  OP1    O  N N 164 
DT  OP2    O  N N 165 
DT  "O5'"  O  N N 166 
DT  "C5'"  C  N N 167 
DT  "C4'"  C  N R 168 
DT  "O4'"  O  N N 169 
DT  "C3'"  C  N S 170 
DT  "O3'"  O  N N 171 
DT  "C2'"  C  N N 172 
DT  "C1'"  C  N R 173 
DT  N1     N  N N 174 
DT  C2     C  N N 175 
DT  O2     O  N N 176 
DT  N3     N  N N 177 
DT  C4     C  N N 178 
DT  O4     O  N N 179 
DT  C5     C  N N 180 
DT  C7     C  N N 181 
DT  C6     C  N N 182 
DT  HOP3   H  N N 183 
DT  HOP2   H  N N 184 
DT  "H5'"  H  N N 185 
DT  "H5''" H  N N 186 
DT  "H4'"  H  N N 187 
DT  "H3'"  H  N N 188 
DT  "HO3'" H  N N 189 
DT  "H2'"  H  N N 190 
DT  "H2''" H  N N 191 
DT  "H1'"  H  N N 192 
DT  H3     H  N N 193 
DT  H71    H  N N 194 
DT  H72    H  N N 195 
DT  H73    H  N N 196 
DT  H6     H  N N 197 
HOH O      O  N N 198 
HOH H1     H  N N 199 
HOH H2     H  N N 200 
MG  MG     MG N N 201 
# 
loop_
_chem_comp_bond.comp_id 
_chem_comp_bond.atom_id_1 
_chem_comp_bond.atom_id_2 
_chem_comp_bond.value_order 
_chem_comp_bond.pdbx_aromatic_flag 
_chem_comp_bond.pdbx_stereo_config 
_chem_comp_bond.pdbx_ordinal 
4L1 CAB   CAC    doub Y N 1   
4L1 CAB   CAD    sing Y N 2   
4L1 CAC   CAE    sing Y N 3   
4L1 CAD   NAP    doub Y N 4   
4L1 CAE   CAW    doub Y N 5   
4L1 NAP   CAW    sing Y N 6   
4L1 CAW   CAY    sing N N 7   
4L1 CAY   NAT    sing Y N 8   
4L1 CAY   NAR    doub Y N 9   
4L1 NAT   CBB    sing Y N 10  
4L1 NAR   CAZ    sing Y N 11  
4L1 CBB   CAZ    doub Y N 12  
4L1 CBB   CAH    sing Y N 13  
4L1 CAZ   CAJ    sing Y N 14  
4L1 CAH   CAF    doub Y N 15  
4L1 CAJ   CAU    doub Y N 16  
4L1 CAF   CAU    sing Y N 17  
4L1 CAU   CAX    sing N N 18  
4L1 CAX   NAQ    doub Y N 19  
4L1 CAX   NAS    sing Y N 20  
4L1 NAQ   CBA    sing Y N 21  
4L1 NAS   CBC    sing Y N 22  
4L1 CBA   CBC    doub Y N 23  
4L1 CBA   CAK    sing Y N 24  
4L1 CBC   CAI    sing Y N 25  
4L1 CAK   CAV    doub Y N 26  
4L1 CAI   CAG    doub Y N 27  
4L1 CAV   CAG    sing Y N 28  
4L1 CAV   NBE    sing N N 29  
4L1 CAN   NBE    sing N N 30  
4L1 CAN   CAL    sing N N 31  
4L1 NBE   CAO    sing N N 32  
4L1 CAL   NBD    sing N N 33  
4L1 CAO   CAM    sing N N 34  
4L1 NBD   CAM    sing N N 35  
4L1 NBD   CAA    sing N N 36  
4L1 CAN   HAN2   sing N N 37  
4L1 CAN   HAN1   sing N N 38  
4L1 CAL   HAL2   sing N N 39  
4L1 CAL   HAL1   sing N N 40  
4L1 CAA   HAA2   sing N N 41  
4L1 CAA   HAA3   sing N N 42  
4L1 CAA   HAA1   sing N N 43  
4L1 CAM   HAM2   sing N N 44  
4L1 CAM   HAM1   sing N N 45  
4L1 CAO   HAO2   sing N N 46  
4L1 CAO   HAO1   sing N N 47  
4L1 CAK   HAK1   sing N N 48  
4L1 CAG   HAG1   sing N N 49  
4L1 CAI   HAI1   sing N N 50  
4L1 NAS   H2     sing N N 51  
4L1 CAJ   HAJ1   sing N N 52  
4L1 CAF   HAF1   sing N N 53  
4L1 CAH   HAH1   sing N N 54  
4L1 NAT   H4     sing N N 55  
4L1 CAD   HAD1   sing N N 56  
4L1 CAB   HAB1   sing N N 57  
4L1 CAC   HAC1   sing N N 58  
4L1 CAE   HAE1   sing N N 59  
DA  OP3   P      sing N N 60  
DA  OP3   HOP3   sing N N 61  
DA  P     OP1    doub N N 62  
DA  P     OP2    sing N N 63  
DA  P     "O5'"  sing N N 64  
DA  OP2   HOP2   sing N N 65  
DA  "O5'" "C5'"  sing N N 66  
DA  "C5'" "C4'"  sing N N 67  
DA  "C5'" "H5'"  sing N N 68  
DA  "C5'" "H5''" sing N N 69  
DA  "C4'" "O4'"  sing N N 70  
DA  "C4'" "C3'"  sing N N 71  
DA  "C4'" "H4'"  sing N N 72  
DA  "O4'" "C1'"  sing N N 73  
DA  "C3'" "O3'"  sing N N 74  
DA  "C3'" "C2'"  sing N N 75  
DA  "C3'" "H3'"  sing N N 76  
DA  "O3'" "HO3'" sing N N 77  
DA  "C2'" "C1'"  sing N N 78  
DA  "C2'" "H2'"  sing N N 79  
DA  "C2'" "H2''" sing N N 80  
DA  "C1'" N9     sing N N 81  
DA  "C1'" "H1'"  sing N N 82  
DA  N9    C8     sing Y N 83  
DA  N9    C4     sing Y N 84  
DA  C8    N7     doub Y N 85  
DA  C8    H8     sing N N 86  
DA  N7    C5     sing Y N 87  
DA  C5    C6     sing Y N 88  
DA  C5    C4     doub Y N 89  
DA  C6    N6     sing N N 90  
DA  C6    N1     doub Y N 91  
DA  N6    H61    sing N N 92  
DA  N6    H62    sing N N 93  
DA  N1    C2     sing Y N 94  
DA  C2    N3     doub Y N 95  
DA  C2    H2     sing N N 96  
DA  N3    C4     sing Y N 97  
DC  OP3   P      sing N N 98  
DC  OP3   HOP3   sing N N 99  
DC  P     OP1    doub N N 100 
DC  P     OP2    sing N N 101 
DC  P     "O5'"  sing N N 102 
DC  OP2   HOP2   sing N N 103 
DC  "O5'" "C5'"  sing N N 104 
DC  "C5'" "C4'"  sing N N 105 
DC  "C5'" "H5'"  sing N N 106 
DC  "C5'" "H5''" sing N N 107 
DC  "C4'" "O4'"  sing N N 108 
DC  "C4'" "C3'"  sing N N 109 
DC  "C4'" "H4'"  sing N N 110 
DC  "O4'" "C1'"  sing N N 111 
DC  "C3'" "O3'"  sing N N 112 
DC  "C3'" "C2'"  sing N N 113 
DC  "C3'" "H3'"  sing N N 114 
DC  "O3'" "HO3'" sing N N 115 
DC  "C2'" "C1'"  sing N N 116 
DC  "C2'" "H2'"  sing N N 117 
DC  "C2'" "H2''" sing N N 118 
DC  "C1'" N1     sing N N 119 
DC  "C1'" "H1'"  sing N N 120 
DC  N1    C2     sing N N 121 
DC  N1    C6     sing N N 122 
DC  C2    O2     doub N N 123 
DC  C2    N3     sing N N 124 
DC  N3    C4     doub N N 125 
DC  C4    N4     sing N N 126 
DC  C4    C5     sing N N 127 
DC  N4    H41    sing N N 128 
DC  N4    H42    sing N N 129 
DC  C5    C6     doub N N 130 
DC  C5    H5     sing N N 131 
DC  C6    H6     sing N N 132 
DG  OP3   P      sing N N 133 
DG  OP3   HOP3   sing N N 134 
DG  P     OP1    doub N N 135 
DG  P     OP2    sing N N 136 
DG  P     "O5'"  sing N N 137 
DG  OP2   HOP2   sing N N 138 
DG  "O5'" "C5'"  sing N N 139 
DG  "C5'" "C4'"  sing N N 140 
DG  "C5'" "H5'"  sing N N 141 
DG  "C5'" "H5''" sing N N 142 
DG  "C4'" "O4'"  sing N N 143 
DG  "C4'" "C3'"  sing N N 144 
DG  "C4'" "H4'"  sing N N 145 
DG  "O4'" "C1'"  sing N N 146 
DG  "C3'" "O3'"  sing N N 147 
DG  "C3'" "C2'"  sing N N 148 
DG  "C3'" "H3'"  sing N N 149 
DG  "O3'" "HO3'" sing N N 150 
DG  "C2'" "C1'"  sing N N 151 
DG  "C2'" "H2'"  sing N N 152 
DG  "C2'" "H2''" sing N N 153 
DG  "C1'" N9     sing N N 154 
DG  "C1'" "H1'"  sing N N 155 
DG  N9    C8     sing Y N 156 
DG  N9    C4     sing Y N 157 
DG  C8    N7     doub Y N 158 
DG  C8    H8     sing N N 159 
DG  N7    C5     sing Y N 160 
DG  C5    C6     sing N N 161 
DG  C5    C4     doub Y N 162 
DG  C6    O6     doub N N 163 
DG  C6    N1     sing N N 164 
DG  N1    C2     sing N N 165 
DG  N1    H1     sing N N 166 
DG  C2    N2     sing N N 167 
DG  C2    N3     doub N N 168 
DG  N2    H21    sing N N 169 
DG  N2    H22    sing N N 170 
DG  N3    C4     sing N N 171 
DT  OP3   P      sing N N 172 
DT  OP3   HOP3   sing N N 173 
DT  P     OP1    doub N N 174 
DT  P     OP2    sing N N 175 
DT  P     "O5'"  sing N N 176 
DT  OP2   HOP2   sing N N 177 
DT  "O5'" "C5'"  sing N N 178 
DT  "C5'" "C4'"  sing N N 179 
DT  "C5'" "H5'"  sing N N 180 
DT  "C5'" "H5''" sing N N 181 
DT  "C4'" "O4'"  sing N N 182 
DT  "C4'" "C3'"  sing N N 183 
DT  "C4'" "H4'"  sing N N 184 
DT  "O4'" "C1'"  sing N N 185 
DT  "C3'" "O3'"  sing N N 186 
DT  "C3'" "C2'"  sing N N 187 
DT  "C3'" "H3'"  sing N N 188 
DT  "O3'" "HO3'" sing N N 189 
DT  "C2'" "C1'"  sing N N 190 
DT  "C2'" "H2'"  sing N N 191 
DT  "C2'" "H2''" sing N N 192 
DT  "C1'" N1     sing N N 193 
DT  "C1'" "H1'"  sing N N 194 
DT  N1    C2     sing N N 195 
DT  N1    C6     sing N N 196 
DT  C2    O2     doub N N 197 
DT  C2    N3     sing N N 198 
DT  N3    C4     sing N N 199 
DT  N3    H3     sing N N 200 
DT  C4    O4     doub N N 201 
DT  C4    C5     sing N N 202 
DT  C5    C7     sing N N 203 
DT  C5    C6     doub N N 204 
DT  C7    H71    sing N N 205 
DT  C7    H72    sing N N 206 
DT  C7    H73    sing N N 207 
DT  C6    H6     sing N N 208 
HOH O     H1     sing N N 209 
HOH O     H2     sing N N 210 
# 
_ndb_struct_conf_na.entry_id   4Z4B 
_ndb_struct_conf_na.feature    'b-form double helix' 
# 
loop_
_ndb_struct_na_base_pair.model_number 
_ndb_struct_na_base_pair.i_label_asym_id 
_ndb_struct_na_base_pair.i_label_comp_id 
_ndb_struct_na_base_pair.i_label_seq_id 
_ndb_struct_na_base_pair.i_symmetry 
_ndb_struct_na_base_pair.j_label_asym_id 
_ndb_struct_na_base_pair.j_label_comp_id 
_ndb_struct_na_base_pair.j_label_seq_id 
_ndb_struct_na_base_pair.j_symmetry 
_ndb_struct_na_base_pair.shear 
_ndb_struct_na_base_pair.stretch 
_ndb_struct_na_base_pair.stagger 
_ndb_struct_na_base_pair.buckle 
_ndb_struct_na_base_pair.propeller 
_ndb_struct_na_base_pair.opening 
_ndb_struct_na_base_pair.pair_number 
_ndb_struct_na_base_pair.pair_name 
_ndb_struct_na_base_pair.i_auth_asym_id 
_ndb_struct_na_base_pair.i_auth_seq_id 
_ndb_struct_na_base_pair.i_PDB_ins_code 
_ndb_struct_na_base_pair.j_auth_asym_id 
_ndb_struct_na_base_pair.j_auth_seq_id 
_ndb_struct_na_base_pair.j_PDB_ins_code 
_ndb_struct_na_base_pair.hbond_type_28 
_ndb_struct_na_base_pair.hbond_type_12 
1 A DC 1  1_555 B DG 12 1_555 0.268  -0.254 0.133  -1.033  -11.680 1.687  1  A_DC1:DG24_B  A 1  ? B 24 ? 19 1 
1 A DG 2  1_555 B DC 11 1_555 -0.274 -0.082 0.421  6.364   -10.108 -1.442 2  A_DG2:DC23_B  A 2  ? B 23 ? 19 1 
1 A DC 3  1_555 B DG 10 1_555 0.233  -0.059 -0.044 -1.698  -3.112  2.612  3  A_DC3:DG22_B  A 3  ? B 22 ? 19 1 
1 A DA 4  1_555 B DT 9  1_555 0.101  -0.038 -0.070 14.001  -15.032 -1.024 4  A_DA4:DT21_B  A 4  ? B 21 ? 20 1 
1 A DA 5  1_555 B DT 8  1_555 0.139  -0.127 0.045  12.140  -19.161 0.747  5  A_DA5:DT20_B  A 5  ? B 20 ? 20 1 
1 A DA 6  1_555 B DT 7  1_555 0.238  -0.084 -0.027 3.631   -20.933 4.191  6  A_DA6:DT19_B  A 6  ? B 19 ? 20 1 
1 A DT 7  1_555 B DA 6  1_555 -0.143 -0.090 0.111  -2.765  -22.101 7.626  7  A_DT7:DA18_B  A 7  ? B 18 ? 20 1 
1 A DT 8  1_555 B DA 5  1_555 -0.296 -0.094 0.004  -6.985  -15.365 3.559  8  A_DT8:DA17_B  A 8  ? B 17 ? 20 1 
1 A DT 9  1_555 B DA 4  1_555 -0.051 -0.048 -0.017 -13.394 -10.824 -2.735 9  A_DT9:DA16_B  A 9  ? B 16 ? 20 1 
1 A DG 10 1_555 B DC 3  1_555 -0.203 -0.110 0.147  11.414  -1.867  1.061  10 A_DG10:DC15_B A 10 ? B 15 ? 19 1 
1 A DC 11 1_555 B DG 2  1_555 0.152  -0.293 0.255  9.385   -27.275 -6.087 11 A_DC11:DG14_B A 11 ? B 14 ? 19 1 
1 A DG 12 1_555 B DC 1  1_555 -0.307 -0.273 -0.045 6.348   10.876  -1.994 12 A_DG12:DC13_B A 12 ? B 13 ? 19 1 
# 
loop_
_ndb_struct_na_base_pair_step.model_number 
_ndb_struct_na_base_pair_step.i_label_asym_id_1 
_ndb_struct_na_base_pair_step.i_label_comp_id_1 
_ndb_struct_na_base_pair_step.i_label_seq_id_1 
_ndb_struct_na_base_pair_step.i_symmetry_1 
_ndb_struct_na_base_pair_step.j_label_asym_id_1 
_ndb_struct_na_base_pair_step.j_label_comp_id_1 
_ndb_struct_na_base_pair_step.j_label_seq_id_1 
_ndb_struct_na_base_pair_step.j_symmetry_1 
_ndb_struct_na_base_pair_step.i_label_asym_id_2 
_ndb_struct_na_base_pair_step.i_label_comp_id_2 
_ndb_struct_na_base_pair_step.i_label_seq_id_2 
_ndb_struct_na_base_pair_step.i_symmetry_2 
_ndb_struct_na_base_pair_step.j_label_asym_id_2 
_ndb_struct_na_base_pair_step.j_label_comp_id_2 
_ndb_struct_na_base_pair_step.j_label_seq_id_2 
_ndb_struct_na_base_pair_step.j_symmetry_2 
_ndb_struct_na_base_pair_step.shift 
_ndb_struct_na_base_pair_step.slide 
_ndb_struct_na_base_pair_step.rise 
_ndb_struct_na_base_pair_step.tilt 
_ndb_struct_na_base_pair_step.roll 
_ndb_struct_na_base_pair_step.twist 
_ndb_struct_na_base_pair_step.x_displacement 
_ndb_struct_na_base_pair_step.y_displacement 
_ndb_struct_na_base_pair_step.helical_rise 
_ndb_struct_na_base_pair_step.inclination 
_ndb_struct_na_base_pair_step.tip 
_ndb_struct_na_base_pair_step.helical_twist 
_ndb_struct_na_base_pair_step.step_number 
_ndb_struct_na_base_pair_step.step_name 
_ndb_struct_na_base_pair_step.i_auth_asym_id_1 
_ndb_struct_na_base_pair_step.i_auth_seq_id_1 
_ndb_struct_na_base_pair_step.i_PDB_ins_code_1 
_ndb_struct_na_base_pair_step.j_auth_asym_id_1 
_ndb_struct_na_base_pair_step.j_auth_seq_id_1 
_ndb_struct_na_base_pair_step.j_PDB_ins_code_1 
_ndb_struct_na_base_pair_step.i_auth_asym_id_2 
_ndb_struct_na_base_pair_step.i_auth_seq_id_2 
_ndb_struct_na_base_pair_step.i_PDB_ins_code_2 
_ndb_struct_na_base_pair_step.j_auth_asym_id_2 
_ndb_struct_na_base_pair_step.j_auth_seq_id_2 
_ndb_struct_na_base_pair_step.j_PDB_ins_code_2 
1 A DC 1  1_555 B DG 12 1_555 A DG 2  1_555 B DC 11 1_555 -0.344 0.078  3.148 -3.534 4.565   34.363 -0.543 0.054  3.151 7.660   
5.929  34.831 1  AA_DC1DG2:DC23DG24_BB   A 1  ? B 24 ? A 2  ? B 23 ? 
1 A DG 2  1_555 B DC 11 1_555 A DC 3  1_555 B DG 10 1_555 0.744  0.485  3.561 4.752  -7.357  41.211 1.504  -0.501 3.489 -10.311 
-6.660 42.092 2  AA_DG2DC3:DG22DC23_BB   A 2  ? B 23 ? A 3  ? B 22 ? 
1 A DC 3  1_555 B DG 10 1_555 A DA 4  1_555 B DT 9  1_555 -0.519 0.723  3.080 3.172  5.400   27.459 0.280  1.776  3.084 11.193  
-6.575 28.151 3  AA_DC3DA4:DT21DG22_BB   A 3  ? B 22 ? A 4  ? B 21 ? 
1 A DA 4  1_555 B DT 9  1_555 A DA 5  1_555 B DT 8  1_555 0.232  0.092  3.362 -0.294 4.424   35.946 -0.493 -0.416 3.347 7.135   
0.474  36.209 4  AA_DA4DA5:DT20DT21_BB   A 4  ? B 21 ? A 5  ? B 20 ? 
1 A DA 5  1_555 B DT 8  1_555 A DA 6  1_555 B DT 7  1_555 0.107  -0.228 3.411 -1.407 5.864   38.907 -1.060 -0.331 3.337 8.739   
2.097  39.353 5  AA_DA5DA6:DT19DT20_BB   A 5  ? B 20 ? A 6  ? B 19 ? 
1 A DA 6  1_555 B DT 7  1_555 A DT 7  1_555 B DA 6  1_555 0.053  -0.682 3.306 -1.257 1.465   28.820 -1.695 -0.387 3.262 2.939   
2.522  28.884 6  AA_DA6DT7:DA18DT19_BB   A 6  ? B 19 ? A 7  ? B 18 ? 
1 A DT 7  1_555 B DA 6  1_555 A DT 8  1_555 B DA 5  1_555 -0.359 -0.139 3.285 1.427  1.267   36.704 -0.394 0.764  3.262 2.010   
-2.264 36.752 7  AA_DT7DT8:DA17DA18_BB   A 7  ? B 18 ? A 8  ? B 17 ? 
1 A DT 8  1_555 B DA 5  1_555 A DT 9  1_555 B DA 4  1_555 -0.221 0.031  3.411 1.109  -0.769  40.434 0.134  0.449  3.403 -1.112  
-1.604 40.456 8  AA_DT8DT9:DA16DA17_BB   A 8  ? B 17 ? A 9  ? B 16 ? 
1 A DT 9  1_555 B DA 4  1_555 A DG 10 1_555 B DC 3  1_555 0.568  1.157  2.933 -2.534 5.212   26.485 1.254  -1.803 3.034 11.206  
5.449  27.101 9  AA_DT9DG10:DC15DA16_BB  A 9  ? B 16 ? A 10 ? B 15 ? 
1 A DG 10 1_555 B DC 3  1_555 A DC 11 1_555 B DG 2  1_555 -1.127 0.746  3.403 -2.405 -12.360 44.238 2.049  1.233  3.151 -16.031 
3.119  45.908 10 AA_DG10DC11:DG14DC15_BB A 10 ? B 15 ? A 11 ? B 14 ? 
1 A DC 11 1_555 B DG 2  1_555 A DG 12 1_555 B DC 1  1_555 1.126  0.761  3.587 3.524  -5.431  37.028 1.959  -1.244 3.533 -8.472  
-5.498 37.570 11 AA_DC11DG12:DC13DG14_BB A 11 ? B 14 ? A 12 ? B 13 ? 
# 
_atom_sites.entry_id                    4Z4B 
_atom_sites.fract_transf_matrix[1][1]   0.02916210 
_atom_sites.fract_transf_matrix[1][2]   -0.02341545 
_atom_sites.fract_transf_matrix[1][3]   -0.01481826 
_atom_sites.fract_transf_matrix[2][1]   -0.01571796 
_atom_sites.fract_transf_matrix[2][2]   -0.00918967 
_atom_sites.fract_transf_matrix[2][3]   -0.01641140 
_atom_sites.fract_transf_matrix[3][1]   0.00389871 
_atom_sites.fract_transf_matrix[3][2]   0.01118051 
_atom_sites.fract_transf_matrix[3][3]   -0.00999457 
_atom_sites.fract_transf_vector[1]      -0.063188 
_atom_sites.fract_transf_vector[2]      0.032618 
_atom_sites.fract_transf_vector[3]      -0.119890 
# 
loop_
_atom_type.symbol 
C  
H  
MG 
N  
O  
P  
# 
loop_
_atom_site.group_PDB 
_atom_site.id 
_atom_site.type_symbol 
_atom_site.label_atom_id 
_atom_site.label_alt_id 
_atom_site.label_comp_id 
_atom_site.label_asym_id 
_atom_site.label_entity_id 
_atom_site.label_seq_id 
_atom_site.pdbx_PDB_ins_code 
_atom_site.Cartn_x 
_atom_site.Cartn_y 
_atom_site.Cartn_z 
_atom_site.occupancy 
_atom_site.B_iso_or_equiv 
_atom_site.pdbx_formal_charge 
_atom_site.auth_seq_id 
_atom_site.auth_comp_id 
_atom_site.auth_asym_id 
_atom_site.auth_atom_id 
_atom_site.pdbx_PDB_model_num 
ATOM   1   O  "O5'"  . DC  A 1 1  ? -17.295 -12.915 3.549   1.00 35.87 ? 1   DC  A "O5'"  1 
ATOM   2   C  "C5'"  . DC  A 1 1  ? -16.089 -13.250 4.240   1.00 43.65 ? 1   DC  A "C5'"  1 
ATOM   3   C  "C4'"  . DC  A 1 1  ? -15.788 -12.181 5.267   1.00 30.12 ? 1   DC  A "C4'"  1 
ATOM   4   O  "O4'"  . DC  A 1 1  ? -14.624 -12.537 6.037   1.00 22.54 ? 1   DC  A "O4'"  1 
ATOM   5   C  "C3'"  . DC  A 1 1  ? -15.487 -10.805 4.684   1.00 20.98 ? 1   DC  A "C3'"  1 
ATOM   6   O  "O3'"  . DC  A 1 1  ? -16.225 -9.848  5.467   1.00 36.38 ? 1   DC  A "O3'"  1 
ATOM   7   C  "C2'"  . DC  A 1 1  ? -13.956 -10.746 4.729   1.00 22.98 ? 1   DC  A "C2'"  1 
ATOM   8   C  "C1'"  . DC  A 1 1  ? -13.677 -11.490 6.033   1.00 25.28 ? 1   DC  A "C1'"  1 
ATOM   9   N  N1     . DC  A 1 1  ? -12.358 -12.207 6.255   1.00 26.78 ? 1   DC  A N1     1 
ATOM   10  C  C2     . DC  A 1 1  ? -11.685 -12.103 7.484   1.00 25.06 ? 1   DC  A C2     1 
ATOM   11  O  O2     . DC  A 1 1  ? -12.159 -11.370 8.349   1.00 25.60 ? 1   DC  A O2     1 
ATOM   12  N  N3     . DC  A 1 1  ? -10.527 -12.769 7.691   1.00 25.23 ? 1   DC  A N3     1 
ATOM   13  C  C4     . DC  A 1 1  ? -10.045 -13.545 6.717   1.00 30.16 ? 1   DC  A C4     1 
ATOM   14  N  N4     . DC  A 1 1  ? -8.910  -14.232 6.917   1.00 17.05 ? 1   DC  A N4     1 
ATOM   15  C  C5     . DC  A 1 1  ? -10.729 -13.689 5.477   1.00 24.90 ? 1   DC  A C5     1 
ATOM   16  C  C6     . DC  A 1 1  ? -11.863 -13.016 5.290   1.00 25.62 ? 1   DC  A C6     1 
ATOM   17  H  "H5'"  . DC  A 1 1  ? -15.358 -13.305 3.607   1.00 43.65 ? 1   DC  A "H5'"  1 
ATOM   18  H  "H5''" . DC  A 1 1  ? -16.197 -14.105 4.685   1.00 43.65 ? 1   DC  A "H5''" 1 
ATOM   19  H  "H4'"  . DC  A 1 1  ? -16.547 -12.105 5.867   1.00 30.12 ? 1   DC  A "H4'"  1 
ATOM   20  H  "H3'"  . DC  A 1 1  ? -15.787 -10.771 3.762   1.00 20.98 ? 1   DC  A "H3'"  1 
ATOM   21  H  "H2'"  . DC  A 1 1  ? -13.567 -11.211 3.972   1.00 22.98 ? 1   DC  A "H2'"  1 
ATOM   22  H  "H2''" . DC  A 1 1  ? -13.645 -9.829  4.778   1.00 22.98 ? 1   DC  A "H2''" 1 
ATOM   23  H  "H1'"  . DC  A 1 1  ? -13.855 -10.899 6.781   1.00 25.28 ? 1   DC  A "H1'"  1 
ATOM   24  H  H41    . DC  A 1 1  ? -8.596  -14.733 6.293   1.00 17.05 ? 1   DC  A H41    1 
ATOM   25  H  H42    . DC  A 1 1  ? -8.497  -14.171 7.669   1.00 17.05 ? 1   DC  A H42    1 
ATOM   26  H  H5     . DC  A 1 1  ? -10.385 -14.234 4.807   1.00 24.90 ? 1   DC  A H5     1 
ATOM   27  H  H6     . DC  A 1 1  ? -12.319 -13.101 4.485   1.00 25.62 ? 1   DC  A H6     1 
ATOM   28  H  "HO5'" . DC  A 1 1  ? -17.907 -13.486 3.470   1.00 35.87 ? 1   DC  A "HO5'" 1 
ATOM   29  P  P      . DG  A 1 2  ? -16.263 -8.279  5.085   1.00 34.89 ? 2   DG  A P      1 
ATOM   30  O  OP1    . DG  A 1 2  ? -17.598 -7.810  5.500   1.00 54.61 ? 2   DG  A OP1    1 
ATOM   31  O  OP2    . DG  A 1 2  ? -15.782 -8.066  3.708   1.00 39.06 ? 2   DG  A OP2    1 
ATOM   32  O  "O5'"  . DG  A 1 2  ? -15.159 -7.636  6.035   1.00 33.73 ? 2   DG  A "O5'"  1 
ATOM   33  C  "C5'"  . DG  A 1 2  ? -15.315 -7.679  7.427   1.00 29.16 ? 2   DG  A "C5'"  1 
ATOM   34  C  "C4'"  . DG  A 1 2  ? -14.301 -6.750  8.071   1.00 29.84 ? 2   DG  A "C4'"  1 
ATOM   35  O  "O4'"  . DG  A 1 2  ? -13.027 -7.418  8.175   1.00 25.37 ? 2   DG  A "O4'"  1 
ATOM   36  C  "C3'"  . DG  A 1 2  ? -14.015 -5.462  7.314   1.00 26.27 ? 2   DG  A "C3'"  1 
ATOM   37  O  "O3'"  . DG  A 1 2  ? -13.847 -4.416  8.279   1.00 31.89 ? 2   DG  A "O3'"  1 
ATOM   38  C  "C2'"  . DG  A 1 2  ? -12.757 -5.806  6.533   1.00 26.10 ? 2   DG  A "C2'"  1 
ATOM   39  C  "C1'"  . DG  A 1 2  ? -12.008 -6.707  7.513   1.00 27.28 ? 2   DG  A "C1'"  1 
ATOM   40  N  N9     . DG  A 1 2  ? -11.125 -7.738  6.971   1.00 24.58 ? 2   DG  A N9     1 
ATOM   41  C  C8     . DG  A 1 2  ? -11.206 -8.365  5.760   1.00 22.36 ? 2   DG  A C8     1 
ATOM   42  N  N7     . DG  A 1 2  ? -10.291 -9.274  5.591   1.00 24.22 ? 2   DG  A N7     1 
ATOM   43  C  C5     . DG  A 1 2  ? -9.550  -9.245  6.755   1.00 20.33 ? 2   DG  A C5     1 
ATOM   44  C  C6     . DG  A 1 2  ? -8.409  -10.000 7.134   1.00 23.37 ? 2   DG  A C6     1 
ATOM   45  O  O6     . DG  A 1 2  ? -7.820  -10.884 6.495   1.00 15.89 ? 2   DG  A O6     1 
ATOM   46  N  N1     . DG  A 1 2  ? -7.980  -9.668  8.417   1.00 22.21 ? 2   DG  A N1     1 
ATOM   47  C  C2     . DG  A 1 2  ? -8.569  -8.704  9.200   1.00 22.27 ? 2   DG  A C2     1 
ATOM   48  N  N2     . DG  A 1 2  ? -8.009  -8.501  10.388  1.00 18.59 ? 2   DG  A N2     1 
ATOM   49  N  N3     . DG  A 1 2  ? -9.621  -7.977  8.859   1.00 21.38 ? 2   DG  A N3     1 
ATOM   50  C  C4     . DG  A 1 2  ? -10.059 -8.309  7.620   1.00 26.98 ? 2   DG  A C4     1 
ATOM   51  H  "H5'"  . DG  A 1 2  ? -15.170 -8.584  7.742   1.00 29.16 ? 2   DG  A "H5'"  1 
ATOM   52  H  "H5''" . DG  A 1 2  ? -16.211 -7.393  7.663   1.00 29.16 ? 2   DG  A "H5''" 1 
ATOM   53  H  "H4'"  . DG  A 1 2  ? -14.609 -6.525  8.961   1.00 29.84 ? 2   DG  A "H4'"  1 
ATOM   54  H  "H3'"  . DG  A 1 2  ? -14.745 -5.256  6.711   1.00 26.27 ? 2   DG  A "H3'"  1 
ATOM   55  H  "H2'"  . DG  A 1 2  ? -12.978 -6.285  5.719   1.00 26.10 ? 2   DG  A "H2'"  1 
ATOM   56  H  "H2''" . DG  A 1 2  ? -12.244 -5.006  6.337   1.00 26.10 ? 2   DG  A "H2''" 1 
ATOM   57  H  "H1'"  . DG  A 1 2  ? -11.522 -6.163  8.153   1.00 27.28 ? 2   DG  A "H1'"  1 
ATOM   58  H  H8     . DG  A 1 2  ? -11.858 -8.172  5.126   1.00 22.36 ? 2   DG  A H8     1 
ATOM   59  H  H1     . DG  A 1 2  ? -7.288  -10.074 8.728   1.00 22.21 ? 2   DG  A H1     1 
ATOM   60  H  H21    . DG  A 1 2  ? -8.331  -7.906  10.918  1.00 18.59 ? 2   DG  A H21    1 
ATOM   61  H  H22    . DG  A 1 2  ? -7.326  -8.965  10.626  1.00 18.59 ? 2   DG  A H22    1 
ATOM   62  P  P      . DC  A 1 3  ? -13.682 -2.880  7.825   1.00 34.49 ? 3   DC  A P      1 
ATOM   63  O  OP1    . DC  A 1 3  ? -14.685 -2.133  8.623   1.00 28.57 ? 3   DC  A OP1    1 
ATOM   64  O  OP2    . DC  A 1 3  ? -13.653 -2.741  6.361   1.00 29.44 ? 3   DC  A OP2    1 
ATOM   65  O  "O5'"  . DC  A 1 3  ? -12.214 -2.510  8.323   1.00 27.00 ? 3   DC  A "O5'"  1 
ATOM   66  C  "C5'"  . DC  A 1 3  ? -11.895 -2.633  9.707   1.00 26.12 ? 3   DC  A "C5'"  1 
ATOM   67  C  "C4'"  . DC  A 1 3  ? -10.403 -2.863  9.883   1.00 27.82 ? 3   DC  A "C4'"  1 
ATOM   68  O  "O4'"  . DC  A 1 3  ? -9.981  -4.139  9.328   1.00 26.86 ? 3   DC  A "O4'"  1 
ATOM   69  C  "C3'"  . DC  A 1 3  ? -9.552  -1.815  9.177   1.00 28.07 ? 3   DC  A "C3'"  1 
ATOM   70  O  "O3'"  . DC  A 1 3  ? -9.357  -0.755  10.081  1.00 34.41 ? 3   DC  A "O3'"  1 
ATOM   71  C  "C2'"  . DC  A 1 3  ? -8.264  -2.561  8.845   1.00 29.10 ? 3   DC  A "C2'"  1 
ATOM   72  C  "C1'"  . DC  A 1 3  ? -8.617  -4.041  8.982   1.00 26.91 ? 3   DC  A "C1'"  1 
ATOM   73  N  N1     . DC  A 1 3  ? -8.416  -4.839  7.736   1.00 21.81 ? 3   DC  A N1     1 
ATOM   74  C  C2     . DC  A 1 3  ? -7.420  -5.810  7.680   1.00 23.07 ? 3   DC  A C2     1 
ATOM   75  O  O2     . DC  A 1 3  ? -6.709  -5.997  8.669   1.00 27.47 ? 3   DC  A O2     1 
ATOM   76  N  N3     . DC  A 1 3  ? -7.261  -6.534  6.545   1.00 21.81 ? 3   DC  A N3     1 
ATOM   77  C  C4     . DC  A 1 3  ? -8.040  -6.294  5.495   1.00 25.67 ? 3   DC  A C4     1 
ATOM   78  N  N4     . DC  A 1 3  ? -7.849  -7.039  4.388   1.00 22.88 ? 3   DC  A N4     1 
ATOM   79  C  C5     . DC  A 1 3  ? -9.056  -5.295  5.528   1.00 28.88 ? 3   DC  A C5     1 
ATOM   80  C  C6     . DC  A 1 3  ? -9.212  -4.603  6.655   1.00 24.49 ? 3   DC  A C6     1 
ATOM   81  H  "H5'"  . DC  A 1 3  ? -12.382 -3.382  10.084  1.00 26.12 ? 3   DC  A "H5'"  1 
ATOM   82  H  "H5''" . DC  A 1 3  ? -12.151 -1.819  10.169  1.00 26.12 ? 3   DC  A "H5''" 1 
ATOM   83  H  "H4'"  . DC  A 1 3  ? -10.194 -2.847  10.827  1.00 27.82 ? 3   DC  A "H4'"  1 
ATOM   84  H  "H3'"  . DC  A 1 3  ? -9.987  -1.504  8.368   1.00 28.07 ? 3   DC  A "H3'"  1 
ATOM   85  H  "H2'"  . DC  A 1 3  ? -7.987  -2.365  7.938   1.00 29.10 ? 3   DC  A "H2'"  1 
ATOM   86  H  "H2''" . DC  A 1 3  ? -7.564  -2.323  9.473   1.00 29.10 ? 3   DC  A "H2''" 1 
ATOM   87  H  "H1'"  . DC  A 1 3  ? -8.087  -4.425  9.696   1.00 26.91 ? 3   DC  A "H1'"  1 
ATOM   88  H  H41    . DC  A 1 3  ? -8.338  -6.909  3.693   1.00 22.88 ? 3   DC  A H41    1 
ATOM   89  H  H42    . DC  A 1 3  ? -7.239  -7.645  4.378   1.00 22.88 ? 3   DC  A H42    1 
ATOM   90  H  H5     . DC  A 1 3  ? -9.607  -5.146  4.793   1.00 28.88 ? 3   DC  A H5     1 
ATOM   91  H  H6     . DC  A 1 3  ? -9.872  -3.950  6.705   1.00 24.49 ? 3   DC  A H6     1 
ATOM   92  P  P      . DA  A 1 4  ? -8.399  0.475   9.701   1.00 39.04 ? 4   DA  A P      1 
ATOM   93  O  OP1    . DA  A 1 4  ? -8.802  1.579   10.594  1.00 41.78 ? 4   DA  A OP1    1 
ATOM   94  O  OP2    . DA  A 1 4  ? -8.348  0.617   8.219   1.00 29.84 ? 4   DA  A OP2    1 
ATOM   95  O  "O5'"  . DA  A 1 4  ? -6.964  -0.014  10.156  1.00 33.44 ? 4   DA  A "O5'"  1 
ATOM   96  C  "C5'"  . DA  A 1 4  ? -6.717  -0.332  11.507  1.00 40.38 ? 4   DA  A "C5'"  1 
ATOM   97  C  "C4'"  . DA  A 1 4  ? -5.337  -0.928  11.574  1.00 36.00 ? 4   DA  A "C4'"  1 
ATOM   98  O  "O4'"  . DA  A 1 4  ? -5.214  -1.986  10.586  1.00 46.84 ? 4   DA  A "O4'"  1 
ATOM   99  C  "C3'"  . DA  A 1 4  ? -4.237  0.064   11.245  1.00 36.70 ? 4   DA  A "C3'"  1 
ATOM   100 O  "O3'"  . DA  A 1 4  ? -3.234  -0.161  12.207  1.00 40.83 ? 4   DA  A "O3'"  1 
ATOM   101 C  "C2'"  . DA  A 1 4  ? -3.844  -0.259  9.800   1.00 36.31 ? 4   DA  A "C2'"  1 
ATOM   102 C  "C1'"  . DA  A 1 4  ? -4.152  -1.750  9.684   1.00 35.63 ? 4   DA  A "C1'"  1 
ATOM   103 N  N9     . DA  A 1 4  ? -4.578  -2.216  8.363   1.00 25.71 ? 4   DA  A N9     1 
ATOM   104 C  C8     . DA  A 1 4  ? -5.439  -1.600  7.511   1.00 24.19 ? 4   DA  A C8     1 
ATOM   105 N  N7     . DA  A 1 4  ? -5.645  -2.249  6.388   1.00 22.86 ? 4   DA  A N7     1 
ATOM   106 C  C5     . DA  A 1 4  ? -4.845  -3.368  6.501   1.00 26.15 ? 4   DA  A C5     1 
ATOM   107 C  C6     . DA  A 1 4  ? -4.611  -4.453  5.634   1.00 24.36 ? 4   DA  A C6     1 
ATOM   108 N  N6     . DA  A 1 4  ? -5.195  -4.585  4.431   1.00 23.98 ? 4   DA  A N6     1 
ATOM   109 N  N1     . DA  A 1 4  ? -3.741  -5.406  6.059   1.00 25.85 ? 4   DA  A N1     1 
ATOM   110 C  C2     . DA  A 1 4  ? -3.160  -5.270  7.262   1.00 27.12 ? 4   DA  A C2     1 
ATOM   111 N  N3     . DA  A 1 4  ? -3.312  -4.295  8.163   1.00 34.74 ? 4   DA  A N3     1 
ATOM   112 C  C4     . DA  A 1 4  ? -4.176  -3.364  7.711   1.00 22.27 ? 4   DA  A C4     1 
ATOM   113 H  "H5'"  . DA  A 1 4  ? -7.371  -0.976  11.820  1.00 40.38 ? 4   DA  A "H5'"  1 
ATOM   114 H  "H5''" . DA  A 1 4  ? -6.757  0.471   12.048  1.00 40.38 ? 4   DA  A "H5''" 1 
ATOM   115 H  "H4'"  . DA  A 1 4  ? -5.186  -1.295  12.459  1.00 36.00 ? 4   DA  A "H4'"  1 
ATOM   116 H  "H3'"  . DA  A 1 4  ? -4.573  0.973   11.310  1.00 36.70 ? 4   DA  A "H3'"  1 
ATOM   117 H  "H2'"  . DA  A 1 4  ? -4.381  0.253   9.177   1.00 36.31 ? 4   DA  A "H2'"  1 
ATOM   118 H  "H2''" . DA  A 1 4  ? -2.899  -0.093  9.659   1.00 36.31 ? 4   DA  A "H2''" 1 
ATOM   119 H  "H1'"  . DA  A 1 4  ? -3.375  -2.259  9.967   1.00 35.63 ? 4   DA  A "H1'"  1 
ATOM   120 H  H8     . DA  A 1 4  ? -5.866  -0.799  7.716   1.00 24.19 ? 4   DA  A H8     1 
ATOM   121 H  H61    . DA  A 1 4  ? -5.016  -5.268  3.939   1.00 23.98 ? 4   DA  A H61    1 
ATOM   122 H  H62    . DA  A 1 4  ? -5.747  -3.987  4.153   1.00 23.98 ? 4   DA  A H62    1 
ATOM   123 H  H2     . DA  A 1 4  ? -2.580  -5.954  7.506   1.00 27.12 ? 4   DA  A H2     1 
ATOM   124 P  P      . DA  A 1 5  ? -1.932  0.776   12.265  1.00 46.80 ? 5   DA  A P      1 
ATOM   125 O  OP1    . DA  A 1 5  ? -1.481  0.761   13.671  1.00 38.00 ? 5   DA  A OP1    1 
ATOM   126 O  OP2    . DA  A 1 5  ? -2.230  2.022   11.539  1.00 37.23 ? 5   DA  A OP2    1 
ATOM   127 O  "O5'"  . DA  A 1 5  ? -0.848  -0.035  11.439  1.00 32.91 ? 5   DA  A "O5'"  1 
ATOM   128 C  "C5'"  . DA  A 1 5  ? -0.398  -1.269  11.939  1.00 28.66 ? 5   DA  A "C5'"  1 
ATOM   129 C  "C4'"  . DA  A 1 5  ? 0.496   -1.888  10.898  1.00 39.83 ? 5   DA  A "C4'"  1 
ATOM   130 O  "O4'"  . DA  A 1 5  ? -0.278  -2.040  9.691   1.00 30.45 ? 5   DA  A "O4'"  1 
ATOM   131 C  "C3'"  . DA  A 1 5  ? 1.719   -1.063  10.504  1.00 36.17 ? 5   DA  A "C3'"  1 
ATOM   132 O  "O3'"  . DA  A 1 5  ? 2.810   -1.959  10.625  1.00 51.82 ? 5   DA  A "O3'"  1 
ATOM   133 C  "C2'"  . DA  A 1 5  ? 1.419   -0.606  9.074   1.00 40.80 ? 5   DA  A "C2'"  1 
ATOM   134 C  "C1'"  . DA  A 1 5  ? 0.518   -1.734  8.578   1.00 31.60 ? 5   DA  A "C1'"  1 
ATOM   135 N  N9     . DA  A 1 5  ? -0.446  -1.465  7.529   1.00 21.46 ? 5   DA  A N9     1 
ATOM   136 C  C8     . DA  A 1 5  ? -1.312  -0.420  7.412   1.00 29.36 ? 5   DA  A C8     1 
ATOM   137 N  N7     . DA  A 1 5  ? -2.088  -0.484  6.348   1.00 25.10 ? 5   DA  A N7     1 
ATOM   138 C  C5     . DA  A 1 5  ? -1.713  -1.658  5.727   1.00 20.22 ? 5   DA  A C5     1 
ATOM   139 C  C6     . DA  A 1 5  ? -2.154  -2.311  4.556   1.00 22.54 ? 5   DA  A C6     1 
ATOM   140 N  N6     . DA  A 1 5  ? -3.105  -1.859  3.755   1.00 28.04 ? 5   DA  A N6     1 
ATOM   141 N  N1     . DA  A 1 5  ? -1.573  -3.464  4.218   1.00 23.82 ? 5   DA  A N1     1 
ATOM   142 C  C2     . DA  A 1 5  ? -0.613  -3.954  5.005   1.00 30.26 ? 5   DA  A C2     1 
ATOM   143 N  N3     . DA  A 1 5  ? -0.123  -3.437  6.131   1.00 30.45 ? 5   DA  A N3     1 
ATOM   144 C  C4     . DA  A 1 5  ? -0.717  -2.277  6.443   1.00 29.99 ? 5   DA  A C4     1 
ATOM   145 H  "H5'"  . DA  A 1 5  ? -1.154  -1.851  12.110  1.00 28.66 ? 5   DA  A "H5'"  1 
ATOM   146 H  "H5''" . DA  A 1 5  ? 0.101   -1.129  12.759  1.00 28.66 ? 5   DA  A "H5''" 1 
ATOM   147 H  "H4'"  . DA  A 1 5  ? 0.785   -2.762  11.203  1.00 39.83 ? 5   DA  A "H4'"  1 
ATOM   148 H  "H3'"  . DA  A 1 5  ? 1.827   -0.303  11.097  1.00 36.17 ? 5   DA  A "H3'"  1 
ATOM   149 H  "H2'"  . DA  A 1 5  ? 0.946   0.241   9.073   1.00 40.80 ? 5   DA  A "H2'"  1 
ATOM   150 H  "H2''" . DA  A 1 5  ? 2.232   -0.555  8.547   1.00 40.80 ? 5   DA  A "H2''" 1 
ATOM   151 H  "H1'"  . DA  A 1 5  ? 1.057   -2.504  8.340   1.00 31.60 ? 5   DA  A "H1'"  1 
ATOM   152 H  H8     . DA  A 1 5  ? -1.348  0.279   8.023   1.00 29.36 ? 5   DA  A H8     1 
ATOM   153 H  H61    . DA  A 1 5  ? -3.325  -2.305  3.053   1.00 28.04 ? 5   DA  A H61    1 
ATOM   154 H  H62    . DA  A 1 5  ? -3.505  -1.119  3.937   1.00 28.04 ? 5   DA  A H62    1 
ATOM   155 H  H2     . DA  A 1 5  ? -0.241  -4.761  4.735   1.00 30.26 ? 5   DA  A H2     1 
ATOM   156 P  P      . DA  A 1 6  ? 4.311   -1.478  10.336  1.00 45.06 ? 6   DA  A P      1 
ATOM   157 O  OP1    . DA  A 1 6  ? 5.163   -2.226  11.304  1.00 46.94 ? 6   DA  A OP1    1 
ATOM   158 O  OP2    . DA  A 1 6  ? 4.308   -0.007  10.237  1.00 33.13 ? 6   DA  A OP2    1 
ATOM   159 O  "O5'"  . DA  A 1 6  ? 4.595   -1.995  8.856   1.00 34.59 ? 6   DA  A "O5'"  1 
ATOM   160 C  "C5'"  . DA  A 1 6  ? 4.509   -3.369  8.594   1.00 30.44 ? 6   DA  A "C5'"  1 
ATOM   161 C  "C4'"  . DA  A 1 6  ? 4.830   -3.641  7.142   1.00 31.43 ? 6   DA  A "C4'"  1 
ATOM   162 O  "O4'"  . DA  A 1 6  ? 3.698   -3.285  6.297   1.00 31.72 ? 6   DA  A "O4'"  1 
ATOM   163 C  "C3'"  . DA  A 1 6  ? 6.033   -2.882  6.597   1.00 27.12 ? 6   DA  A "C3'"  1 
ATOM   164 O  "O3'"  . DA  A 1 6  ? 6.794   -3.831  5.868   1.00 30.73 ? 6   DA  A "O3'"  1 
ATOM   165 C  "C2'"  . DA  A 1 6  ? 5.395   -1.794  5.723   1.00 25.07 ? 6   DA  A "C2'"  1 
ATOM   166 C  "C1'"  . DA  A 1 6  ? 4.105   -2.461  5.222   1.00 30.74 ? 6   DA  A "C1'"  1 
ATOM   167 N  N9     . DA  A 1 6  ? 2.972   -1.583  4.910   1.00 20.58 ? 6   DA  A N9     1 
ATOM   168 C  C8     . DA  A 1 6  ? 2.553   -0.500  5.629   1.00 23.71 ? 6   DA  A C8     1 
ATOM   169 N  N7     . DA  A 1 6  ? 1.499   0.100   5.142   1.00 26.95 ? 6   DA  A N7     1 
ATOM   170 C  C5     . DA  A 1 6  ? 1.194   -0.658  4.019   1.00 32.07 ? 6   DA  A C5     1 
ATOM   171 C  C6     . DA  A 1 6  ? 0.174   -0.543  3.046   1.00 23.57 ? 6   DA  A C6     1 
ATOM   172 N  N6     . DA  A 1 6  ? -0.756  0.415   3.072   1.00 25.07 ? 6   DA  A N6     1 
ATOM   173 N  N1     . DA  A 1 6  ? 0.153   -1.444  2.046   1.00 24.81 ? 6   DA  A N1     1 
ATOM   174 C  C2     . DA  A 1 6  ? 1.086   -2.408  2.034   1.00 22.53 ? 6   DA  A C2     1 
ATOM   175 N  N3     . DA  A 1 6  ? 2.090   -2.615  2.881   1.00 28.71 ? 6   DA  A N3     1 
ATOM   176 C  C4     . DA  A 1 6  ? 2.089   -1.696  3.865   1.00 24.05 ? 6   DA  A C4     1 
ATOM   177 H  "H5'"  . DA  A 1 6  ? 3.611   -3.677  8.788   1.00 30.44 ? 6   DA  A "H5'"  1 
ATOM   178 H  "H5''" . DA  A 1 6  ? 5.141   -3.844  9.158   1.00 30.44 ? 6   DA  A "H5''" 1 
ATOM   179 H  "H4'"  . DA  A 1 6  ? 4.998   -4.591  7.042   1.00 31.43 ? 6   DA  A "H4'"  1 
ATOM   180 H  "H3'"  . DA  A 1 6  ? 6.553   -2.494  7.316   1.00 27.12 ? 6   DA  A "H3'"  1 
ATOM   181 H  "H2'"  . DA  A 1 6  ? 5.190   -1.007  6.252   1.00 25.07 ? 6   DA  A "H2'"  1 
ATOM   182 H  "H2''" . DA  A 1 6  ? 5.975   -1.568  4.980   1.00 25.07 ? 6   DA  A "H2''" 1 
ATOM   183 H  "H1'"  . DA  A 1 6  ? 4.307   -3.014  4.451   1.00 30.74 ? 6   DA  A "H1'"  1 
ATOM   184 H  H8     . DA  A 1 6  ? 2.984   -0.213  6.402   1.00 23.71 ? 6   DA  A H8     1 
ATOM   185 H  H61    . DA  A 1 6  ? -1.355  0.449   2.456   1.00 25.07 ? 6   DA  A H61    1 
ATOM   186 H  H62    . DA  A 1 6  ? -0.756  0.998   3.704   1.00 25.07 ? 6   DA  A H62    1 
ATOM   187 H  H2     . DA  A 1 6  ? 1.029   -3.009  1.328   1.00 22.53 ? 6   DA  A H2     1 
ATOM   188 P  P      . DT  A 1 7  ? 8.194   -3.426  5.200   1.00 28.20 ? 7   DT  A P      1 
ATOM   189 O  OP1    . DT  A 1 7  ? 9.034   -4.627  5.315   1.00 23.75 ? 7   DT  A OP1    1 
ATOM   190 O  OP2    . DT  A 1 7  ? 8.657   -2.118  5.715   1.00 26.24 ? 7   DT  A OP2    1 
ATOM   191 O  "O5'"  . DT  A 1 7  ? 7.823   -3.209  3.668   1.00 26.24 ? 7   DT  A "O5'"  1 
ATOM   192 C  "C5'"  . DT  A 1 7  ? 7.262   -4.265  2.938   1.00 27.42 ? 7   DT  A "C5'"  1 
ATOM   193 C  "C4'"  . DT  A 1 7  ? 6.606   -3.765  1.655   1.00 23.90 ? 7   DT  A "C4'"  1 
ATOM   194 O  "O4'"  . DT  A 1 7  ? 5.561   -2.816  1.940   1.00 21.70 ? 7   DT  A "O4'"  1 
ATOM   195 C  "C3'"  . DT  A 1 7  ? 7.551   -3.043  0.709   1.00 25.92 ? 7   DT  A "C3'"  1 
ATOM   196 O  "O3'"  . DT  A 1 7  ? 7.839   -3.907  -0.380  1.00 28.09 ? 7   DT  A "O3'"  1 
ATOM   197 C  "C2'"  . DT  A 1 7  ? 6.803   -1.768  0.315   1.00 26.87 ? 7   DT  A "C2'"  1 
ATOM   198 C  "C1'"  . DT  A 1 7  ? 5.387   -2.039  0.780   1.00 23.54 ? 7   DT  A "C1'"  1 
ATOM   199 N  N1     . DT  A 1 7  ? 4.562   -0.857  1.146   1.00 25.25 ? 7   DT  A N1     1 
ATOM   200 C  C2     . DT  A 1 7  ? 3.465   -0.554  0.371   1.00 26.59 ? 7   DT  A C2     1 
ATOM   201 O  O2     . DT  A 1 7  ? 3.148   -1.178  -0.627  1.00 31.87 ? 7   DT  A O2     1 
ATOM   202 N  N3     . DT  A 1 7  ? 2.739   0.521   0.799   1.00 23.09 ? 7   DT  A N3     1 
ATOM   203 C  C4     . DT  A 1 7  ? 2.993   1.309   1.887   1.00 26.40 ? 7   DT  A C4     1 
ATOM   204 O  O4     . DT  A 1 7  ? 2.285   2.250   2.195   1.00 24.32 ? 7   DT  A O4     1 
ATOM   205 C  C5     . DT  A 1 7  ? 4.125   0.933   2.670   1.00 17.89 ? 7   DT  A C5     1 
ATOM   206 C  C7     . DT  A 1 7  ? 4.441   1.757   3.887   1.00 30.85 ? 7   DT  A C7     1 
ATOM   207 C  C6     . DT  A 1 7  ? 4.856   -0.117  2.273   1.00 31.07 ? 7   DT  A C6     1 
ATOM   208 H  "H5'"  . DT  A 1 7  ? 6.595   -4.709  3.483   1.00 27.42 ? 7   DT  A "H5'"  1 
ATOM   209 H  "H5''" . DT  A 1 7  ? 7.960   -4.900  2.710   1.00 27.42 ? 7   DT  A "H5''" 1 
ATOM   210 H  "H4'"  . DT  A 1 7  ? 6.225   -4.521  1.189   1.00 23.90 ? 7   DT  A "H4'"  1 
ATOM   211 H  "H3'"  . DT  A 1 7  ? 8.370   -2.814  1.174   1.00 25.92 ? 7   DT  A "H3'"  1 
ATOM   212 H  "H2'"  . DT  A 1 7  ? 7.173   -0.998  0.775   1.00 26.87 ? 7   DT  A "H2'"  1 
ATOM   213 H  "H2''" . DT  A 1 7  ? 6.828   -1.639  -0.646  1.00 26.87 ? 7   DT  A "H2''" 1 
ATOM   214 H  "H1'"  . DT  A 1 7  ? 4.925   -2.564  0.111   1.00 23.54 ? 7   DT  A "H1'"  1 
ATOM   215 H  H3     . DT  A 1 7  ? 2.059   0.739   0.320   1.00 23.09 ? 7   DT  A H3     1 
ATOM   216 H  H71    . DT  A 1 7  ? 5.006   1.244   4.487   1.00 30.85 ? 7   DT  A H71    1 
ATOM   217 H  H72    . DT  A 1 7  ? 4.903   2.566   3.618   1.00 30.85 ? 7   DT  A H72    1 
ATOM   218 H  H73    . DT  A 1 7  ? 3.617   1.991   4.342   1.00 30.85 ? 7   DT  A H73    1 
ATOM   219 H  H6     . DT  A 1 7  ? 5.595   -0.362  2.782   1.00 31.07 ? 7   DT  A H6     1 
ATOM   220 P  P      . DT  A 1 8  ? 8.894   -3.475  -1.510  1.00 33.86 ? 8   DT  A P      1 
ATOM   221 O  OP1    . DT  A 1 8  ? 9.455   -4.736  -2.055  1.00 34.39 ? 8   DT  A OP1    1 
ATOM   222 O  OP2    . DT  A 1 8  ? 9.778   -2.419  -0.975  1.00 29.05 ? 8   DT  A OP2    1 
ATOM   223 O  "O5'"  . DT  A 1 8  ? 7.970   -2.814  -2.623  1.00 28.15 ? 8   DT  A "O5'"  1 
ATOM   224 C  "C5'"  . DT  A 1 8  ? 7.006   -3.614  -3.272  1.00 25.75 ? 8   DT  A "C5'"  1 
ATOM   225 C  "C4'"  . DT  A 1 8  ? 6.203   -2.758  -4.224  1.00 31.84 ? 8   DT  A "C4'"  1 
ATOM   226 O  "O4'"  . DT  A 1 8  ? 5.528   -1.725  -3.482  1.00 25.21 ? 8   DT  A "O4'"  1 
ATOM   227 C  "C3'"  . DT  A 1 8  ? 7.015   -2.030  -5.290  1.00 17.76 ? 8   DT  A "C3'"  1 
ATOM   228 O  "O3'"  . DT  A 1 8  ? 6.452   -2.389  -6.516  1.00 46.98 ? 8   DT  A "O3'"  1 
ATOM   229 C  "C2'"  . DT  A 1 8  ? 6.879   -0.536  -4.970  1.00 19.88 ? 8   DT  A "C2'"  1 
ATOM   230 C  "C1'"  . DT  A 1 8  ? 5.556   -0.510  -4.219  1.00 27.32 ? 8   DT  A "C1'"  1 
ATOM   231 N  N1     . DT  A 1 8  ? 5.309   0.567   -3.209  1.00 21.60 ? 8   DT  A N1     1 
ATOM   232 C  C2     . DT  A 1 8  ? 4.153   1.321   -3.296  1.00 25.61 ? 8   DT  A C2     1 
ATOM   233 O  O2     . DT  A 1 8  ? 3.338   1.200   -4.188  1.00 25.18 ? 8   DT  A O2     1 
ATOM   234 N  N3     . DT  A 1 8  ? 3.976   2.247   -2.299  1.00 22.85 ? 8   DT  A N3     1 
ATOM   235 C  C4     . DT  A 1 8  ? 4.822   2.495   -1.238  1.00 25.19 ? 8   DT  A C4     1 
ATOM   236 O  O4     . DT  A 1 8  ? 4.568   3.361   -0.400  1.00 18.40 ? 8   DT  A O4     1 
ATOM   237 C  C5     . DT  A 1 8  ? 6.000   1.658   -1.184  1.00 23.28 ? 8   DT  A C5     1 
ATOM   238 C  C7     . DT  A 1 8  ? 6.995   1.843   -0.073  1.00 27.61 ? 8   DT  A C7     1 
ATOM   239 C  C6     . DT  A 1 8  ? 6.189   0.745   -2.151  1.00 27.73 ? 8   DT  A C6     1 
ATOM   240 H  "H5'"  . DT  A 1 8  ? 6.414   -4.007  -2.612  1.00 25.75 ? 8   DT  A "H5'"  1 
ATOM   241 H  "H5''" . DT  A 1 8  ? 7.451   -4.320  -3.768  1.00 25.75 ? 8   DT  A "H5''" 1 
ATOM   242 H  "H4'"  . DT  A 1 8  ? 5.543   -3.313  -4.662  1.00 31.84 ? 8   DT  A "H4'"  1 
ATOM   243 H  "H3'"  . DT  A 1 8  ? 7.945   -2.302  -5.250  1.00 17.76 ? 8   DT  A "H3'"  1 
ATOM   244 H  "H2'"  . DT  A 1 8  ? 7.606   -0.236  -4.402  1.00 19.88 ? 8   DT  A "H2'"  1 
ATOM   245 H  "H2''" . DT  A 1 8  ? 6.827   -0.010  -5.782  1.00 19.88 ? 8   DT  A "H2''" 1 
ATOM   246 H  "H1'"  . DT  A 1 8  ? 4.831   -0.516  -4.862  1.00 27.32 ? 8   DT  A "H1'"  1 
ATOM   247 H  H3     . DT  A 1 8  ? 3.272   2.738   -2.351  1.00 22.85 ? 8   DT  A H3     1 
ATOM   248 H  H71    . DT  A 1 8  ? 6.966   2.762   0.237   1.00 27.61 ? 8   DT  A H71    1 
ATOM   249 H  H72    . DT  A 1 8  ? 6.777   1.247   0.660   1.00 27.61 ? 8   DT  A H72    1 
ATOM   250 H  H73    . DT  A 1 8  ? 7.886   1.641   -0.400  1.00 27.61 ? 8   DT  A H73    1 
ATOM   251 H  H6     . DT  A 1 8  ? 6.949   0.209   -2.112  1.00 27.73 ? 8   DT  A H6     1 
ATOM   252 P  P      . DT  A 1 9  ? 7.104   -1.883  -7.887  1.00 36.16 ? 9   DT  A P      1 
ATOM   253 O  OP1    . DT  A 1 9  ? 6.905   -2.975  -8.847  1.00 38.55 ? 9   DT  A OP1    1 
ATOM   254 O  OP2    . DT  A 1 9  ? 8.415   -1.293  -7.613  1.00 30.10 ? 9   DT  A OP2    1 
ATOM   255 O  "O5'"  . DT  A 1 9  ? 6.176   -0.670  -8.322  1.00 29.27 ? 9   DT  A "O5'"  1 
ATOM   256 C  "C5'"  . DT  A 1 9  ? 4.807   -0.935  -8.502  1.00 31.85 ? 9   DT  A "C5'"  1 
ATOM   257 C  "C4'"  . DT  A 1 9  ? 4.092   0.369   -8.761  1.00 42.31 ? 9   DT  A "C4'"  1 
ATOM   258 O  "O4'"  . DT  A 1 9  ? 4.093   1.201   -7.573  1.00 34.19 ? 9   DT  A "O4'"  1 
ATOM   259 C  "C3'"  . DT  A 1 9  ? 4.718   1.202   -9.871  1.00 28.97 ? 9   DT  A "C3'"  1 
ATOM   260 O  "O3'"  . DT  A 1 9  ? 3.771   1.239   -10.921 1.00 39.76 ? 9   DT  A "O3'"  1 
ATOM   261 C  "C2'"  . DT  A 1 9  ? 5.013   2.567   -9.230  1.00 45.53 ? 9   DT  A "C2'"  1 
ATOM   262 C  "C1'"  . DT  A 1 9  ? 4.177   2.558   -7.957  1.00 29.26 ? 9   DT  A "C1'"  1 
ATOM   263 N  N1     . DT  A 1 9  ? 4.721   3.228   -6.755  1.00 31.58 ? 9   DT  A N1     1 
ATOM   264 C  C2     . DT  A 1 9  ? 3.981   4.203   -6.120  1.00 29.15 ? 9   DT  A C2     1 
ATOM   265 O  O2     . DT  A 1 9  ? 2.888   4.585   -6.513  1.00 29.74 ? 9   DT  A O2     1 
ATOM   266 N  N3     . DT  A 1 9  ? 4.569   4.719   -4.991  1.00 25.16 ? 9   DT  A N3     1 
ATOM   267 C  C4     . DT  A 1 9  ? 5.791   4.377   -4.455  1.00 19.19 ? 9   DT  A C4     1 
ATOM   268 O  O4     . DT  A 1 9  ? 6.238   4.906   -3.432  1.00 25.28 ? 9   DT  A O4     1 
ATOM   269 C  C5     . DT  A 1 9  ? 6.503   3.359   -5.171  1.00 22.98 ? 9   DT  A C5     1 
ATOM   270 C  C7     . DT  A 1 9  ? 7.841   2.899   -4.669  1.00 31.95 ? 9   DT  A C7     1 
ATOM   271 C  C6     . DT  A 1 9  ? 5.943   2.837   -6.268  1.00 27.70 ? 9   DT  A C6     1 
ATOM   272 H  "H5'"  . DT  A 1 9  ? 4.447   -1.350  -7.702  1.00 31.85 ? 9   DT  A "H5'"  1 
ATOM   273 H  "H5''" . DT  A 1 9  ? 4.686   -1.529  -9.259  1.00 31.85 ? 9   DT  A "H5''" 1 
ATOM   274 H  "H4'"  . DT  A 1 9  ? 3.179   0.174   -9.004  1.00 42.31 ? 9   DT  A "H4'"  1 
ATOM   275 H  "H3'"  . DT  A 1 9  ? 5.540   0.789   -10.177 1.00 28.97 ? 9   DT  A "H3'"  1 
ATOM   276 H  "H2'"  . DT  A 1 9  ? 5.956   2.647   -9.018  1.00 45.53 ? 9   DT  A "H2'"  1 
ATOM   277 H  "H2''" . DT  A 1 9  ? 4.733   3.287   -9.817  1.00 45.53 ? 9   DT  A "H2''" 1 
ATOM   278 H  "H1'"  . DT  A 1 9  ? 3.288   2.895   -8.149  1.00 29.26 ? 9   DT  A "H1'"  1 
ATOM   279 H  H3     . DT  A 1 9  ? 4.133   5.338   -4.582  1.00 25.16 ? 9   DT  A H3     1 
ATOM   280 H  H71    . DT  A 1 9  ? 8.286   3.631   -4.216  1.00 31.95 ? 9   DT  A H71    1 
ATOM   281 H  H72    . DT  A 1 9  ? 7.719   2.163   -4.050  1.00 31.95 ? 9   DT  A H72    1 
ATOM   282 H  H73    . DT  A 1 9  ? 8.384   2.606   -5.418  1.00 31.95 ? 9   DT  A H73    1 
ATOM   283 H  H6     . DT  A 1 9  ? 6.403   2.166   -6.720  1.00 27.70 ? 9   DT  A H6     1 
ATOM   284 P  P      . DG  A 1 10 ? 4.199   1.726   -12.386 1.00 44.97 ? 10  DG  A P      1 
ATOM   285 O  OP1    . DG  A 1 10 ? 3.242   1.074   -13.309 1.00 54.41 ? 10  DG  A OP1    1 
ATOM   286 O  OP2    . DG  A 1 10 ? 5.645   1.566   -12.564 1.00 26.28 ? 10  DG  A OP2    1 
ATOM   287 O  "O5'"  . DG  A 1 10 ? 3.969   3.319   -12.351 1.00 31.65 ? 10  DG  A "O5'"  1 
ATOM   288 C  "C5'"  . DG  A 1 10 ? 2.683   3.874   -12.188 1.00 44.43 ? 10  DG  A "C5'"  1 
ATOM   289 C  "C4'"  . DG  A 1 10 ? 2.826   5.364   -11.951 1.00 47.37 ? 10  DG  A "C4'"  1 
ATOM   290 O  "O4'"  . DG  A 1 10 ? 3.505   5.578   -10.682 1.00 37.05 ? 10  DG  A "O4'"  1 
ATOM   291 C  "C3'"  . DG  A 1 10 ? 3.667   6.130   -12.970 1.00 29.49 ? 10  DG  A "C3'"  1 
ATOM   292 O  "O3'"  . DG  A 1 10 ? 3.121   7.416   -13.131 1.00 40.08 ? 10  DG  A "O3'"  1 
ATOM   293 C  "C2'"  . DG  A 1 10 ? 5.027   6.241   -12.285 1.00 43.85 ? 10  DG  A "C2'"  1 
ATOM   294 C  "C1'"  . DG  A 1 10 ? 4.543   6.521   -10.865 1.00 28.31 ? 10  DG  A "C1'"  1 
ATOM   295 N  N9     . DG  A 1 10 ? 5.490   6.362   -9.760  1.00 36.20 ? 10  DG  A N9     1 
ATOM   296 C  C8     . DG  A 1 10 ? 6.645   5.613   -9.684  1.00 34.37 ? 10  DG  A C8     1 
ATOM   297 N  N7     . DG  A 1 10 ? 7.241   5.709   -8.516  1.00 38.62 ? 10  DG  A N7     1 
ATOM   298 C  C5     . DG  A 1 10 ? 6.431   6.572   -7.777  1.00 31.69 ? 10  DG  A C5     1 
ATOM   299 C  C6     . DG  A 1 10 ? 6.534   7.056   -6.454  1.00 25.60 ? 10  DG  A C6     1 
ATOM   300 O  O6     . DG  A 1 10 ? 7.410   6.806   -5.616  1.00 21.81 ? 10  DG  A O6     1 
ATOM   301 N  N1     . DG  A 1 10 ? 5.485   7.923   -6.114  1.00 23.81 ? 10  DG  A N1     1 
ATOM   302 C  C2     . DG  A 1 10 ? 4.448   8.265   -6.956  1.00 25.48 ? 10  DG  A C2     1 
ATOM   303 N  N2     . DG  A 1 10 ? 3.491   9.094   -6.499  1.00 21.88 ? 10  DG  A N2     1 
ATOM   304 N  N3     . DG  A 1 10 ? 4.340   7.797   -8.183  1.00 23.04 ? 10  DG  A N3     1 
ATOM   305 C  C4     . DG  A 1 10 ? 5.350   6.967   -8.528  1.00 33.08 ? 10  DG  A C4     1 
ATOM   306 H  "H5'"  . DG  A 1 10 ? 2.246   3.463   -11.425 1.00 44.43 ? 10  DG  A "H5'"  1 
ATOM   307 H  "H5''" . DG  A 1 10 ? 2.157   3.720   -12.988 1.00 44.43 ? 10  DG  A "H5''" 1 
ATOM   308 H  "H4'"  . DG  A 1 10 ? 1.943   5.762   -11.908 1.00 47.37 ? 10  DG  A "H4'"  1 
ATOM   309 H  "H3'"  . DG  A 1 10 ? 3.728   5.654   -13.813 1.00 29.49 ? 10  DG  A "H3'"  1 
ATOM   310 H  "H2'"  . DG  A 1 10 ? 5.518   5.406   -12.335 1.00 43.85 ? 10  DG  A "H2'"  1 
ATOM   311 H  "H2''" . DG  A 1 10 ? 5.541   6.984   -12.637 1.00 43.85 ? 10  DG  A "H2''" 1 
ATOM   312 H  "H1'"  . DG  A 1 10 ? 4.167   7.414   -10.830 1.00 28.31 ? 10  DG  A "H1'"  1 
ATOM   313 H  H8     . DG  A 1 10 ? 6.968   5.093   -10.385 1.00 34.37 ? 10  DG  A H8     1 
ATOM   314 H  H1     . DG  A 1 10 ? 5.480   8.252   -5.320  1.00 23.81 ? 10  DG  A H1     1 
ATOM   315 H  H21    . DG  A 1 10 ? 2.830   9.307   -7.005  1.00 21.88 ? 10  DG  A H21    1 
ATOM   316 H  H22    . DG  A 1 10 ? 3.541   9.410   -5.701  1.00 21.88 ? 10  DG  A H22    1 
ATOM   317 P  P      . DC  A 1 11 ? 2.329   7.808   -14.465 1.00 48.55 ? 11  DC  A P      1 
ATOM   318 O  OP1    . DC  A 1 11 ? 1.438   6.677   -14.798 1.00 52.04 ? 11  DC  A OP1    1 
ATOM   319 O  OP2    . DC  A 1 11 ? 3.340   8.273   -15.433 1.00 46.55 ? 11  DC  A OP2    1 
ATOM   320 O  "O5'"  . DC  A 1 11 ? 1.407   9.040   -14.005 1.00 39.72 ? 11  DC  A "O5'"  1 
ATOM   321 C  "C5'"  . DC  A 1 11 ? 0.275   8.731   -13.227 1.00 36.11 ? 11  DC  A "C5'"  1 
ATOM   322 C  "C4'"  . DC  A 1 11 ? 0.138   9.631   -12.006 1.00 54.15 ? 11  DC  A "C4'"  1 
ATOM   323 O  "O4'"  . DC  A 1 11 ? 1.297   9.591   -11.120 1.00 34.42 ? 11  DC  A "O4'"  1 
ATOM   324 C  "C3'"  . DC  A 1 11 ? -0.052  11.104  -12.308 1.00 34.94 ? 11  DC  A "C3'"  1 
ATOM   325 O  "O3'"  . DC  A 1 11 ? -1.006  11.537  -11.357 1.00 42.37 ? 11  DC  A "O3'"  1 
ATOM   326 C  "C2'"  . DC  A 1 11 ? 1.348   11.697  -12.125 1.00 24.74 ? 11  DC  A "C2'"  1 
ATOM   327 C  "C1'"  . DC  A 1 11 ? 1.801   10.907  -10.899 1.00 36.39 ? 11  DC  A "C1'"  1 
ATOM   328 N  N1     . DC  A 1 11 ? 3.253   10.689  -10.667 1.00 30.50 ? 11  DC  A N1     1 
ATOM   329 C  C2     . DC  A 1 11 ? 3.814   10.919  -9.408  1.00 25.38 ? 11  DC  A C2     1 
ATOM   330 O  O2     . DC  A 1 11 ? 3.086   11.334  -8.517  1.00 28.97 ? 11  DC  A O2     1 
ATOM   331 N  N3     . DC  A 1 11 ? 5.129   10.672  -9.185  1.00 20.69 ? 11  DC  A N3     1 
ATOM   332 C  C4     . DC  A 1 11 ? 5.881   10.210  -10.185 1.00 32.51 ? 11  DC  A C4     1 
ATOM   333 N  N4     . DC  A 1 11 ? 7.176   9.974   -9.947  1.00 31.44 ? 11  DC  A N4     1 
ATOM   334 C  C5     . DC  A 1 11 ? 5.338   9.970   -11.482 1.00 33.70 ? 11  DC  A C5     1 
ATOM   335 C  C6     . DC  A 1 11 ? 4.034   10.209  -11.676 1.00 39.04 ? 11  DC  A C6     1 
ATOM   336 H  "H5'"  . DC  A 1 11 ? 0.340   7.810   -12.928 1.00 36.11 ? 11  DC  A "H5'"  1 
ATOM   337 H  "H5''" . DC  A 1 11 ? -0.518  8.826   -13.777 1.00 36.11 ? 11  DC  A "H5''" 1 
ATOM   338 H  "H4'"  . DC  A 1 11 ? -0.633  9.329   -11.502 1.00 54.15 ? 11  DC  A "H4'"  1 
ATOM   339 H  "H3'"  . DC  A 1 11 ? -0.373  11.234  -13.214 1.00 34.94 ? 11  DC  A "H3'"  1 
ATOM   340 H  "H2'"  . DC  A 1 11 ? 1.911   11.512  -12.892 1.00 24.74 ? 11  DC  A "H2'"  1 
ATOM   341 H  "H2''" . DC  A 1 11 ? 1.305   12.647  -11.935 1.00 24.74 ? 11  DC  A "H2''" 1 
ATOM   342 H  "H1'"  . DC  A 1 11 ? 1.390   11.279  -10.105 1.00 36.39 ? 11  DC  A "H1'"  1 
ATOM   343 H  H41    . DC  A 1 11 ? 7.681   9.675   -10.576 1.00 31.44 ? 11  DC  A H41    1 
ATOM   344 H  H42    . DC  A 1 11 ? 7.503   10.120  -9.166  1.00 31.44 ? 11  DC  A H42    1 
ATOM   345 H  H5     . DC  A 1 11 ? 5.871   9.642   -12.170 1.00 33.70 ? 11  DC  A H5     1 
ATOM   346 H  H6     . DC  A 1 11 ? 3.657   10.048  -12.510 1.00 39.04 ? 11  DC  A H6     1 
ATOM   347 P  P      . DG  A 1 12 ? -1.895  12.847  -11.618 1.00 45.38 ? 12  DG  A P      1 
ATOM   348 O  OP1    . DG  A 1 12 ? -2.992  12.730  -10.630 1.00 47.66 ? 12  DG  A OP1    1 
ATOM   349 O  OP2    . DG  A 1 12 ? -2.221  12.979  -13.054 1.00 45.00 ? 12  DG  A OP2    1 
ATOM   350 O  "O5'"  . DG  A 1 12 ? -0.918  14.049  -11.198 1.00 48.28 ? 12  DG  A "O5'"  1 
ATOM   351 C  "C5'"  . DG  A 1 12 ? -0.708  14.283  -9.802  1.00 29.61 ? 12  DG  A "C5'"  1 
ATOM   352 C  "C4'"  . DG  A 1 12 ? 0.268   15.411  -9.565  1.00 39.32 ? 12  DG  A "C4'"  1 
ATOM   353 O  "O4'"  . DG  A 1 12 ? 1.602   14.886  -9.668  1.00 27.17 ? 12  DG  A "O4'"  1 
ATOM   354 C  "C3'"  . DG  A 1 12 ? 0.208   16.581  -10.539 1.00 28.64 ? 12  DG  A "C3'"  1 
ATOM   355 O  "O3'"  . DG  A 1 12 ? -0.061  17.731  -9.802  1.00 41.10 ? 12  DG  A "O3'"  1 
ATOM   356 C  "C2'"  . DG  A 1 12 ? 1.595   16.631  -11.187 1.00 42.77 ? 12  DG  A "C2'"  1 
ATOM   357 C  "C1'"  . DG  A 1 12 ? 2.469   15.837  -10.224 1.00 28.96 ? 12  DG  A "C1'"  1 
ATOM   358 N  N9     . DG  A 1 12 ? 3.540   15.033  -10.801 1.00 27.50 ? 12  DG  A N9     1 
ATOM   359 C  C8     . DG  A 1 12 ? 3.528   14.406  -12.032 1.00 35.01 ? 12  DG  A C8     1 
ATOM   360 N  N7     . DG  A 1 12 ? 4.608   13.734  -12.283 1.00 30.32 ? 12  DG  A N7     1 
ATOM   361 C  C5     . DG  A 1 12 ? 5.372   13.892  -11.134 1.00 34.23 ? 12  DG  A C5     1 
ATOM   362 C  C6     . DG  A 1 12 ? 6.638   13.369  -10.838 1.00 31.51 ? 12  DG  A C6     1 
ATOM   363 O  O6     . DG  A 1 12 ? 7.341   12.654  -11.569 1.00 28.16 ? 12  DG  A O6     1 
ATOM   364 N  N1     . DG  A 1 12 ? 7.072   13.762  -9.575  1.00 22.08 ? 12  DG  A N1     1 
ATOM   365 C  C2     . DG  A 1 12 ? 6.367   14.559  -8.713  1.00 23.92 ? 12  DG  A C2     1 
ATOM   366 N  N2     . DG  A 1 12 ? 6.948   14.837  -7.542  1.00 23.94 ? 12  DG  A N2     1 
ATOM   367 N  N3     . DG  A 1 12 ? 5.165   15.052  -8.977  1.00 22.60 ? 12  DG  A N3     1 
ATOM   368 C  C4     . DG  A 1 12 ? 4.736   14.683  -10.209 1.00 24.70 ? 12  DG  A C4     1 
ATOM   369 H  "H5'"  . DG  A 1 12 ? -0.361  13.474  -9.395  1.00 29.61 ? 12  DG  A "H5'"  1 
ATOM   370 H  "H5''" . DG  A 1 12 ? -1.557  14.507  -9.388  1.00 29.61 ? 12  DG  A "H5''" 1 
ATOM   371 H  "H4'"  . DG  A 1 12 ? 0.137   15.750  -8.667  1.00 39.32 ? 12  DG  A "H4'"  1 
ATOM   372 H  "H3'"  . DG  A 1 12 ? -0.477  16.436  -11.208 1.00 28.64 ? 12  DG  A "H3'"  1 
ATOM   373 H  "HO3'" . DG  A 1 12 ? -0.753  18.180  -9.962  1.00 41.10 ? 12  DG  A "HO3'" 1 
ATOM   374 H  "H2'"  . DG  A 1 12 ? 1.576   16.210  -12.060 1.00 42.77 ? 12  DG  A "H2'"  1 
ATOM   375 H  "H2''" . DG  A 1 12 ? 1.907   17.548  -11.254 1.00 42.77 ? 12  DG  A "H2''" 1 
ATOM   376 H  "H1'"  . DG  A 1 12 ? 2.819   16.417  -9.529  1.00 28.96 ? 12  DG  A "H1'"  1 
ATOM   377 H  H8     . DG  A 1 12 ? 2.824   14.485  -12.636 1.00 35.01 ? 12  DG  A H8     1 
ATOM   378 H  H1     . DG  A 1 12 ? 7.847   13.490  -9.320  1.00 22.08 ? 12  DG  A H1     1 
ATOM   379 H  H21    . DG  A 1 12 ? 6.540   15.329  -6.966  1.00 23.94 ? 12  DG  A H21    1 
ATOM   380 H  H22    . DG  A 1 12 ? 7.728   14.523  -7.365  1.00 23.94 ? 12  DG  A H22    1 
ATOM   381 O  "O5'"  . DC  B 1 1  ? 15.761  14.601  -6.668  1.00 57.56 ? 13  DC  B "O5'"  1 
ATOM   382 C  "C5'"  . DC  B 1 1  ? 15.276  13.442  -6.008  1.00 45.65 ? 13  DC  B "C5'"  1 
ATOM   383 C  "C4'"  . DC  B 1 1  ? 14.030  13.782  -5.216  1.00 39.04 ? 13  DC  B "C4'"  1 
ATOM   384 O  "O4'"  . DC  B 1 1  ? 12.982  14.153  -6.158  1.00 27.50 ? 13  DC  B "O4'"  1 
ATOM   385 C  "C3'"  . DC  B 1 1  ? 13.480  12.615  -4.413  1.00 28.28 ? 13  DC  B "C3'"  1 
ATOM   386 O  "O3'"  . DC  B 1 1  ? 12.671  13.047  -3.359  1.00 34.41 ? 13  DC  B "O3'"  1 
ATOM   387 C  "C2'"  . DC  B 1 1  ? 12.602  11.942  -5.453  1.00 31.50 ? 13  DC  B "C2'"  1 
ATOM   388 C  "C1'"  . DC  B 1 1  ? 11.959  13.173  -6.090  1.00 31.66 ? 13  DC  B "C1'"  1 
ATOM   389 N  N1     . DC  B 1 1  ? 11.455  12.917  -7.428  1.00 27.23 ? 13  DC  B N1     1 
ATOM   390 C  C2     . DC  B 1 1  ? 10.127  13.216  -7.771  1.00 25.47 ? 13  DC  B C2     1 
ATOM   391 O  O2     . DC  B 1 1  ? 9.351   13.711  -6.948  1.00 26.76 ? 13  DC  B O2     1 
ATOM   392 N  N3     . DC  B 1 1  ? 9.708   12.952  -9.026  1.00 26.30 ? 13  DC  B N3     1 
ATOM   393 C  C4     . DC  B 1 1  ? 10.543  12.429  -9.921  1.00 39.67 ? 13  DC  B C4     1 
ATOM   394 N  N4     . DC  B 1 1  ? 10.058  12.194  -11.146 1.00 38.20 ? 13  DC  B N4     1 
ATOM   395 C  C5     . DC  B 1 1  ? 11.896  12.120  -9.601  1.00 37.91 ? 13  DC  B C5     1 
ATOM   396 C  C6     . DC  B 1 1  ? 12.309  12.381  -8.352  1.00 31.14 ? 13  DC  B C6     1 
ATOM   397 H  "H5'"  . DC  B 1 1  ? 15.958  13.106  -5.407  1.00 45.65 ? 13  DC  B "H5'"  1 
ATOM   398 H  "H5''" . DC  B 1 1  ? 15.063  12.762  -6.666  1.00 45.65 ? 13  DC  B "H5''" 1 
ATOM   399 H  "H4'"  . DC  B 1 1  ? 14.213  14.529  -4.623  1.00 39.04 ? 13  DC  B "H4'"  1 
ATOM   400 H  "H3'"  . DC  B 1 1  ? 14.187  12.026  -4.109  1.00 28.28 ? 13  DC  B "H3'"  1 
ATOM   401 H  "H2'"  . DC  B 1 1  ? 13.136  11.448  -6.094  1.00 31.50 ? 13  DC  B "H2'"  1 
ATOM   402 H  "H2''" . DC  B 1 1  ? 11.935  11.376  -5.036  1.00 31.50 ? 13  DC  B "H2''" 1 
ATOM   403 H  "H1'"  . DC  B 1 1  ? 11.241  13.493  -5.524  1.00 31.66 ? 13  DC  B "H1'"  1 
ATOM   404 H  H41    . DC  B 1 1  ? 10.565  11.856  -11.752 1.00 38.20 ? 13  DC  B H41    1 
ATOM   405 H  H42    . DC  B 1 1  ? 9.238   12.380  -11.327 1.00 38.20 ? 13  DC  B H42    1 
ATOM   406 H  H5     . DC  B 1 1  ? 12.469  11.749  -10.233 1.00 37.91 ? 13  DC  B H5     1 
ATOM   407 H  H6     . DC  B 1 1  ? 13.185  12.187  -8.109  1.00 31.14 ? 13  DC  B H6     1 
ATOM   408 H  "HO5'" . DC  B 1 1  ? 15.595  14.720  -7.483  1.00 57.56 ? 13  DC  B "HO5'" 1 
ATOM   409 P  P      . DG  B 1 2  ? 12.988  12.646  -1.826  1.00 35.48 ? 14  DG  B P      1 
ATOM   410 O  OP1    . DG  B 1 2  ? 14.130  13.467  -1.411  1.00 35.18 ? 14  DG  B OP1    1 
ATOM   411 O  OP2    . DG  B 1 2  ? 13.012  11.176  -1.625  1.00 39.91 ? 14  DG  B OP2    1 
ATOM   412 O  "O5'"  . DG  B 1 2  ? 11.717  13.230  -1.062  1.00 31.80 ? 14  DG  B "O5'"  1 
ATOM   413 C  "C5'"  . DG  B 1 2  ? 11.376  14.590  -1.253  1.00 27.97 ? 14  DG  B "C5'"  1 
ATOM   414 C  "C4'"  . DG  B 1 2  ? 9.882   14.754  -1.397  1.00 26.83 ? 14  DG  B "C4'"  1 
ATOM   415 O  "O4'"  . DG  B 1 2  ? 9.498   14.334  -2.727  1.00 25.82 ? 14  DG  B "O4'"  1 
ATOM   416 C  "C3'"  . DG  B 1 2  ? 9.065   13.925  -0.407  1.00 29.19 ? 14  DG  B "C3'"  1 
ATOM   417 O  "O3'"  . DG  B 1 2  ? 8.236   14.710  0.414   1.00 30.47 ? 14  DG  B "O3'"  1 
ATOM   418 C  "C2'"  . DG  B 1 2  ? 8.201   12.999  -1.243  1.00 42.11 ? 14  DG  B "C2'"  1 
ATOM   419 C  "C1'"  . DG  B 1 2  ? 8.306   13.561  -2.650  1.00 36.52 ? 14  DG  B "C1'"  1 
ATOM   420 N  N9     . DG  B 1 2  ? 8.431   12.518  -3.654  1.00 25.96 ? 14  DG  B N9     1 
ATOM   421 C  C8     . DG  B 1 2  ? 9.483   11.648  -3.776  1.00 27.76 ? 14  DG  B C8     1 
ATOM   422 N  N7     . DG  B 1 2  ? 9.345   10.830  -4.785  1.00 27.76 ? 14  DG  B N7     1 
ATOM   423 C  C5     . DG  B 1 2  ? 8.138   11.187  -5.362  1.00 21.68 ? 14  DG  B C5     1 
ATOM   424 C  C6     . DG  B 1 2  ? 7.475   10.650  -6.482  1.00 35.15 ? 14  DG  B C6     1 
ATOM   425 O  O6     . DG  B 1 2  ? 7.849   9.720   -7.215  1.00 26.73 ? 14  DG  B O6     1 
ATOM   426 N  N1     . DG  B 1 2  ? 6.266   11.300  -6.721  1.00 23.46 ? 14  DG  B N1     1 
ATOM   427 C  C2     . DG  B 1 2  ? 5.752   12.345  -5.987  1.00 21.86 ? 14  DG  B C2     1 
ATOM   428 N  N2     . DG  B 1 2  ? 4.556   12.830  -6.380  1.00 22.39 ? 14  DG  B N2     1 
ATOM   429 N  N3     . DG  B 1 2  ? 6.363   12.853  -4.925  1.00 22.86 ? 14  DG  B N3     1 
ATOM   430 C  C4     . DG  B 1 2  ? 7.548   12.226  -4.675  1.00 29.89 ? 14  DG  B C4     1 
ATOM   431 H  "H5'"  . DG  B 1 2  ? 11.811  14.921  -2.053  1.00 27.97 ? 14  DG  B "H5'"  1 
ATOM   432 H  "H5''" . DG  B 1 2  ? 11.680  15.104  -0.490  1.00 27.97 ? 14  DG  B "H5''" 1 
ATOM   433 H  "H4'"  . DG  B 1 2  ? 9.656   15.690  -1.286  1.00 26.83 ? 14  DG  B "H4'"  1 
ATOM   434 H  "H3'"  . DG  B 1 2  ? 9.661   13.399  0.145   1.00 29.19 ? 14  DG  B "H3'"  1 
ATOM   435 H  "H2'"  . DG  B 1 2  ? 8.546   12.092  -1.212  1.00 42.11 ? 14  DG  B "H2'"  1 
ATOM   436 H  "H2''" . DG  B 1 2  ? 7.285   13.024  -0.941  1.00 42.11 ? 14  DG  B "H2''" 1 
ATOM   437 H  "H1'"  . DG  B 1 2  ? 7.537   14.119  -2.843  1.00 36.52 ? 14  DG  B "H1'"  1 
ATOM   438 H  H8     . DG  B 1 2  ? 10.218  11.647  -3.207  1.00 27.76 ? 14  DG  B H8     1 
ATOM   439 H  H1     . DG  B 1 2  ? 5.800   11.026  -7.389  1.00 23.46 ? 14  DG  B H1     1 
ATOM   440 H  H21    . DG  B 1 2  ? 4.187   13.471  -5.942  1.00 22.39 ? 14  DG  B H21    1 
ATOM   441 H  H22    . DG  B 1 2  ? 4.163   12.498  -7.069  1.00 22.39 ? 14  DG  B H22    1 
ATOM   442 P  P      . DC  B 1 3  ? 7.452   13.997  1.626   1.00 35.62 ? 15  DC  B P      1 
ATOM   443 O  OP1    . DC  B 1 3  ? 7.214   15.022  2.648   1.00 29.05 ? 15  DC  B OP1    1 
ATOM   444 O  OP2    . DC  B 1 3  ? 8.128   12.736  1.966   1.00 29.34 ? 15  DC  B OP2    1 
ATOM   445 O  "O5'"  . DC  B 1 3  ? 6.038   13.584  0.979   1.00 29.98 ? 15  DC  B "O5'"  1 
ATOM   446 C  "C5'"  . DC  B 1 3  ? 5.114   14.549  0.548   1.00 25.76 ? 15  DC  B "C5'"  1 
ATOM   447 C  "C4'"  . DC  B 1 3  ? 4.053   13.920  -0.339  1.00 26.17 ? 15  DC  B "C4'"  1 
ATOM   448 O  "O4'"  . DC  B 1 3  ? 4.668   13.256  -1.484  1.00 27.59 ? 15  DC  B "O4'"  1 
ATOM   449 C  "C3'"  . DC  B 1 3  ? 3.226   12.843  0.341   1.00 19.90 ? 15  DC  B "C3'"  1 
ATOM   450 O  "O3'"  . DC  B 1 3  ? 2.053   13.418  0.793   1.00 26.11 ? 15  DC  B "O3'"  1 
ATOM   451 C  "C2'"  . DC  B 1 3  ? 2.940   11.802  -0.739  1.00 24.47 ? 15  DC  B "C2'"  1 
ATOM   452 C  "C1'"  . DC  B 1 3  ? 3.924   12.107  -1.860  1.00 24.45 ? 15  DC  B "C1'"  1 
ATOM   453 N  N1     . DC  B 1 3  ? 4.904   10.997  -2.152  1.00 24.00 ? 15  DC  B N1     1 
ATOM   454 C  C2     . DC  B 1 3  ? 4.802   10.222  -3.321  1.00 18.63 ? 15  DC  B C2     1 
ATOM   455 O  O2     . DC  B 1 3  ? 3.880   10.428  -4.089  1.00 23.21 ? 15  DC  B O2     1 
ATOM   456 N  N3     . DC  B 1 3  ? 5.699   9.253   -3.576  1.00 22.61 ? 15  DC  B N3     1 
ATOM   457 C  C4     . DC  B 1 3  ? 6.688   9.053   -2.707  1.00 32.88 ? 15  DC  B C4     1 
ATOM   458 N  N4     . DC  B 1 3  ? 7.565   8.086   -2.974  1.00 23.55 ? 15  DC  B N4     1 
ATOM   459 C  C5     . DC  B 1 3  ? 6.816   9.822   -1.509  1.00 28.62 ? 15  DC  B C5     1 
ATOM   460 C  C6     . DC  B 1 3  ? 5.913   10.772  -1.282  1.00 27.73 ? 15  DC  B C6     1 
ATOM   461 H  "H5'"  . DC  B 1 3  ? 5.581   15.237  0.049   1.00 25.76 ? 15  DC  B "H5'"  1 
ATOM   462 H  "H5''" . DC  B 1 3  ? 4.687   14.950  1.321   1.00 25.76 ? 15  DC  B "H5''" 1 
ATOM   463 H  "H4'"  . DC  B 1 3  ? 3.459   14.616  -0.660  1.00 26.17 ? 15  DC  B "H4'"  1 
ATOM   464 H  "H3'"  . DC  B 1 3  ? 3.720   12.447  1.075   1.00 19.90 ? 15  DC  B "H3'"  1 
ATOM   465 H  "H2'"  . DC  B 1 3  ? 3.095   10.912  -0.392  1.00 24.47 ? 15  DC  B "H2'"  1 
ATOM   466 H  "H2''" . DC  B 1 3  ? 2.028   11.888  -1.057  1.00 24.47 ? 15  DC  B "H2''" 1 
ATOM   467 H  "H1'"  . DC  B 1 3  ? 3.426   12.310  -2.667  1.00 24.45 ? 15  DC  B "H1'"  1 
ATOM   468 H  H41    . DC  B 1 3  ? 8.214   7.933   -2.432  1.00 23.55 ? 15  DC  B H41    1 
ATOM   469 H  H42    . DC  B 1 3  ? 7.481   7.615   -3.689  1.00 23.55 ? 15  DC  B H42    1 
ATOM   470 H  H5     . DC  B 1 3  ? 7.515   9.671   -0.914  1.00 28.62 ? 15  DC  B H5     1 
ATOM   471 H  H6     . DC  B 1 3  ? 5.984   11.298  -0.519  1.00 27.73 ? 15  DC  B H6     1 
ATOM   472 P  P      . DA  B 1 4  ? 1.070   12.589  1.758   1.00 28.79 ? 16  DA  B P      1 
ATOM   473 O  OP1    . DA  B 1 4  ? 0.343   13.587  2.560   1.00 39.61 ? 16  DA  B OP1    1 
ATOM   474 O  OP2    . DA  B 1 4  ? 1.867   11.508  2.374   1.00 30.78 ? 16  DA  B OP2    1 
ATOM   475 O  "O5'"  . DA  B 1 4  ? 0.053   11.896  0.762   1.00 29.81 ? 16  DA  B "O5'"  1 
ATOM   476 C  "C5'"  . DA  B 1 4  ? -0.726  12.717  -0.068  1.00 30.10 ? 16  DA  B "C5'"  1 
ATOM   477 C  "C4'"  . DA  B 1 4  ? -1.459  11.860  -1.072  1.00 28.03 ? 16  DA  B "C4'"  1 
ATOM   478 O  "O4'"  . DA  B 1 4  ? -0.495  11.047  -1.808  1.00 25.20 ? 16  DA  B "O4'"  1 
ATOM   479 C  "C3'"  . DA  B 1 4  ? -2.465  10.883  -0.468  1.00 41.04 ? 16  DA  B "C3'"  1 
ATOM   480 O  "O3'"  . DA  B 1 4  ? -3.598  10.873  -1.336  1.00 34.77 ? 16  DA  B "O3'"  1 
ATOM   481 C  "C2'"  . DA  B 1 4  ? -1.670  9.577   -0.380  1.00 35.77 ? 16  DA  B "C2'"  1 
ATOM   482 C  "C1'"  . DA  B 1 4  ? -0.703  9.664   -1.556  1.00 32.64 ? 16  DA  B "C1'"  1 
ATOM   483 N  N9     . DA  B 1 4  ? 0.587   9.020   -1.316  1.00 22.22 ? 16  DA  B N9     1 
ATOM   484 C  C8     . DA  B 1 4  ? 1.310   8.994   -0.164  1.00 29.29 ? 16  DA  B C8     1 
ATOM   485 N  N7     . DA  B 1 4  ? 2.430   8.333   -0.264  1.00 24.78 ? 16  DA  B N7     1 
ATOM   486 C  C5     . DA  B 1 4  ? 2.422   7.871   -1.568  1.00 21.27 ? 16  DA  B C5     1 
ATOM   487 C  C6     . DA  B 1 4  ? 3.340   7.108   -2.306  1.00 20.00 ? 16  DA  B C6     1 
ATOM   488 N  N6     . DA  B 1 4  ? 4.471   6.666   -1.770  1.00 23.22 ? 16  DA  B N6     1 
ATOM   489 N  N1     . DA  B 1 4  ? 3.050   6.812   -3.589  1.00 23.86 ? 16  DA  B N1     1 
ATOM   490 C  C2     . DA  B 1 4  ? 1.917   7.286   -4.113  1.00 23.87 ? 16  DA  B C2     1 
ATOM   491 N  N3     . DA  B 1 4  ? 0.989   8.021   -3.512  1.00 25.48 ? 16  DA  B N3     1 
ATOM   492 C  C4     . DA  B 1 4  ? 1.306   8.282   -2.232  1.00 23.01 ? 16  DA  B C4     1 
ATOM   493 H  "H5'"  . DA  B 1 4  ? -0.152  13.343  -0.536  1.00 30.10 ? 16  DA  B "H5'"  1 
ATOM   494 H  "H5''" . DA  B 1 4  ? -1.368  13.206  0.470   1.00 30.10 ? 16  DA  B "H5''" 1 
ATOM   495 H  "H4'"  . DA  B 1 4  ? -1.923  12.438  -1.698  1.00 28.03 ? 16  DA  B "H4'"  1 
ATOM   496 H  "H3'"  . DA  B 1 4  ? -2.723  11.179  0.419   1.00 41.04 ? 16  DA  B "H3'"  1 
ATOM   497 H  "H2'"  . DA  B 1 4  ? -1.185  9.534   0.458   1.00 35.77 ? 16  DA  B "H2'"  1 
ATOM   498 H  "H2''" . DA  B 1 4  ? -2.249  8.810   -0.476  1.00 35.77 ? 16  DA  B "H2''" 1 
ATOM   499 H  "H1'"  . DA  B 1 4  ? -1.116  9.261   -2.335  1.00 32.64 ? 16  DA  B "H1'"  1 
ATOM   500 H  H8     . DA  B 1 4  ? 1.041   9.426   0.614   1.00 29.29 ? 16  DA  B H8     1 
ATOM   501 H  H61    . DA  B 1 4  ? 5.013   6.193   -2.240  1.00 23.22 ? 16  DA  B H61    1 
ATOM   502 H  H62    . DA  B 1 4  ? 4.660   6.852   -0.952  1.00 23.22 ? 16  DA  B H62    1 
ATOM   503 H  H2     . DA  B 1 4  ? 1.754   7.066   -5.002  1.00 23.87 ? 16  DA  B H2     1 
ATOM   504 P  P      . DA  B 1 5  ? -4.593  9.616   -1.402  1.00 34.87 ? 17  DA  B P      1 
ATOM   505 O  OP1    . DA  B 1 5  ? -5.870  10.131  -1.944  1.00 51.94 ? 17  DA  B OP1    1 
ATOM   506 O  OP2    . DA  B 1 5  ? -4.566  8.979   -0.061  1.00 32.96 ? 17  DA  B OP2    1 
ATOM   507 O  "O5'"  . DA  B 1 5  ? -3.922  8.668   -2.511  1.00 25.62 ? 17  DA  B "O5'"  1 
ATOM   508 C  "C5'"  . DA  B 1 5  ? -3.906  9.062   -3.877  1.00 25.04 ? 17  DA  B "C5'"  1 
ATOM   509 C  "C4'"  . DA  B 1 5  ? -3.720  7.875   -4.790  1.00 28.73 ? 17  DA  B "C4'"  1 
ATOM   510 O  "O4'"  . DA  B 1 5  ? -2.464  7.194   -4.492  1.00 26.53 ? 17  DA  B "O4'"  1 
ATOM   511 C  "C3'"  . DA  B 1 5  ? -4.802  6.807   -4.650  1.00 27.20 ? 17  DA  B "C3'"  1 
ATOM   512 O  "O3'"  . DA  B 1 5  ? -4.951  6.207   -5.917  1.00 31.52 ? 17  DA  B "O3'"  1 
ATOM   513 C  "C2'"  . DA  B 1 5  ? -4.207  5.880   -3.599  1.00 36.26 ? 17  DA  B "C2'"  1 
ATOM   514 C  "C1'"  . DA  B 1 5  ? -2.718  5.907   -3.951  1.00 29.21 ? 17  DA  B "C1'"  1 
ATOM   515 N  N9     . DA  B 1 5  ? -1.798  5.754   -2.825  1.00 25.80 ? 17  DA  B N9     1 
ATOM   516 C  C8     . DA  B 1 5  ? -1.913  6.290   -1.575  1.00 24.58 ? 17  DA  B C8     1 
ATOM   517 N  N7     . DA  B 1 5  ? -0.918  6.015   -0.777  1.00 23.01 ? 17  DA  B N7     1 
ATOM   518 C  C5     . DA  B 1 5  ? -0.081  5.249   -1.569  1.00 24.40 ? 17  DA  B C5     1 
ATOM   519 C  C6     . DA  B 1 5  ? 1.165   4.652   -1.321  1.00 32.61 ? 17  DA  B C6     1 
ATOM   520 N  N6     . DA  B 1 5  ? 1.799   4.723   -0.141  1.00 21.01 ? 17  DA  B N6     1 
ATOM   521 N  N1     . DA  B 1 5  ? 1.741   3.975   -2.336  1.00 28.21 ? 17  DA  B N1     1 
ATOM   522 C  C2     . DA  B 1 5  ? 1.116   3.915   -3.522  1.00 26.47 ? 17  DA  B C2     1 
ATOM   523 N  N3     . DA  B 1 5  ? -0.060  4.441   -3.867  1.00 25.30 ? 17  DA  B N3     1 
ATOM   524 C  C4     . DA  B 1 5  ? -0.604  5.098   -2.838  1.00 21.50 ? 17  DA  B C4     1 
ATOM   525 H  "H5'"  . DA  B 1 5  ? -3.179  9.688   -4.018  1.00 25.04 ? 17  DA  B "H5'"  1 
ATOM   526 H  "H5''" . DA  B 1 5  ? -4.745  9.498   -4.091  1.00 25.04 ? 17  DA  B "H5''" 1 
ATOM   527 H  "H4'"  . DA  B 1 5  ? -3.700  8.185   -5.709  1.00 28.73 ? 17  DA  B "H4'"  1 
ATOM   528 H  "H3'"  . DA  B 1 5  ? -5.636  7.196   -4.344  1.00 27.20 ? 17  DA  B "H3'"  1 
ATOM   529 H  "H2'"  . DA  B 1 5  ? -4.359  6.227   -2.706  1.00 36.26 ? 17  DA  B "H2'"  1 
ATOM   530 H  "H2''" . DA  B 1 5  ? -4.565  4.983   -3.688  1.00 36.26 ? 17  DA  B "H2''" 1 
ATOM   531 H  "H1'"  . DA  B 1 5  ? -2.529  5.231   -4.620  1.00 29.21 ? 17  DA  B "H1'"  1 
ATOM   532 H  H8     . DA  B 1 5  ? -2.652  6.788   -1.306  1.00 24.58 ? 17  DA  B H8     1 
ATOM   533 H  H61    . DA  B 1 5  ? 2.562   4.339   -0.039  1.00 21.01 ? 17  DA  B H61    1 
ATOM   534 H  H62    . DA  B 1 5  ? 1.442   5.151   0.514   1.00 21.01 ? 17  DA  B H62    1 
ATOM   535 H  H2     . DA  B 1 5  ? 1.553   3.429   -4.185  1.00 26.47 ? 17  DA  B H2     1 
ATOM   536 P  P      . DA  B 1 6  ? -6.047  5.057   -6.156  1.00 35.98 ? 18  DA  B P      1 
ATOM   537 O  OP1    . DA  B 1 6  ? -6.545  5.283   -7.528  1.00 33.21 ? 18  DA  B OP1    1 
ATOM   538 O  OP2    . DA  B 1 6  ? -6.933  5.003   -4.983  1.00 29.63 ? 18  DA  B OP2    1 
ATOM   539 O  "O5'"  . DA  B 1 6  ? -5.190  3.708   -6.181  1.00 31.46 ? 18  DA  B "O5'"  1 
ATOM   540 C  "C5'"  . DA  B 1 6  ? -4.221  3.556   -7.177  1.00 33.07 ? 18  DA  B "C5'"  1 
ATOM   541 C  "C4'"  . DA  B 1 6  ? -3.284  2.394   -6.911  1.00 35.26 ? 18  DA  B "C4'"  1 
ATOM   542 O  "O4'"  . DA  B 1 6  ? -2.475  2.560   -5.711  1.00 31.62 ? 18  DA  B "O4'"  1 
ATOM   543 C  "C3'"  . DA  B 1 6  ? -4.059  1.095   -6.743  1.00 32.45 ? 18  DA  B "C3'"  1 
ATOM   544 O  "O3'"  . DA  B 1 6  ? -3.566  0.189   -7.714  1.00 37.22 ? 18  DA  B "O3'"  1 
ATOM   545 C  "C2'"  . DA  B 1 6  ? -3.810  0.684   -5.288  1.00 39.08 ? 18  DA  B "C2'"  1 
ATOM   546 C  "C1'"  . DA  B 1 6  ? -2.495  1.373   -4.930  1.00 32.26 ? 18  DA  B "C1'"  1 
ATOM   547 N  N9     . DA  B 1 6  ? -2.337  1.757   -3.525  1.00 24.50 ? 18  DA  B N9     1 
ATOM   548 C  C8     . DA  B 1 6  ? -3.204  2.474   -2.741  1.00 21.07 ? 18  DA  B C8     1 
ATOM   549 N  N7     . DA  B 1 6  ? -2.768  2.689   -1.517  1.00 29.37 ? 18  DA  B N7     1 
ATOM   550 C  C5     . DA  B 1 6  ? -1.527  2.074   -1.495  1.00 20.14 ? 18  DA  B C5     1 
ATOM   551 C  C6     . DA  B 1 6  ? -0.547  1.940   -0.496  1.00 18.97 ? 18  DA  B C6     1 
ATOM   552 N  N6     . DA  B 1 6  ? -0.659  2.444   0.738   1.00 21.96 ? 18  DA  B N6     1 
ATOM   553 N  N1     . DA  B 1 6  ? 0.573   1.269   -0.810  1.00 20.85 ? 18  DA  B N1     1 
ATOM   554 C  C2     . DA  B 1 6  ? 0.711   0.771   -2.037  1.00 25.26 ? 18  DA  B C2     1 
ATOM   555 N  N3     . DA  B 1 6  ? -0.128  0.838   -3.062  1.00 24.68 ? 18  DA  B N3     1 
ATOM   556 C  C4     . DA  B 1 6  ? -1.242  1.510   -2.723  1.00 31.66 ? 18  DA  B C4     1 
ATOM   557 H  "H5'"  . DA  B 1 6  ? -3.699  4.372   -7.233  1.00 33.07 ? 18  DA  B "H5'"  1 
ATOM   558 H  "H5''" . DA  B 1 6  ? -4.666  3.411   -8.027  1.00 33.07 ? 18  DA  B "H5''" 1 
ATOM   559 H  "H4'"  . DA  B 1 6  ? -2.690  2.301   -7.671  1.00 35.26 ? 18  DA  B "H4'"  1 
ATOM   560 H  "H3'"  . DA  B 1 6  ? -5.005  1.254   -6.887  1.00 32.45 ? 18  DA  B "H3'"  1 
ATOM   561 H  "H2'"  . DA  B 1 6  ? -4.527  1.002   -4.718  1.00 39.08 ? 18  DA  B "H2'"  1 
ATOM   562 H  "H2''" . DA  B 1 6  ? -3.719  -0.279  -5.217  1.00 39.08 ? 18  DA  B "H2''" 1 
ATOM   563 H  "H1'"  . DA  B 1 6  ? -1.754  0.805   -5.193  1.00 32.26 ? 18  DA  B "H1'"  1 
ATOM   564 H  H8     . DA  B 1 6  ? -4.027  2.781   -3.046  1.00 21.07 ? 18  DA  B H8     1 
ATOM   565 H  H61    . DA  B 1 6  ? -0.024  2.335   1.306   1.00 21.96 ? 18  DA  B H61    1 
ATOM   566 H  H62    . DA  B 1 6  ? -1.367  2.878   0.962   1.00 21.96 ? 18  DA  B H62    1 
ATOM   567 H  H2     . DA  B 1 6  ? 1.508   0.321   -2.201  1.00 25.26 ? 18  DA  B H2     1 
ATOM   568 P  P      . DT  B 1 7  ? -4.231  -1.261  -7.893  1.00 43.23 ? 19  DT  B P      1 
ATOM   569 O  OP1    . DT  B 1 7  ? -3.867  -1.678  -9.258  1.00 46.07 ? 19  DT  B OP1    1 
ATOM   570 O  OP2    . DT  B 1 7  ? -5.624  -1.237  -7.395  1.00 36.41 ? 19  DT  B OP2    1 
ATOM   571 O  "O5'"  . DT  B 1 7  ? -3.428  -2.167  -6.870  1.00 41.15 ? 19  DT  B "O5'"  1 
ATOM   572 C  "C5'"  . DT  B 1 7  ? -2.085  -2.434  -7.160  1.00 30.80 ? 19  DT  B "C5'"  1 
ATOM   573 C  "C4'"  . DT  B 1 7  ? -1.477  -3.086  -5.940  1.00 42.32 ? 19  DT  B "C4'"  1 
ATOM   574 O  "O4'"  . DT  B 1 7  ? -1.583  -2.173  -4.836  1.00 27.42 ? 19  DT  B "O4'"  1 
ATOM   575 C  "C3'"  . DT  B 1 7  ? -2.161  -4.369  -5.465  1.00 28.48 ? 19  DT  B "C3'"  1 
ATOM   576 O  "O3'"  . DT  B 1 7  ? -1.375  -5.449  -5.882  1.00 41.68 ? 19  DT  B "O3'"  1 
ATOM   577 C  "C2'"  . DT  B 1 7  ? -2.252  -4.212  -3.946  1.00 35.52 ? 19  DT  B "C2'"  1 
ATOM   578 C  "C1'"  . DT  B 1 7  ? -1.431  -2.951  -3.680  1.00 30.39 ? 19  DT  B "C1'"  1 
ATOM   579 N  N1     . DT  B 1 7  ? -1.861  -2.205  -2.457  1.00 31.06 ? 19  DT  B N1     1 
ATOM   580 C  C2     . DT  B 1 7  ? -0.979  -2.166  -1.394  1.00 26.50 ? 19  DT  B C2     1 
ATOM   581 O  O2     . DT  B 1 7  ? 0.124   -2.682  -1.415  1.00 26.56 ? 19  DT  B O2     1 
ATOM   582 N  N3     . DT  B 1 7  ? -1.428  -1.479  -0.310  1.00 23.51 ? 19  DT  B N3     1 
ATOM   583 C  C4     . DT  B 1 7  ? -2.636  -0.842  -0.150  1.00 26.33 ? 19  DT  B C4     1 
ATOM   584 O  O4     . DT  B 1 7  ? -2.912  -0.273  0.902   1.00 23.47 ? 19  DT  B O4     1 
ATOM   585 C  C5     . DT  B 1 7  ? -3.521  -0.917  -1.291  1.00 23.37 ? 19  DT  B C5     1 
ATOM   586 C  C7     . DT  B 1 7  ? -4.865  -0.259  -1.250  1.00 28.61 ? 19  DT  B C7     1 
ATOM   587 C  C6     . DT  B 1 7  ? -3.092  -1.581  -2.380  1.00 25.71 ? 19  DT  B C6     1 
ATOM   588 H  "H5'"  . DT  B 1 7  ? -1.620  -1.606  -7.357  1.00 30.80 ? 19  DT  B "H5'"  1 
ATOM   589 H  "H5''" . DT  B 1 7  ? -2.025  -3.035  -7.919  1.00 30.80 ? 19  DT  B "H5''" 1 
ATOM   590 H  "H4'"  . DT  B 1 7  ? -0.542  -3.271  -6.113  1.00 42.32 ? 19  DT  B "H4'"  1 
ATOM   591 H  "H3'"  . DT  B 1 7  ? -3.049  -4.434  -5.848  1.00 28.48 ? 19  DT  B "H3'"  1 
ATOM   592 H  "H2'"  . DT  B 1 7  ? -3.173  -4.086  -3.671  1.00 35.52 ? 19  DT  B "H2'"  1 
ATOM   593 H  "H2''" . DT  B 1 7  ? -1.861  -4.974  -3.497  1.00 35.52 ? 19  DT  B "H2''" 1 
ATOM   594 H  "H1'"  . DT  B 1 7  ? -0.499  -3.198  -3.591  1.00 30.39 ? 19  DT  B "H1'"  1 
ATOM   595 H  H3     . DT  B 1 7  ? -0.893  -1.446  0.363   1.00 23.51 ? 19  DT  B H3     1 
ATOM   596 H  H71    . DT  B 1 7  ? -4.976  0.297   -2.037  1.00 28.61 ? 19  DT  B H71    1 
ATOM   597 H  H72    . DT  B 1 7  ? -5.557  -0.939  -1.234  1.00 28.61 ? 19  DT  B H72    1 
ATOM   598 H  H73    . DT  B 1 7  ? -4.934  0.290   -0.453  1.00 28.61 ? 19  DT  B H73    1 
ATOM   599 H  H6     . DT  B 1 7  ? -3.661  -1.638  -3.114  1.00 25.71 ? 19  DT  B H6     1 
ATOM   600 P  P      . DT  B 1 8  ? -1.796  -6.950  -5.507  1.00 37.94 ? 20  DT  B P      1 
ATOM   601 O  OP1    . DT  B 1 8  ? -1.115  -7.794  -6.503  1.00 32.56 ? 20  DT  B OP1    1 
ATOM   602 O  OP2    . DT  B 1 8  ? -3.259  -7.006  -5.313  1.00 41.67 ? 20  DT  B OP2    1 
ATOM   603 O  "O5'"  . DT  B 1 8  ? -1.081  -7.172  -4.096  1.00 30.67 ? 20  DT  B "O5'"  1 
ATOM   604 C  "C5'"  . DT  B 1 8  ? 0.327   -7.080  -4.093  1.00 32.23 ? 20  DT  B "C5'"  1 
ATOM   605 C  "C4'"  . DT  B 1 8  ? 0.876   -7.268  -2.695  1.00 34.62 ? 20  DT  B "C4'"  1 
ATOM   606 O  "O4'"  . DT  B 1 8  ? 0.348   -6.275  -1.789  1.00 27.21 ? 20  DT  B "O4'"  1 
ATOM   607 C  "C3'"  . DT  B 1 8  ? 0.512   -8.618  -2.101  1.00 32.99 ? 20  DT  B "C3'"  1 
ATOM   608 O  "O3'"  . DT  B 1 8  ? 1.713   -9.214  -1.710  1.00 42.41 ? 20  DT  B "O3'"  1 
ATOM   609 C  "C2'"  . DT  B 1 8  ? -0.408  -8.324  -0.924  1.00 31.50 ? 20  DT  B "C2'"  1 
ATOM   610 C  "C1'"  . DT  B 1 8  ? -0.010  -6.897  -0.571  1.00 33.04 ? 20  DT  B "C1'"  1 
ATOM   611 N  N1     . DT  B 1 8  ? -1.066  -6.027  0.013   1.00 29.22 ? 20  DT  B N1     1 
ATOM   612 C  C2     . DT  B 1 8  ? -0.849  -5.458  1.239   1.00 21.82 ? 20  DT  B C2     1 
ATOM   613 O  O2     . DT  B 1 8  ? 0.146   -5.640  1.925   1.00 24.29 ? 20  DT  B O2     1 
ATOM   614 N  N3     . DT  B 1 8  ? -1.866  -4.657  1.662   1.00 25.90 ? 20  DT  B N3     1 
ATOM   615 C  C4     . DT  B 1 8  ? -3.045  -4.362  1.015   1.00 23.33 ? 20  DT  B C4     1 
ATOM   616 O  O4     . DT  B 1 8  ? -3.887  -3.618  1.508   1.00 25.84 ? 20  DT  B O4     1 
ATOM   617 C  C5     . DT  B 1 8  ? -3.209  -4.991  -0.262  1.00 17.98 ? 20  DT  B C5     1 
ATOM   618 C  C7     . DT  B 1 8  ? -4.461  -4.722  -1.023  1.00 27.98 ? 20  DT  B C7     1 
ATOM   619 C  C6     . DT  B 1 8  ? -2.222  -5.772  -0.709  1.00 30.33 ? 20  DT  B C6     1 
ATOM   620 H  "H5'"  . DT  B 1 8  ? 0.590   -6.208  -4.425  1.00 32.23 ? 20  DT  B "H5'"  1 
ATOM   621 H  "H5''" . DT  B 1 8  ? 0.693   -7.766  -4.673  1.00 32.23 ? 20  DT  B "H5''" 1 
ATOM   622 H  "H4'"  . DT  B 1 8  ? 1.842   -7.187  -2.723  1.00 34.62 ? 20  DT  B "H4'"  1 
ATOM   623 H  "H3'"  . DT  B 1 8  ? 0.058   -9.166  -2.760  1.00 32.99 ? 20  DT  B "H3'"  1 
ATOM   624 H  "H2'"  . DT  B 1 8  ? -1.338  -8.367  -1.194  1.00 31.50 ? 20  DT  B "H2'"  1 
ATOM   625 H  "H2''" . DT  B 1 8  ? -0.230  -8.926  -0.186  1.00 31.50 ? 20  DT  B "H2''" 1 
ATOM   626 H  "H1'"  . DT  B 1 8  ? 0.760   -6.914  0.017   1.00 33.04 ? 20  DT  B "H1'"  1 
ATOM   627 H  H3     . DT  B 1 8  ? -1.761  -4.292  2.433   1.00 25.90 ? 20  DT  B H3     1 
ATOM   628 H  H71    . DT  B 1 8  ? -5.194  -4.584  -0.403  1.00 27.98 ? 20  DT  B H71    1 
ATOM   629 H  H72    . DT  B 1 8  ? -4.345  -3.928  -1.567  1.00 27.98 ? 20  DT  B H72    1 
ATOM   630 H  H73    . DT  B 1 8  ? -4.659  -5.479  -1.596  1.00 27.98 ? 20  DT  B H73    1 
ATOM   631 H  H6     . DT  B 1 8  ? -2.322  -6.178  -1.540  1.00 30.33 ? 20  DT  B H6     1 
ATOM   632 P  P      . DT  B 1 9  ? 1.708   -10.727 -1.198  1.00 41.51 ? 21  DT  B P      1 
ATOM   633 O  OP1    . DT  B 1 9  ? 3.004   -11.301 -1.615  1.00 53.55 ? 21  DT  B OP1    1 
ATOM   634 O  OP2    . DT  B 1 9  ? 0.429   -11.336 -1.606  1.00 44.77 ? 21  DT  B OP2    1 
ATOM   635 O  "O5'"  . DT  B 1 9  ? 1.669   -10.582 0.389   1.00 41.42 ? 21  DT  B "O5'"  1 
ATOM   636 C  "C5'"  . DT  B 1 9  ? 2.662   -9.834  1.076   1.00 40.06 ? 21  DT  B "C5'"  1 
ATOM   637 C  "C4'"  . DT  B 1 9  ? 2.326   -9.801  2.550   1.00 33.16 ? 21  DT  B "C4'"  1 
ATOM   638 O  "O4'"  . DT  B 1 9  ? 1.162   -8.966  2.720   1.00 32.01 ? 21  DT  B "O4'"  1 
ATOM   639 C  "C3'"  . DT  B 1 9  ? 1.952   -11.164 3.155   1.00 35.34 ? 21  DT  B "C3'"  1 
ATOM   640 O  "O3'"  . DT  B 1 9  ? 2.901   -11.509 4.152   1.00 31.95 ? 21  DT  B "O3'"  1 
ATOM   641 C  "C2'"  . DT  B 1 9  ? 0.521   -10.992 3.695   1.00 37.78 ? 21  DT  B "C2'"  1 
ATOM   642 C  "C1'"  . DT  B 1 9  ? 0.388   -9.478  3.796   1.00 36.64 ? 21  DT  B "C1'"  1 
ATOM   643 N  N1     . DT  B 1 9  ? -0.929  -8.821  3.582   1.00 27.85 ? 21  DT  B N1     1 
ATOM   644 C  C2     . DT  B 1 9  ? -1.382  -7.885  4.493   1.00 28.09 ? 21  DT  B C2     1 
ATOM   645 O  O2     . DT  B 1 9  ? -0.789  -7.596  5.529   1.00 28.52 ? 21  DT  B O2     1 
ATOM   646 N  N3     . DT  B 1 9  ? -2.587  -7.315  4.160   1.00 34.58 ? 21  DT  B N3     1 
ATOM   647 C  C4     . DT  B 1 9  ? -3.336  -7.564  3.023   1.00 21.00 ? 21  DT  B C4     1 
ATOM   648 O  O4     . DT  B 1 9  ? -4.393  -6.991  2.810   1.00 27.92 ? 21  DT  B O4     1 
ATOM   649 C  C5     . DT  B 1 9  ? -2.781  -8.535  2.106   1.00 25.85 ? 21  DT  B C5     1 
ATOM   650 C  C7     . DT  B 1 9  ? -3.498  -8.919  0.846   1.00 28.97 ? 21  DT  B C7     1 
ATOM   651 C  C6     . DT  B 1 9  ? -1.620  -9.111  2.429   1.00 25.57 ? 21  DT  B C6     1 
ATOM   652 H  "H5'"  . DT  B 1 9  ? 2.684   -8.928  0.728   1.00 40.06 ? 21  DT  B "H5'"  1 
ATOM   653 H  "H5''" . DT  B 1 9  ? 3.529   -10.252 0.949   1.00 40.06 ? 21  DT  B "H5''" 1 
ATOM   654 H  "H4'"  . DT  B 1 9  ? 3.070   -9.422  3.043   1.00 33.16 ? 21  DT  B "H4'"  1 
ATOM   655 H  "H3'"  . DT  B 1 9  ? 1.955   -11.840 2.460   1.00 35.34 ? 21  DT  B "H3'"  1 
ATOM   656 H  "H2'"  . DT  B 1 9  ? -0.127  -11.354 3.073   1.00 37.78 ? 21  DT  B "H2'"  1 
ATOM   657 H  "H2''" . DT  B 1 9  ? 0.431   -11.404 4.568   1.00 37.78 ? 21  DT  B "H2''" 1 
ATOM   658 H  "H1'"  . DT  B 1 9  ? 0.770   -9.177  4.635   1.00 36.64 ? 21  DT  B "H1'"  1 
ATOM   659 H  H3     . DT  B 1 9  ? -2.904  -6.733  4.709   1.00 34.58 ? 21  DT  B H3     1 
ATOM   660 H  H71    . DT  B 1 9  ? -4.453  -8.799  0.969   1.00 28.97 ? 21  DT  B H71    1 
ATOM   661 H  H72    . DT  B 1 9  ? -3.193  -8.359  0.116   1.00 28.97 ? 21  DT  B H72    1 
ATOM   662 H  H73    . DT  B 1 9  ? -3.314  -9.849  0.639   1.00 28.97 ? 21  DT  B H73    1 
ATOM   663 H  H6     . DT  B 1 9  ? -1.256  -9.730  1.840   1.00 25.57 ? 21  DT  B H6     1 
ATOM   664 P  P      . DG  B 1 10 ? 2.901   -12.979 4.819   1.00 40.58 ? 22  DG  B P      1 
ATOM   665 O  OP1    . DG  B 1 10 ? 4.278   -13.237 5.280   1.00 38.60 ? 22  DG  B OP1    1 
ATOM   666 O  OP2    . DG  B 1 10 ? 2.288   -13.953 3.894   1.00 41.20 ? 22  DG  B OP2    1 
ATOM   667 O  "O5'"  . DG  B 1 10 ? 1.917   -12.798 6.089   1.00 32.93 ? 22  DG  B "O5'"  1 
ATOM   668 C  "C5'"  . DG  B 1 10 ? 2.238   -11.850 7.098   1.00 35.80 ? 22  DG  B "C5'"  1 
ATOM   669 C  "C4'"  . DG  B 1 10 ? 1.059   -11.636 8.031   1.00 30.27 ? 22  DG  B "C4'"  1 
ATOM   670 O  "O4'"  . DG  B 1 10 ? -0.045  -10.970 7.354   1.00 27.97 ? 22  DG  B "O4'"  1 
ATOM   671 C  "C3'"  . DG  B 1 10 ? 0.463   -12.930 8.554   1.00 30.89 ? 22  DG  B "C3'"  1 
ATOM   672 O  "O3'"  . DG  B 1 10 ? 0.166   -12.726 9.900   1.00 52.01 ? 22  DG  B "O3'"  1 
ATOM   673 C  "C2'"  . DG  B 1 10 ? -0.795  -13.111 7.708   1.00 37.33 ? 22  DG  B "C2'"  1 
ATOM   674 C  "C1'"  . DG  B 1 10 ? -1.250  -11.662 7.662   1.00 35.30 ? 22  DG  B "C1'"  1 
ATOM   675 N  N9     . DG  B 1 10 ? -2.255  -11.291 6.673   1.00 28.02 ? 22  DG  B N9     1 
ATOM   676 C  C8     . DG  B 1 10 ? -2.448  -11.824 5.424   1.00 26.79 ? 22  DG  B C8     1 
ATOM   677 N  N7     . DG  B 1 10 ? -3.420  -11.252 4.758   1.00 30.97 ? 22  DG  B N7     1 
ATOM   678 C  C5     . DG  B 1 10 ? -3.885  -10.262 5.627   1.00 20.75 ? 22  DG  B C5     1 
ATOM   679 C  C6     . DG  B 1 10 ? -4.921  -9.324  5.460   1.00 24.56 ? 22  DG  B C6     1 
ATOM   680 O  O6     . DG  B 1 10 ? -5.638  -9.184  4.471   1.00 21.44 ? 22  DG  B O6     1 
ATOM   681 N  N1     . DG  B 1 10 ? -5.079  -8.505  6.577   1.00 21.06 ? 22  DG  B N1     1 
ATOM   682 C  C2     . DG  B 1 10 ? -4.317  -8.589  7.712   1.00 20.74 ? 22  DG  B C2     1 
ATOM   683 N  N2     . DG  B 1 10 ? -4.596  -7.718  8.690   1.00 26.36 ? 22  DG  B N2     1 
ATOM   684 N  N3     . DG  B 1 10 ? -3.340  -9.470  7.878   1.00 25.70 ? 22  DG  B N3     1 
ATOM   685 C  C4     . DG  B 1 10 ? -3.184  -10.272 6.802   1.00 24.17 ? 22  DG  B C4     1 
ATOM   686 H  "H5'"  . DG  B 1 10 ? 2.472   -11.006 6.680   1.00 35.80 ? 22  DG  B "H5'"  1 
ATOM   687 H  "H5''" . DG  B 1 10 ? 2.996   -12.174 7.610   1.00 35.80 ? 22  DG  B "H5''" 1 
ATOM   688 H  "H4'"  . DG  B 1 10 ? 1.345   -11.093 8.781   1.00 30.27 ? 22  DG  B "H4'"  1 
ATOM   689 H  "H3'"  . DG  B 1 10 ? 1.077   -13.671 8.436   1.00 30.89 ? 22  DG  B "H3'"  1 
ATOM   690 H  "H2'"  . DG  B 1 10 ? -0.582  -13.444 6.823   1.00 37.33 ? 22  DG  B "H2'"  1 
ATOM   691 H  "H2''" . DG  B 1 10 ? -1.446  -13.673 8.158   1.00 37.33 ? 22  DG  B "H2''" 1 
ATOM   692 H  "H1'"  . DG  B 1 10 ? -1.554  -11.394 8.543   1.00 35.30 ? 22  DG  B "H1'"  1 
ATOM   693 H  H8     . DG  B 1 10 ? -1.944  -12.529 5.087   1.00 26.79 ? 22  DG  B H8     1 
ATOM   694 H  H1     . DG  B 1 10 ? -5.693  -7.903  6.549   1.00 21.06 ? 22  DG  B H1     1 
ATOM   695 H  H21    . DG  B 1 10 ? -4.146  -7.737  9.423   1.00 26.36 ? 22  DG  B H21    1 
ATOM   696 H  H22    . DG  B 1 10 ? -5.224  -7.141  8.586   1.00 26.36 ? 22  DG  B H22    1 
ATOM   697 P  P      . DC  B 1 11 ? 0.537   -13.837 10.994  1.00 49.11 ? 23  DC  B P      1 
ATOM   698 O  OP1    . DC  B 1 11 ? 1.972   -13.636 11.286  1.00 43.99 ? 23  DC  B OP1    1 
ATOM   699 O  OP2    . DC  B 1 11 ? -0.050  -15.125 10.576  1.00 39.13 ? 23  DC  B OP2    1 
ATOM   700 O  "O5'"  . DC  B 1 11 ? -0.265  -13.358 12.287  1.00 47.81 ? 23  DC  B "O5'"  1 
ATOM   701 C  "C5'"  . DC  B 1 11 ? 0.040   -12.088 12.830  1.00 32.94 ? 23  DC  B "C5'"  1 
ATOM   702 C  "C4'"  . DC  B 1 11 ? -1.231  -11.337 13.147  1.00 28.20 ? 23  DC  B "C4'"  1 
ATOM   703 O  "O4'"  . DC  B 1 11 ? -1.835  -10.995 11.893  1.00 29.76 ? 23  DC  B "O4'"  1 
ATOM   704 C  "C3'"  . DC  B 1 11 ? -2.303  -12.151 13.850  1.00 30.42 ? 23  DC  B "C3'"  1 
ATOM   705 O  "O3'"  . DC  B 1 11 ? -2.210  -12.114 15.256  1.00 45.80 ? 23  DC  B "O3'"  1 
ATOM   706 C  "C2'"  . DC  B 1 11 ? -3.591  -11.508 13.403  1.00 39.20 ? 23  DC  B "C2'"  1 
ATOM   707 C  "C1'"  . DC  B 1 11 ? -3.216  -10.843 12.101  1.00 42.16 ? 23  DC  B "C1'"  1 
ATOM   708 N  N1     . DC  B 1 11 ? -3.880  -11.414 10.919  1.00 26.16 ? 23  DC  B N1     1 
ATOM   709 C  C2     . DC  B 1 11 ? -5.059  -10.799 10.486  1.00 20.75 ? 23  DC  B C2     1 
ATOM   710 O  O2     . DC  B 1 11 ? -5.496  -9.832  11.124  1.00 25.25 ? 23  DC  B O2     1 
ATOM   711 N  N3     . DC  B 1 11 ? -5.681  -11.290 9.394   1.00 19.48 ? 23  DC  B N3     1 
ATOM   712 C  C4     . DC  B 1 11 ? -5.165  -12.330 8.739   1.00 33.88 ? 23  DC  B C4     1 
ATOM   713 N  N4     . DC  B 1 11 ? -5.827  -12.749 7.658   1.00 21.53 ? 23  DC  B N4     1 
ATOM   714 C  C5     . DC  B 1 11 ? -3.963  -12.983 9.168   1.00 30.38 ? 23  DC  B C5     1 
ATOM   715 C  C6     . DC  B 1 11 ? -3.351  -12.488 10.255  1.00 35.62 ? 23  DC  B C6     1 
ATOM   716 H  "H5'"  . DC  B 1 11 ? 0.560   -11.581 12.188  1.00 32.94 ? 23  DC  B "H5'"  1 
ATOM   717 H  "H5''" . DC  B 1 11 ? 0.556   -12.202 13.643  1.00 32.94 ? 23  DC  B "H5''" 1 
ATOM   718 H  "H4'"  . DC  B 1 11 ? -1.031  -10.533 13.652  1.00 28.20 ? 23  DC  B "H4'"  1 
ATOM   719 H  "H3'"  . DC  B 1 11 ? -2.275  -13.070 13.543  1.00 30.42 ? 23  DC  B "H3'"  1 
ATOM   720 H  "H2'"  . DC  B 1 11 ? -4.265  -12.178 13.256  1.00 39.20 ? 23  DC  B "H2'"  1 
ATOM   721 H  "H2''" . DC  B 1 11 ? -3.891  -10.852 14.052  1.00 39.20 ? 23  DC  B "H2''" 1 
ATOM   722 H  "H1'"  . DC  B 1 11 ? -3.419  -9.898  12.159  1.00 42.16 ? 23  DC  B "H1'"  1 
ATOM   723 H  H41    . DC  B 1 11 ? -5.530  -13.417 7.205   1.00 21.53 ? 23  DC  B H41    1 
ATOM   724 H  H42    . DC  B 1 11 ? -6.549  -12.351 7.415   1.00 21.53 ? 23  DC  B H42    1 
ATOM   725 H  H5     . DC  B 1 11 ? -3.611  -13.705 8.701   1.00 30.38 ? 23  DC  B H5     1 
ATOM   726 H  H6     . DC  B 1 11 ? -2.562  -12.875 10.558  1.00 35.62 ? 23  DC  B H6     1 
ATOM   727 P  P      . DG  B 1 12 ? -3.070  -13.153 16.136  1.00 37.09 ? 24  DG  B P      1 
ATOM   728 O  OP1    . DG  B 1 12 ? -2.444  -13.177 17.474  1.00 46.49 ? 24  DG  B OP1    1 
ATOM   729 O  OP2    . DG  B 1 12 ? -3.291  -14.421 15.401  1.00 35.76 ? 24  DG  B OP2    1 
ATOM   730 O  "O5'"  . DG  B 1 12 ? -4.511  -12.456 16.231  1.00 29.73 ? 24  DG  B "O5'"  1 
ATOM   731 C  "C5'"  . DG  B 1 12 ? -4.712  -11.160 16.810  1.00 29.02 ? 24  DG  B "C5'"  1 
ATOM   732 C  "C4'"  . DG  B 1 12 ? -6.142  -10.715 16.523  1.00 30.29 ? 24  DG  B "C4'"  1 
ATOM   733 O  "O4'"  . DG  B 1 12 ? -6.360  -10.468 15.111  1.00 26.61 ? 24  DG  B "O4'"  1 
ATOM   734 C  "C3'"  . DG  B 1 12 ? -7.183  -11.764 16.879  1.00 21.24 ? 24  DG  B "C3'"  1 
ATOM   735 O  "O3'"  . DG  B 1 12 ? -7.466  -11.693 18.288  1.00 29.15 ? 24  DG  B "O3'"  1 
ATOM   736 C  "C2'"  . DG  B 1 12 ? -8.374  -11.380 16.009  1.00 32.07 ? 24  DG  B "C2'"  1 
ATOM   737 C  "C1'"  . DG  B 1 12 ? -7.681  -10.877 14.746  1.00 37.19 ? 24  DG  B "C1'"  1 
ATOM   738 N  N9     . DG  B 1 12 ? -7.541  -11.836 13.642  1.00 25.54 ? 24  DG  B N9     1 
ATOM   739 C  C8     . DG  B 1 12 ? -6.624  -12.859 13.535  1.00 27.37 ? 24  DG  B C8     1 
ATOM   740 N  N7     . DG  B 1 12 ? -6.701  -13.531 12.416  1.00 26.04 ? 24  DG  B N7     1 
ATOM   741 C  C5     . DG  B 1 12 ? -7.754  -12.930 11.739  1.00 22.23 ? 24  DG  B C5     1 
ATOM   742 C  C6     . DG  B 1 12 ? -8.300  -13.219 10.467  1.00 26.95 ? 24  DG  B C6     1 
ATOM   743 O  O6     . DG  B 1 12 ? -7.961  -14.094 9.664   1.00 21.72 ? 24  DG  B O6     1 
ATOM   744 N  N1     . DG  B 1 12 ? -9.348  -12.361 10.146  1.00 17.77 ? 24  DG  B N1     1 
ATOM   745 C  C2     . DG  B 1 12 ? -9.800  -11.345 10.961  1.00 28.98 ? 24  DG  B C2     1 
ATOM   746 N  N2     . DG  B 1 12 ? -10.826 -10.633 10.493  1.00 23.14 ? 24  DG  B N2     1 
ATOM   747 N  N3     . DG  B 1 12 ? -9.290  -11.046 12.156  1.00 20.29 ? 24  DG  B N3     1 
ATOM   748 C  C4     . DG  B 1 12 ? -8.265  -11.874 12.476  1.00 19.99 ? 24  DG  B C4     1 
ATOM   749 H  "H5'"  . DG  B 1 12 ? -4.090  -10.528 16.418  1.00 29.02 ? 24  DG  B "H5'"  1 
ATOM   750 H  "H5''" . DG  B 1 12 ? -4.571  -11.206 17.768  1.00 29.02 ? 24  DG  B "H5''" 1 
ATOM   751 H  "H4'"  . DG  B 1 12 ? -6.328  -9.903  17.020  1.00 30.29 ? 24  DG  B "H4'"  1 
ATOM   752 H  "H3'"  . DG  B 1 12 ? -6.867  -12.648 16.643  1.00 21.24 ? 24  DG  B "H3'"  1 
ATOM   753 H  "HO3'" . DG  B 1 12 ? -8.247  -11.531 18.552  1.00 29.15 ? 24  DG  B "HO3'" 1 
ATOM   754 H  "H2'"  . DG  B 1 12 ? -8.926  -12.154 15.817  1.00 32.07 ? 24  DG  B "H2'"  1 
ATOM   755 H  "H2''" . DG  B 1 12 ? -8.892  -10.674 16.425  1.00 32.07 ? 24  DG  B "H2''" 1 
ATOM   756 H  "H1'"  . DG  B 1 12 ? -8.164  -10.102 14.421  1.00 37.19 ? 24  DG  B "H1'"  1 
ATOM   757 H  H8     . DG  B 1 12 ? -5.988  -13.038 14.189  1.00 27.37 ? 24  DG  B H8     1 
ATOM   758 H  H1     . DG  B 1 12 ? -9.746  -12.477 9.393   1.00 17.77 ? 24  DG  B H1     1 
ATOM   759 H  H21    . DG  B 1 12 ? -11.205 -10.045 10.993  1.00 23.14 ? 24  DG  B H21    1 
ATOM   760 H  H22    . DG  B 1 12 ? -11.109 -10.762 9.692   1.00 23.14 ? 24  DG  B H22    1 
HETATM 761 C  CAN    A 4L1 C 2 .  ? -0.602  5.065   -7.147  0.50 53.63 ? 101 4L1 A CAN    1 
HETATM 762 C  CAN    B 4L1 C 2 .  ? -0.745  5.105   -7.194  0.50 52.02 ? 101 4L1 A CAN    1 
HETATM 763 C  CAL    A 4L1 C 2 .  ? -1.013  6.521   -7.443  0.50 63.10 ? 101 4L1 A CAL    1 
HETATM 764 C  CAL    B 4L1 C 2 .  ? -1.159  6.542   -7.520  0.50 62.36 ? 101 4L1 A CAL    1 
HETATM 765 N  NBD    A 4L1 C 2 .  ? -0.296  7.089   -8.391  0.50 63.53 ? 101 4L1 A NBD    1 
HETATM 766 N  NBD    B 4L1 C 2 .  ? -0.355  7.112   -8.359  0.50 63.32 ? 101 4L1 A NBD    1 
HETATM 767 C  CAA    A 4L1 C 2 .  ? -0.713  8.346   -8.566  0.50 57.33 ? 101 4L1 A CAA    1 
HETATM 768 C  CAA    B 4L1 C 2 .  ? 0.835   7.464   -7.898  0.50 60.51 ? 101 4L1 A CAA    1 
HETATM 769 C  CAM    A 4L1 C 2 .  ? -0.410  6.431   -9.524  0.50 62.71 ? 101 4L1 A CAM    1 
HETATM 770 C  CAM    B 4L1 C 2 .  ? -0.378  6.554   -9.540  0.50 62.81 ? 101 4L1 A CAM    1 
HETATM 771 C  CAO    A 4L1 C 2 .  ? 0.253   5.057   -9.424  0.50 51.02 ? 101 4L1 A CAO    1 
HETATM 772 C  CAO    B 4L1 C 2 .  ? 0.184   5.124   -9.498  0.50 51.28 ? 101 4L1 A CAO    1 
HETATM 773 N  NBE    A 4L1 C 2 .  ? -0.402  4.324   -8.354  0.50 49.98 ? 101 4L1 A NBE    1 
HETATM 774 N  NBE    B 4L1 C 2 .  ? -0.435  4.388   -8.396  0.50 49.85 ? 101 4L1 A NBE    1 
HETATM 775 C  CAV    A 4L1 C 2 .  ? -0.037  2.930   -8.266  0.50 48.18 ? 101 4L1 A CAV    1 
HETATM 776 C  CAV    B 4L1 C 2 .  ? -0.069  2.992   -8.291  0.50 48.11 ? 101 4L1 A CAV    1 
HETATM 777 C  CAK    A 4L1 C 2 .  ? 0.372   2.448   -7.073  0.50 40.15 ? 101 4L1 A CAK    1 
HETATM 778 C  CAK    B 4L1 C 2 .  ? 0.347   2.521   -7.093  0.50 40.17 ? 101 4L1 A CAK    1 
HETATM 779 C  CAG    A 4L1 C 2 .  ? -0.098  2.218   -9.413  0.50 42.29 ? 101 4L1 A CAG    1 
HETATM 780 C  CAG    B 4L1 C 2 .  ? -0.130  2.269   -9.430  0.50 42.44 ? 101 4L1 A CAG    1 
HETATM 781 C  CAI    A 4L1 C 2 .  ? 0.265   0.881   -9.402  0.50 44.10 ? 101 4L1 A CAI    1 
HETATM 782 C  CAI    B 4L1 C 2 .  ? 0.235   0.931   -9.400  0.50 44.23 ? 101 4L1 A CAI    1 
HETATM 783 C  CBC    A 4L1 C 2 .  ? 0.687   0.307   -8.191  0.50 47.30 ? 101 4L1 A CBC    1 
HETATM 784 C  CBC    B 4L1 C 2 .  ? 0.663   0.366   -8.183  0.50 47.41 ? 101 4L1 A CBC    1 
HETATM 785 N  NAS    A 4L1 C 2 .  ? 1.094   -0.926  -7.858  0.50 44.44 ? 101 4L1 A NAS    1 
HETATM 786 N  NAS    B 4L1 C 2 .  ? 1.072   -0.867  -7.843  0.50 44.49 ? 101 4L1 A NAS    1 
HETATM 787 C  CBA    A 4L1 C 2 .  ? 0.743   1.103   -7.004  0.50 41.55 ? 101 4L1 A CBA    1 
HETATM 788 C  CBA    B 4L1 C 2 .  ? 0.723   1.172   -7.004  0.50 41.51 ? 101 4L1 A CBA    1 
HETATM 789 N  NAQ    A 4L1 C 2 .  ? 1.175   0.295   -6.017  0.50 37.73 ? 101 4L1 A NAQ    1 
HETATM 790 N  NAQ    B 4L1 C 2 .  ? 1.161   0.363   -6.016  0.50 37.99 ? 101 4L1 A NAQ    1 
HETATM 791 C  CAX    A 4L1 C 2 .  ? 1.355   -0.922  -6.556  0.50 41.80 ? 101 4L1 A CAX    1 
HETATM 792 C  CAX    B 4L1 C 2 .  ? 1.344   -0.866  -6.541  0.50 41.21 ? 101 4L1 A CAX    1 
HETATM 793 C  CAU    A 4L1 C 2 .  ? 1.897   -2.104  -5.801  0.50 34.69 ? 101 4L1 A CAU    1 
HETATM 794 C  CAU    B 4L1 C 2 .  ? 1.890   -2.060  -5.789  0.50 34.81 ? 101 4L1 A CAU    1 
HETATM 795 C  CAJ    A 4L1 C 2 .  ? 1.970   -2.047  -4.398  0.50 36.58 ? 101 4L1 A CAJ    1 
HETATM 796 C  CAJ    B 4L1 C 2 .  ? 1.970   -2.022  -4.383  0.50 36.56 ? 101 4L1 A CAJ    1 
HETATM 797 C  CAF    A 4L1 C 2 .  ? 2.422   -3.220  -6.558  0.50 45.32 ? 101 4L1 A CAF    1 
HETATM 798 C  CAF    B 4L1 C 2 .  ? 2.410   -3.182  -6.547  0.50 45.32 ? 101 4L1 A CAF    1 
HETATM 799 C  CAH    A 4L1 C 2 .  ? 2.985   -4.330  -5.866  0.50 42.47 ? 101 4L1 A CAH    1 
HETATM 800 C  CAH    B 4L1 C 2 .  ? 2.972   -4.302  -5.863  0.50 42.50 ? 101 4L1 A CAH    1 
HETATM 801 C  CBB    A 4L1 C 2 .  ? 3.051   -4.328  -4.502  0.50 34.01 ? 101 4L1 A CBB    1 
HETATM 802 C  CBB    B 4L1 C 2 .  ? 3.044   -4.312  -4.499  0.50 33.92 ? 101 4L1 A CBB    1 
HETATM 803 N  NAT    A 4L1 C 2 .  ? 3.510   -5.190  -3.566  0.50 34.56 ? 101 4L1 A NAT    1 
HETATM 804 N  NAT    B 4L1 C 2 .  ? 3.503   -5.183  -3.570  0.50 35.02 ? 101 4L1 A NAT    1 
HETATM 805 C  CAZ    A 4L1 C 2 .  ? 2.509   -3.112  -3.734  0.50 36.23 ? 101 4L1 A CAZ    1 
HETATM 806 C  CAZ    B 4L1 C 2 .  ? 2.509   -3.097  -3.726  0.50 36.44 ? 101 4L1 A CAZ    1 
HETATM 807 N  NAR    A 4L1 C 2 .  ? 2.743   -3.470  -2.465  0.50 37.57 ? 101 4L1 A NAR    1 
HETATM 808 N  NAR    B 4L1 C 2 .  ? 2.745   -3.466  -2.461  0.50 37.52 ? 101 4L1 A NAR    1 
HETATM 809 C  CAY    A 4L1 C 2 .  ? 3.320   -4.662  -2.349  0.50 40.39 ? 101 4L1 A CAY    1 
HETATM 810 C  CAY    B 4L1 C 2 .  ? 3.318   -4.661  -2.350  0.50 40.40 ? 101 4L1 A CAY    1 
HETATM 811 C  CAW    A 4L1 C 2 .  ? 3.701   -5.321  -1.029  0.50 33.13 ? 101 4L1 A CAW    1 
HETATM 812 C  CAW    B 4L1 C 2 .  ? 3.699   -5.324  -1.031  0.50 32.96 ? 101 4L1 A CAW    1 
HETATM 813 N  NAP    A 4L1 C 2 .  ? 3.334   -4.799  0.263   0.50 37.22 ? 101 4L1 A NAP    1 
HETATM 814 N  NAP    B 4L1 C 2 .  ? 3.334   -4.802  0.260   0.50 37.31 ? 101 4L1 A NAP    1 
HETATM 815 C  CAD    A 4L1 C 2 .  ? 3.667   -5.399  1.367   0.50 43.99 ? 101 4L1 A CAD    1 
HETATM 816 C  CAD    B 4L1 C 2 .  ? 3.667   -5.400  1.365   0.50 44.02 ? 101 4L1 A CAD    1 
HETATM 817 C  CAB    A 4L1 C 2 .  ? 4.333   -6.448  1.413   0.50 44.74 ? 101 4L1 A CAB    1 
HETATM 818 C  CAB    B 4L1 C 2 .  ? 4.333   -6.449  1.412   0.50 44.75 ? 101 4L1 A CAB    1 
HETATM 819 C  CAC    A 4L1 C 2 .  ? 4.757   -7.064  0.384   0.50 42.17 ? 101 4L1 A CAC    1 
HETATM 820 C  CAC    B 4L1 C 2 .  ? 4.758   -7.065  0.383   0.50 42.22 ? 101 4L1 A CAC    1 
HETATM 821 C  CAE    A 4L1 C 2 .  ? 4.517   -6.617  -0.949  0.50 34.32 ? 101 4L1 A CAE    1 
HETATM 822 C  CAE    B 4L1 C 2 .  ? 4.518   -6.620  -0.951  0.50 34.31 ? 101 4L1 A CAE    1 
HETATM 823 H  HAN2   A 4L1 C 2 .  ? -1.312  4.633   -6.616  0.50 53.63 ? 101 4L1 A HAN2   1 
HETATM 824 H  HAN2   B 4L1 C 2 .  ? -1.489  4.651   -6.731  0.50 52.02 ? 101 4L1 A HAN2   1 
HETATM 825 H  HAN1   A 4L1 C 2 .  ? 0.231   5.077   -6.626  0.50 53.63 ? 101 4L1 A HAN1   1 
HETATM 826 H  HAN1   B 4L1 C 2 .  ? 0.039   5.124   -6.603  0.50 52.02 ? 101 4L1 A HAN1   1 
HETATM 827 H  HAL2   A 4L1 C 2 .  ? -0.927  7.007   -6.590  0.50 63.10 ? 101 4L1 A HAL2   1 
HETATM 828 H  HAL2   B 4L1 C 2 .  ? -1.250  7.055   -6.681  0.50 62.36 ? 101 4L1 A HAL2   1 
HETATM 829 H  HAL1   A 4L1 C 2 .  ? -1.958  6.531   -7.697  0.50 63.10 ? 101 4L1 A HAL1   1 
HETATM 830 H  HAL1   B 4L1 C 2 .  ? -2.058  6.516   -7.903  0.50 62.36 ? 101 4L1 A HAL1   1 
HETATM 831 H  HAA2   A 4L1 C 2 .  ? -0.258  8.420   -7.652  0.50 57.33 ? 101 4L1 A HAA2   1 
HETATM 832 H  HAA2   B 4L1 C 2 .  ? 0.543   7.231   -6.972  0.50 60.51 ? 101 4L1 A HAA2   1 
HETATM 833 H  HAA3   A 4L1 C 2 .  ? -0.375  8.283   -9.522  0.50 57.33 ? 101 4L1 A HAA3   1 
HETATM 834 H  HAA3   B 4L1 C 2 .  ? 1.396   6.614   -7.584  0.50 60.51 ? 101 4L1 A HAA3   1 
HETATM 835 H  HAA1   A 4L1 C 2 .  ? 0.003   9.103   -8.651  0.50 57.33 ? 101 4L1 A HAA1   1 
HETATM 836 H  HAA1   B 4L1 C 2 .  ? 0.764   8.369   -7.336  0.50 60.51 ? 101 4L1 A HAA1   1 
HETATM 837 H  HAM2   A 4L1 C 2 .  ? -1.369  6.273   -9.669  0.50 62.71 ? 101 4L1 A HAM2   1 
HETATM 838 H  HAM2   B 4L1 C 2 .  ? -1.327  6.423   -9.754  0.50 62.81 ? 101 4L1 A HAM2   1 
HETATM 839 H  HAM1   A 4L1 C 2 .  ? 0.142   6.810   -10.248 0.50 62.71 ? 101 4L1 A HAM1   1 
HETATM 840 H  HAM1   B 4L1 C 2 .  ? 0.168   7.061   -10.177 0.50 62.81 ? 101 4L1 A HAM1   1 
HETATM 841 H  HAO2   A 4L1 C 2 .  ? 1.177   5.202   -9.139  0.50 51.02 ? 101 4L1 A HAO2   1 
HETATM 842 H  HAO2   B 4L1 C 2 .  ? 1.139   5.186   -9.297  0.50 51.28 ? 101 4L1 A HAO2   1 
HETATM 843 H  HAO1   A 4L1 C 2 .  ? 0.045   4.608   -10.276 0.50 51.02 ? 101 4L1 A HAO1   1 
HETATM 844 H  HAO1   B 4L1 C 2 .  ? -0.131  4.705   -10.334 0.50 51.28 ? 101 4L1 A HAO1   1 
HETATM 845 H  HAK1   A 4L1 C 2 .  ? 0.400   3.016   -6.271  0.50 40.15 ? 101 4L1 A HAK1   1 
HETATM 846 H  HAK1   B 4L1 C 2 .  ? 0.377   3.099   -6.299  0.50 40.17 ? 101 4L1 A HAK1   1 
HETATM 847 H  HAG1   A 4L1 C 2 .  ? -0.395  2.635   -10.236 0.50 42.29 ? 101 4L1 A HAG1   1 
HETATM 848 H  HAG1   B 4L1 C 2 .  ? -0.430  2.675   -10.257 0.50 42.44 ? 101 4L1 A HAG1   1 
HETATM 849 H  HAI1   A 4L1 C 2 .  ? 0.220   0.347   -10.216 0.50 44.10 ? 101 4L1 A HAI1   1 
HETATM 850 H  HAI1   B 4L1 C 2 .  ? 0.188   0.388   -10.209 0.50 44.23 ? 101 4L1 A HAI1   1 
HETATM 851 H  HAJ1   A 4L1 C 2 .  ? 1.630   -1.276  -3.911  0.50 36.58 ? 101 4L1 A HAJ1   1 
HETATM 852 H  HAJ1   B 4L1 C 2 .  ? 1.636   -1.253  -3.887  0.50 36.56 ? 101 4L1 A HAJ1   1 
HETATM 853 H  HAF1   A 4L1 C 2 .  ? 2.373   -3.221  -7.538  0.50 45.32 ? 101 4L1 A HAF1   1 
HETATM 854 H  HAF1   B 4L1 C 2 .  ? 2.358   -3.180  -7.528  0.50 45.32 ? 101 4L1 A HAF1   1 
HETATM 855 H  HAH1   A 4L1 C 2 .  ? 3.321   -5.094  -6.367  0.50 42.47 ? 101 4L1 A HAH1   1 
HETATM 856 H  HAH1   B 4L1 C 2 .  ? 3.303   -5.064  -6.371  0.50 42.50 ? 101 4L1 A HAH1   1 
HETATM 857 H  HAD1   A 4L1 C 2 .  ? 3.385   -4.989  2.221   0.50 43.99 ? 101 4L1 A HAD1   1 
HETATM 858 H  HAD1   B 4L1 C 2 .  ? 3.385   -4.990  2.218   0.50 44.02 ? 101 4L1 A HAD1   1 
HETATM 859 H  HAB1   A 4L1 C 2 .  ? 4.545   -6.826  2.302   0.50 44.74 ? 101 4L1 A HAB1   1 
HETATM 860 H  HAB1   B 4L1 C 2 .  ? 4.545   -6.826  2.301   0.50 44.75 ? 101 4L1 A HAB1   1 
HETATM 861 H  HAC1   A 4L1 C 2 .  ? 5.274   -7.887  0.514   0.50 42.17 ? 101 4L1 A HAC1   1 
HETATM 862 H  HAC1   B 4L1 C 2 .  ? 5.275   -7.889  0.514   0.50 42.22 ? 101 4L1 A HAC1   1 
HETATM 863 H  HAE1   A 4L1 C 2 .  ? 4.839   -7.089  -1.731  0.50 34.32 ? 101 4L1 A HAE1   1 
HETATM 864 H  HAE1   B 4L1 C 2 .  ? 4.841   -7.091  -1.732  0.50 34.31 ? 101 4L1 A HAE1   1 
HETATM 865 MG MG     . MG  D 3 .  ? -8.556  -11.399 2.290   1.00 27.23 ? 102 MG  A MG     1 
HETATM 866 O  O      A HOH E 4 .  ? 1.487   7.807   -8.681  0.50 37.48 ? 201 HOH A O      1 
HETATM 867 O  O      . HOH E 4 .  ? -0.501  5.695   -14.208 1.00 53.76 ? 202 HOH A O      1 
HETATM 868 O  O      . HOH E 4 .  ? 9.379   0.674   -6.981  1.00 46.66 ? 203 HOH A O      1 
HETATM 869 O  O      . HOH E 4 .  ? -6.958  -1.774  4.503   1.00 37.71 ? 204 HOH A O      1 
HETATM 870 O  O      . HOH E 4 .  ? -1.600  2.160   9.269   1.00 46.35 ? 205 HOH A O      1 
HETATM 871 O  O      B HOH E 4 .  ? -1.702  9.082   -8.597  0.50 44.56 ? 206 HOH A O      1 
HETATM 872 O  O      . HOH E 4 .  ? -13.432 -7.404  3.279   1.00 33.97 ? 207 HOH A O      1 
HETATM 873 O  O      . HOH E 4 .  ? 2.001   4.184   3.726   1.00 44.50 ? 208 HOH A O      1 
HETATM 874 O  O      . HOH E 4 .  ? -19.370 -9.335  6.369   1.00 43.57 ? 209 HOH A O      1 
HETATM 875 O  O      . HOH E 4 .  ? -3.886  0.983   5.321   1.00 41.87 ? 210 HOH A O      1 
HETATM 876 O  O      . HOH E 4 .  ? -17.107 -3.100  8.683   1.00 37.67 ? 211 HOH A O      1 
HETATM 877 O  O      . HOH E 4 .  ? -7.855  -12.011 4.135   1.00 20.66 ? 212 HOH A O      1 
HETATM 878 O  O      . HOH E 4 .  ? 0.498   2.468   5.809   1.00 37.34 ? 213 HOH A O      1 
HETATM 879 O  O      . HOH E 4 .  ? -10.125 -10.281 3.133   1.00 27.30 ? 214 HOH A O      1 
HETATM 880 O  O      . HOH E 4 .  ? 4.425   12.699  -14.741 1.00 46.75 ? 215 HOH A O      1 
HETATM 881 O  O      . HOH E 4 .  ? 8.369   -0.898  8.096   1.00 25.00 ? 216 HOH A O      1 
HETATM 882 O  O      . HOH E 4 .  ? 4.235   1.271   7.860   1.00 38.02 ? 217 HOH A O      1 
HETATM 883 O  O      . HOH E 4 .  ? 8.576   4.922   -2.004  1.00 30.24 ? 218 HOH A O      1 
HETATM 884 O  O      . HOH E 4 .  ? 10.451  -4.686  7.665   1.00 33.83 ? 219 HOH A O      1 
HETATM 885 O  O      . HOH E 4 .  ? -1.559  -5.060  10.227  1.00 39.52 ? 220 HOH A O      1 
HETATM 886 O  O      . HOH E 4 .  ? 0.912   -2.749  -10.033 1.00 44.36 ? 221 HOH A O      1 
HETATM 887 O  O      . HOH E 4 .  ? -9.662  -6.726  2.168   1.00 41.62 ? 222 HOH A O      1 
HETATM 888 O  O      . HOH E 4 .  ? 5.619   5.062   1.704   1.00 34.60 ? 223 HOH A O      1 
HETATM 889 O  O      . HOH E 4 .  ? 8.026   0.209   3.857   1.00 29.03 ? 224 HOH A O      1 
HETATM 890 O  O      . HOH E 4 .  ? 8.795   8.441   -12.057 1.00 41.53 ? 225 HOH A O      1 
HETATM 891 O  O      . HOH E 4 .  ? -6.527  1.951   6.137   1.00 54.13 ? 226 HOH A O      1 
HETATM 892 O  O      . HOH E 4 .  ? -11.087 -3.009  4.556   1.00 56.40 ? 227 HOH A O      1 
HETATM 893 O  O      . HOH E 4 .  ? 8.088   -2.861  10.200  1.00 30.77 ? 228 HOH A O      1 
HETATM 894 O  O      . HOH E 4 .  ? 7.489   0.015   10.847  1.00 27.91 ? 229 HOH A O      1 
HETATM 895 O  O      . HOH E 4 .  ? -7.150  -14.707 4.233   1.00 42.52 ? 230 HOH A O      1 
HETATM 896 O  O      . HOH E 4 .  ? 6.993   -4.282  13.981  1.00 48.50 ? 231 HOH A O      1 
HETATM 897 O  O      . HOH E 4 .  ? 7.205   1.501   7.205   1.00 28.68 ? 232 HOH A O      1 
HETATM 898 O  O      . HOH E 4 .  ? -14.645 -16.531 4.691   1.00 34.69 ? 233 HOH A O      1 
HETATM 899 O  O      . HOH E 4 .  ? 1.746   -6.245  9.446   1.00 62.92 ? 234 HOH A O      1 
HETATM 900 O  O      . HOH E 4 .  ? -10.452 -17.386 3.852   1.00 54.16 ? 235 HOH A O      1 
HETATM 901 O  O      . HOH F 4 .  ? -5.238  -5.939  -5.204  1.00 45.87 ? 101 HOH B O      1 
HETATM 902 O  O      . HOH F 4 .  ? -0.226  -14.170 4.092   1.00 49.99 ? 102 HOH B O      1 
HETATM 903 O  O      . HOH F 4 .  ? 7.360   17.460  1.948   1.00 44.56 ? 103 HOH B O      1 
HETATM 904 O  O      . HOH F 4 .  ? -6.470  -16.195 9.805   1.00 48.13 ? 104 HOH B O      1 
HETATM 905 O  O      . HOH F 4 .  ? -2.547  -15.870 10.516  1.00 52.33 ? 105 HOH B O      1 
HETATM 906 O  O      . HOH F 4 .  ? -7.208  -9.729  2.412   1.00 29.14 ? 106 HOH B O      1 
HETATM 907 O  O      . HOH F 4 .  ? 4.097   7.489   1.662   1.00 35.50 ? 107 HOH B O      1 
HETATM 908 O  O      . HOH F 4 .  ? -2.565  -11.974 19.884  1.00 50.89 ? 108 HOH B O      1 
HETATM 909 O  O      . HOH F 4 .  ? -4.263  -12.403 2.414   1.00 28.58 ? 109 HOH B O      1 
HETATM 910 O  O      . HOH F 4 .  ? -4.119  3.817   0.635   1.00 34.96 ? 110 HOH B O      1 
HETATM 911 O  O      . HOH F 4 .  ? -4.749  -15.552 12.608  1.00 43.88 ? 111 HOH B O      1 
HETATM 912 O  O      . HOH F 4 .  ? -6.625  -7.303  1.095   1.00 29.44 ? 112 HOH B O      1 
HETATM 913 O  O      . HOH F 4 .  ? 9.692   7.776   -1.116  1.00 56.57 ? 113 HOH B O      1 
HETATM 914 O  O      . HOH F 4 .  ? 6.729   10.260  1.961   1.00 33.26 ? 114 HOH B O      1 
HETATM 915 O  O      . HOH F 4 .  ? -1.930  4.480   2.320   1.00 46.77 ? 115 HOH B O      1 
HETATM 916 O  O      . HOH F 4 .  ? 0.465   6.063   2.053   1.00 46.72 ? 116 HOH B O      1 
HETATM 917 O  O      . HOH F 4 .  ? -5.190  0.875   2.312   1.00 50.47 ? 117 HOH B O      1 
HETATM 918 O  O      . HOH F 4 .  ? -3.539  -8.301  -2.715  1.00 36.28 ? 118 HOH B O      1 
HETATM 919 O  O      . HOH F 4 .  ? 10.777  8.286   -4.996  1.00 40.13 ? 119 HOH B O      1 
HETATM 920 O  O      . HOH F 4 .  ? -2.294  -10.767 -2.703  1.00 47.97 ? 120 HOH B O      1 
HETATM 921 O  O      . HOH F 4 .  ? -4.521  -15.005 6.024   1.00 29.96 ? 121 HOH B O      1 
HETATM 922 O  O      . HOH F 4 .  ? 0.940   -7.876  8.074   1.00 58.99 ? 122 HOH B O      1 
HETATM 923 O  O      . HOH F 4 .  ? 10.405  8.308   -8.249  1.00 43.77 ? 123 HOH B O      1 
HETATM 924 O  O      . HOH F 4 .  ? 0.265   -14.405 -2.643  1.00 54.48 ? 124 HOH B O      1 
HETATM 925 O  O      . HOH F 4 .  ? 2.309   -6.132  4.309   1.00 30.00 ? 125 HOH B O      1 
HETATM 926 O  O      . HOH F 4 .  ? -0.265  -14.471 1.800   1.00 49.60 ? 126 HOH B O      1 
HETATM 927 O  O      . HOH F 4 .  ? -4.977  -8.257  -8.033  1.00 56.84 ? 127 HOH B O      1 
HETATM 928 O  O      . HOH F 4 .  ? 11.796  7.788   -2.361  1.00 69.68 ? 128 HOH B O      1 
HETATM 929 O  O      . HOH F 4 .  ? 8.372   6.398   0.215   1.00 43.55 ? 129 HOH B O      1 
HETATM 930 O  O      . HOH F 4 .  ? 3.167   -7.789  -7.301  1.00 46.00 ? 130 HOH B O      1 
HETATM 931 O  O      . HOH F 4 .  ? 8.781   16.492  6.918   1.00 40.73 ? 131 HOH B O      1 
HETATM 932 O  O      . HOH F 4 .  ? -7.673  -6.328  -2.945  1.00 46.77 ? 132 HOH B O      1 
# 
